data_3GCI
# 
_entry.id   3GCI 
# 
_audit_conform.dict_name       mmcif_pdbx.dic 
_audit_conform.dict_version    5.398 
_audit_conform.dict_location   http://mmcif.pdb.org/dictionaries/ascii/mmcif_pdbx.dic 
# 
loop_
_database_2.database_id 
_database_2.database_code 
_database_2.pdbx_database_accession 
_database_2.pdbx_DOI 
PDB   3GCI         pdb_00003gci 10.2210/pdb3gci/pdb 
RCSB  RCSB051690   ?            ?                   
WWPDB D_1000051690 ?            ?                   
# 
loop_
_pdbx_audit_revision_history.ordinal 
_pdbx_audit_revision_history.data_content_type 
_pdbx_audit_revision_history.major_revision 
_pdbx_audit_revision_history.minor_revision 
_pdbx_audit_revision_history.revision_date 
1 'Structure model' 1 0 2009-03-10 
2 'Structure model' 1 1 2011-07-13 
3 'Structure model' 1 2 2014-02-12 
4 'Structure model' 1 3 2023-11-01 
5 'Structure model' 1 4 2024-11-06 
# 
_pdbx_audit_revision_details.ordinal             1 
_pdbx_audit_revision_details.revision_ordinal    1 
_pdbx_audit_revision_details.data_content_type   'Structure model' 
_pdbx_audit_revision_details.provider            repository 
_pdbx_audit_revision_details.type                'Initial release' 
_pdbx_audit_revision_details.description         ? 
_pdbx_audit_revision_details.details             ? 
# 
loop_
_pdbx_audit_revision_group.ordinal 
_pdbx_audit_revision_group.revision_ordinal 
_pdbx_audit_revision_group.data_content_type 
_pdbx_audit_revision_group.group 
1 2 'Structure model' 'Version format compliance' 
2 3 'Structure model' 'Derived calculations'      
3 4 'Structure model' 'Data collection'           
4 4 'Structure model' 'Database references'       
5 4 'Structure model' 'Derived calculations'      
6 4 'Structure model' 'Refinement description'    
7 5 'Structure model' 'Structure summary'         
# 
loop_
_pdbx_audit_revision_category.ordinal 
_pdbx_audit_revision_category.revision_ordinal 
_pdbx_audit_revision_category.data_content_type 
_pdbx_audit_revision_category.category 
1 4 'Structure model' chem_comp_atom                
2 4 'Structure model' chem_comp_bond                
3 4 'Structure model' database_2                    
4 4 'Structure model' pdbx_initial_refinement_model 
5 4 'Structure model' pdbx_struct_conn_angle        
6 4 'Structure model' struct_conn                   
7 4 'Structure model' struct_site                   
8 5 'Structure model' pdbx_entry_details            
9 5 'Structure model' pdbx_modification_feature     
# 
loop_
_pdbx_audit_revision_item.ordinal 
_pdbx_audit_revision_item.revision_ordinal 
_pdbx_audit_revision_item.data_content_type 
_pdbx_audit_revision_item.item 
1  4 'Structure model' '_database_2.pdbx_DOI'                         
2  4 'Structure model' '_database_2.pdbx_database_accession'          
3  4 'Structure model' '_pdbx_struct_conn_angle.ptnr1_auth_asym_id'   
4  4 'Structure model' '_pdbx_struct_conn_angle.ptnr1_auth_comp_id'   
5  4 'Structure model' '_pdbx_struct_conn_angle.ptnr1_auth_seq_id'    
6  4 'Structure model' '_pdbx_struct_conn_angle.ptnr1_label_asym_id'  
7  4 'Structure model' '_pdbx_struct_conn_angle.ptnr1_label_atom_id'  
8  4 'Structure model' '_pdbx_struct_conn_angle.ptnr1_label_comp_id'  
9  4 'Structure model' '_pdbx_struct_conn_angle.ptnr1_label_seq_id'   
10 4 'Structure model' '_pdbx_struct_conn_angle.ptnr3_auth_asym_id'   
11 4 'Structure model' '_pdbx_struct_conn_angle.ptnr3_auth_comp_id'   
12 4 'Structure model' '_pdbx_struct_conn_angle.ptnr3_auth_seq_id'    
13 4 'Structure model' '_pdbx_struct_conn_angle.ptnr3_label_asym_id'  
14 4 'Structure model' '_pdbx_struct_conn_angle.ptnr3_label_atom_id'  
15 4 'Structure model' '_pdbx_struct_conn_angle.ptnr3_label_comp_id'  
16 4 'Structure model' '_pdbx_struct_conn_angle.ptnr3_label_seq_id'   
17 4 'Structure model' '_pdbx_struct_conn_angle.value'                
18 4 'Structure model' '_struct_conn.pdbx_dist_value'                 
19 4 'Structure model' '_struct_conn.ptnr1_auth_asym_id'              
20 4 'Structure model' '_struct_conn.ptnr1_auth_comp_id'              
21 4 'Structure model' '_struct_conn.ptnr1_auth_seq_id'               
22 4 'Structure model' '_struct_conn.ptnr1_label_asym_id'             
23 4 'Structure model' '_struct_conn.ptnr1_label_atom_id'             
24 4 'Structure model' '_struct_conn.ptnr1_label_comp_id'             
25 4 'Structure model' '_struct_conn.ptnr1_label_seq_id'              
26 4 'Structure model' '_struct_conn.ptnr2_auth_asym_id'              
27 4 'Structure model' '_struct_conn.ptnr2_auth_comp_id'              
28 4 'Structure model' '_struct_conn.ptnr2_auth_seq_id'               
29 4 'Structure model' '_struct_conn.ptnr2_label_asym_id'             
30 4 'Structure model' '_struct_conn.ptnr2_label_atom_id'             
31 4 'Structure model' '_struct_conn.ptnr2_label_comp_id'             
32 4 'Structure model' '_struct_conn.ptnr2_label_seq_id'              
33 4 'Structure model' '_struct_site.pdbx_auth_asym_id'               
34 4 'Structure model' '_struct_site.pdbx_auth_comp_id'               
35 4 'Structure model' '_struct_site.pdbx_auth_seq_id'                
36 5 'Structure model' '_pdbx_entry_details.has_protein_modification' 
# 
_pdbx_database_status.status_code                     REL 
_pdbx_database_status.entry_id                        3GCI 
_pdbx_database_status.recvd_initial_deposition_date   2009-02-22 
_pdbx_database_status.deposit_site                    RCSB 
_pdbx_database_status.process_site                    PDBJ 
_pdbx_database_status.status_code_sf                  REL 
_pdbx_database_status.status_code_mr                  ? 
_pdbx_database_status.SG_entry                        ? 
_pdbx_database_status.status_code_cs                  ? 
_pdbx_database_status.pdb_format_compatible           Y 
_pdbx_database_status.status_code_nmr_data            ? 
_pdbx_database_status.methods_development_category    ? 
# 
_pdbx_database_related.db_name        PDB 
_pdbx_database_related.db_id          1MF4 
_pdbx_database_related.details        'the same protein in complex with another peptide at 1.9A' 
_pdbx_database_related.content_type   unspecified 
# 
loop_
_audit_author.name 
_audit_author.pdbx_ordinal 
'Mirza, Z.'      1 
'Vikram, G.'     2 
'Singh, N.'      3 
'Sinha, M.'      4 
'Bhushan, A.'    5 
'Sharma, S.'     6 
'Srinivasan, A.' 7 
'Kaur, P.'       8 
'Singh, T.P.'    9 
# 
_citation.id                        primary 
_citation.title                     
;Crystal Structure of the Complex Formed Between a New Isoform of Phospholipase A2 with C-terminal Amyloid Beta Heptapeptide at 2 A Resolution
;
_citation.journal_abbrev            'To be Published' 
_citation.journal_volume            ? 
_citation.page_first                ? 
_citation.page_last                 ? 
_citation.year                      ? 
_citation.journal_id_ASTM           ? 
_citation.country                   ? 
_citation.journal_id_ISSN           ? 
_citation.journal_id_CSD            0353 
_citation.book_publisher            ? 
_citation.pdbx_database_id_PubMed   ? 
_citation.pdbx_database_id_DOI      ? 
# 
loop_
_citation_author.citation_id 
_citation_author.name 
_citation_author.ordinal 
_citation_author.identifier_ORCID 
primary 'Mirza, Z.'      1 ? 
primary 'Vikram, G.'     2 ? 
primary 'Singh, N.'      3 ? 
primary 'Sinha, M.'      4 ? 
primary 'Bhushan, A.'    5 ? 
primary 'Sharma, S.'     6 ? 
primary 'Srinivasan, A.' 7 ? 
primary 'Kaur, P.'       8 ? 
primary 'Singh, T.P.'    9 ? 
# 
loop_
_entity.id 
_entity.type 
_entity.src_method 
_entity.pdbx_description 
_entity.formula_weight 
_entity.pdbx_number_of_molecules 
_entity.pdbx_ec 
_entity.pdbx_mutation 
_entity.pdbx_fragment 
_entity.details 
1 polymer     nat 'Phospholipase A2 isoform 3'                13094.520 1  3.1.1.4 ? ?                      ? 
2 polymer     syn 'Heptapeptide from Amyloid beta A4 protein' 613.747   1  ?       ? 'UNP residues 707-713' ? 
3 non-polymer syn 'CALCIUM ION'                               40.078    1  ?       ? ?                      ? 
4 water       nat water                                       18.015    93 ?       ? ?                      ? 
# 
_entity_name_com.entity_id   1 
_entity_name_com.name        'Phosphatidylcholine 2-acylhydrolase' 
# 
loop_
_entity_poly.entity_id 
_entity_poly.type 
_entity_poly.nstd_linkage 
_entity_poly.nstd_monomer 
_entity_poly.pdbx_seq_one_letter_code 
_entity_poly.pdbx_seq_one_letter_code_can 
_entity_poly.pdbx_strand_id 
_entity_poly.pdbx_target_identifier 
1 'polypeptide(L)' no no 
;NLYQFKNMIQCTVPSRSWADFADYGCYCGKGGSGTPVDDLDRCCQTHDNCYNEAENISGCRPKFKTYSYECTQGTLTCKG
DNNACAASVCDCDRLAAICFAGAPYNDANYNIDLKARCN
;
;NLYQFKNMIQCTVPSRSWADFADYGCYCGKGGSGTPVDDLDRCCQTHDNCYNEAENISGCRPKFKTYSYECTQGTLTCKG
DNNACAASVCDCDRLAAICFAGAPYNDANYNIDLKARCN
;
A ? 
2 'polypeptide(L)' no no VGGVVIA VGGVVIA P ? 
# 
loop_
_pdbx_entity_nonpoly.entity_id 
_pdbx_entity_nonpoly.name 
_pdbx_entity_nonpoly.comp_id 
3 'CALCIUM ION' CA  
4 water         HOH 
# 
loop_
_entity_poly_seq.entity_id 
_entity_poly_seq.num 
_entity_poly_seq.mon_id 
_entity_poly_seq.hetero 
1 1   ASN n 
1 2   LEU n 
1 3   TYR n 
1 4   GLN n 
1 5   PHE n 
1 6   LYS n 
1 7   ASN n 
1 8   MET n 
1 9   ILE n 
1 10  GLN n 
1 11  CYS n 
1 12  THR n 
1 13  VAL n 
1 14  PRO n 
1 15  SER n 
1 16  ARG n 
1 17  SER n 
1 18  TRP n 
1 19  ALA n 
1 20  ASP n 
1 21  PHE n 
1 22  ALA n 
1 23  ASP n 
1 24  TYR n 
1 25  GLY n 
1 26  CYS n 
1 27  TYR n 
1 28  CYS n 
1 29  GLY n 
1 30  LYS n 
1 31  GLY n 
1 32  GLY n 
1 33  SER n 
1 34  GLY n 
1 35  THR n 
1 36  PRO n 
1 37  VAL n 
1 38  ASP n 
1 39  ASP n 
1 40  LEU n 
1 41  ASP n 
1 42  ARG n 
1 43  CYS n 
1 44  CYS n 
1 45  GLN n 
1 46  THR n 
1 47  HIS n 
1 48  ASP n 
1 49  ASN n 
1 50  CYS n 
1 51  TYR n 
1 52  ASN n 
1 53  GLU n 
1 54  ALA n 
1 55  GLU n 
1 56  ASN n 
1 57  ILE n 
1 58  SER n 
1 59  GLY n 
1 60  CYS n 
1 61  ARG n 
1 62  PRO n 
1 63  LYS n 
1 64  PHE n 
1 65  LYS n 
1 66  THR n 
1 67  TYR n 
1 68  SER n 
1 69  TYR n 
1 70  GLU n 
1 71  CYS n 
1 72  THR n 
1 73  GLN n 
1 74  GLY n 
1 75  THR n 
1 76  LEU n 
1 77  THR n 
1 78  CYS n 
1 79  LYS n 
1 80  GLY n 
1 81  ASP n 
1 82  ASN n 
1 83  ASN n 
1 84  ALA n 
1 85  CYS n 
1 86  ALA n 
1 87  ALA n 
1 88  SER n 
1 89  VAL n 
1 90  CYS n 
1 91  ASP n 
1 92  CYS n 
1 93  ASP n 
1 94  ARG n 
1 95  LEU n 
1 96  ALA n 
1 97  ALA n 
1 98  ILE n 
1 99  CYS n 
1 100 PHE n 
1 101 ALA n 
1 102 GLY n 
1 103 ALA n 
1 104 PRO n 
1 105 TYR n 
1 106 ASN n 
1 107 ASP n 
1 108 ALA n 
1 109 ASN n 
1 110 TYR n 
1 111 ASN n 
1 112 ILE n 
1 113 ASP n 
1 114 LEU n 
1 115 LYS n 
1 116 ALA n 
1 117 ARG n 
1 118 CYS n 
1 119 ASN n 
2 1   VAL n 
2 2   GLY n 
2 3   GLY n 
2 4   VAL n 
2 5   VAL n 
2 6   ILE n 
2 7   ALA n 
# 
_entity_src_nat.entity_id                  1 
_entity_src_nat.pdbx_src_id                1 
_entity_src_nat.pdbx_alt_source_flag       sample 
_entity_src_nat.pdbx_beg_seq_num           ? 
_entity_src_nat.pdbx_end_seq_num           ? 
_entity_src_nat.common_name                'Andaman cobra' 
_entity_src_nat.pdbx_organism_scientific   'Naja sagittifera' 
_entity_src_nat.pdbx_ncbi_taxonomy_id      195058 
_entity_src_nat.genus                      ? 
_entity_src_nat.species                    ? 
_entity_src_nat.strain                     ? 
_entity_src_nat.tissue                     ? 
_entity_src_nat.tissue_fraction            ? 
_entity_src_nat.pdbx_secretion             ? 
_entity_src_nat.pdbx_fragment              ? 
_entity_src_nat.pdbx_variant               ? 
_entity_src_nat.pdbx_cell_line             ? 
_entity_src_nat.pdbx_atcc                  ? 
_entity_src_nat.pdbx_cellular_location     ? 
_entity_src_nat.pdbx_organ                 ? 
_entity_src_nat.pdbx_organelle             ? 
_entity_src_nat.pdbx_cell                  ? 
_entity_src_nat.pdbx_plasmid_name          ? 
_entity_src_nat.pdbx_plasmid_details       ? 
_entity_src_nat.details                    ? 
# 
_pdbx_entity_src_syn.entity_id              2 
_pdbx_entity_src_syn.pdbx_src_id            1 
_pdbx_entity_src_syn.pdbx_alt_source_flag   sample 
_pdbx_entity_src_syn.pdbx_beg_seq_num       ? 
_pdbx_entity_src_syn.pdbx_end_seq_num       ? 
_pdbx_entity_src_syn.organism_scientific    'HOMO SAPIENS' 
_pdbx_entity_src_syn.organism_common_name   human 
_pdbx_entity_src_syn.ncbi_taxonomy_id       9606 
_pdbx_entity_src_syn.details                'THIS PEPTIDE WAS CHEMICALLY SYNTHESIZED. This sequence occurs naturally in humans.' 
# 
loop_
_chem_comp.id 
_chem_comp.type 
_chem_comp.mon_nstd_flag 
_chem_comp.name 
_chem_comp.pdbx_synonyms 
_chem_comp.formula 
_chem_comp.formula_weight 
ALA 'L-peptide linking' y ALANINE         ? 'C3 H7 N O2'     89.093  
ARG 'L-peptide linking' y ARGININE        ? 'C6 H15 N4 O2 1' 175.209 
ASN 'L-peptide linking' y ASPARAGINE      ? 'C4 H8 N2 O3'    132.118 
ASP 'L-peptide linking' y 'ASPARTIC ACID' ? 'C4 H7 N O4'     133.103 
CA  non-polymer         . 'CALCIUM ION'   ? 'Ca 2'           40.078  
CYS 'L-peptide linking' y CYSTEINE        ? 'C3 H7 N O2 S'   121.158 
GLN 'L-peptide linking' y GLUTAMINE       ? 'C5 H10 N2 O3'   146.144 
GLU 'L-peptide linking' y 'GLUTAMIC ACID' ? 'C5 H9 N O4'     147.129 
GLY 'peptide linking'   y GLYCINE         ? 'C2 H5 N O2'     75.067  
HIS 'L-peptide linking' y HISTIDINE       ? 'C6 H10 N3 O2 1' 156.162 
HOH non-polymer         . WATER           ? 'H2 O'           18.015  
ILE 'L-peptide linking' y ISOLEUCINE      ? 'C6 H13 N O2'    131.173 
LEU 'L-peptide linking' y LEUCINE         ? 'C6 H13 N O2'    131.173 
LYS 'L-peptide linking' y LYSINE          ? 'C6 H15 N2 O2 1' 147.195 
MET 'L-peptide linking' y METHIONINE      ? 'C5 H11 N O2 S'  149.211 
PHE 'L-peptide linking' y PHENYLALANINE   ? 'C9 H11 N O2'    165.189 
PRO 'L-peptide linking' y PROLINE         ? 'C5 H9 N O2'     115.130 
SER 'L-peptide linking' y SERINE          ? 'C3 H7 N O3'     105.093 
THR 'L-peptide linking' y THREONINE       ? 'C4 H9 N O3'     119.119 
TRP 'L-peptide linking' y TRYPTOPHAN      ? 'C11 H12 N2 O2'  204.225 
TYR 'L-peptide linking' y TYROSINE        ? 'C9 H11 N O3'    181.189 
VAL 'L-peptide linking' y VALINE          ? 'C5 H11 N O2'    117.146 
# 
loop_
_pdbx_poly_seq_scheme.asym_id 
_pdbx_poly_seq_scheme.entity_id 
_pdbx_poly_seq_scheme.seq_id 
_pdbx_poly_seq_scheme.mon_id 
_pdbx_poly_seq_scheme.ndb_seq_num 
_pdbx_poly_seq_scheme.pdb_seq_num 
_pdbx_poly_seq_scheme.auth_seq_num 
_pdbx_poly_seq_scheme.pdb_mon_id 
_pdbx_poly_seq_scheme.auth_mon_id 
_pdbx_poly_seq_scheme.pdb_strand_id 
_pdbx_poly_seq_scheme.pdb_ins_code 
_pdbx_poly_seq_scheme.hetero 
A 1 1   ASN 1   1   1   ASN ASN A . n 
A 1 2   LEU 2   2   2   LEU LEU A . n 
A 1 3   TYR 3   3   3   TYR TYR A . n 
A 1 4   GLN 4   4   4   GLN GLN A . n 
A 1 5   PHE 5   5   5   PHE PHE A . n 
A 1 6   LYS 6   6   6   LYS LYS A . n 
A 1 7   ASN 7   7   7   ASN ASN A . n 
A 1 8   MET 8   8   8   MET MET A . n 
A 1 9   ILE 9   9   9   ILE ILE A . n 
A 1 10  GLN 10  10  10  GLN GLN A . n 
A 1 11  CYS 11  11  11  CYS CYS A . n 
A 1 12  THR 12  12  12  THR THR A . n 
A 1 13  VAL 13  13  13  VAL VAL A . n 
A 1 14  PRO 14  14  14  PRO PRO A . n 
A 1 15  SER 15  15  15  SER SER A . n 
A 1 16  ARG 16  17  17  ARG ARG A . n 
A 1 17  SER 17  18  18  SER SER A . n 
A 1 18  TRP 18  19  19  TRP TRP A . n 
A 1 19  ALA 19  20  20  ALA ALA A . n 
A 1 20  ASP 20  21  21  ASP ASP A . n 
A 1 21  PHE 21  22  22  PHE PHE A . n 
A 1 22  ALA 22  23  23  ALA ALA A . n 
A 1 23  ASP 23  24  24  ASP ASP A . n 
A 1 24  TYR 24  25  25  TYR TYR A . n 
A 1 25  GLY 25  26  26  GLY GLY A . n 
A 1 26  CYS 26  27  27  CYS CYS A . n 
A 1 27  TYR 27  28  28  TYR TYR A . n 
A 1 28  CYS 28  29  29  CYS CYS A . n 
A 1 29  GLY 29  30  30  GLY GLY A . n 
A 1 30  LYS 30  31  31  LYS LYS A . n 
A 1 31  GLY 31  32  32  GLY GLY A . n 
A 1 32  GLY 32  33  33  GLY GLY A . n 
A 1 33  SER 33  34  34  SER SER A . n 
A 1 34  GLY 34  35  35  GLY GLY A . n 
A 1 35  THR 35  36  36  THR THR A . n 
A 1 36  PRO 36  37  37  PRO PRO A . n 
A 1 37  VAL 37  38  38  VAL VAL A . n 
A 1 38  ASP 38  39  39  ASP ASP A . n 
A 1 39  ASP 39  40  40  ASP ASP A . n 
A 1 40  LEU 40  41  41  LEU LEU A . n 
A 1 41  ASP 41  42  42  ASP ASP A . n 
A 1 42  ARG 42  43  43  ARG ARG A . n 
A 1 43  CYS 43  44  44  CYS CYS A . n 
A 1 44  CYS 44  45  45  CYS CYS A . n 
A 1 45  GLN 45  46  46  GLN GLN A . n 
A 1 46  THR 46  47  47  THR THR A . n 
A 1 47  HIS 47  48  48  HIS HIS A . n 
A 1 48  ASP 48  49  49  ASP ASP A . n 
A 1 49  ASN 49  50  50  ASN ASN A . n 
A 1 50  CYS 50  51  51  CYS CYS A . n 
A 1 51  TYR 51  52  52  TYR TYR A . n 
A 1 52  ASN 52  53  53  ASN ASN A . n 
A 1 53  GLU 53  54  54  GLU GLU A . n 
A 1 54  ALA 54  55  55  ALA ALA A . n 
A 1 55  GLU 55  56  56  GLU GLU A . n 
A 1 56  ASN 56  57  57  ASN ASN A . n 
A 1 57  ILE 57  58  58  ILE ILE A . n 
A 1 58  SER 58  59  59  SER SER A . n 
A 1 59  GLY 59  60  60  GLY GLY A . n 
A 1 60  CYS 60  61  61  CYS CYS A . n 
A 1 61  ARG 61  62  62  ARG ARG A . n 
A 1 62  PRO 62  63  63  PRO PRO A . n 
A 1 63  LYS 63  64  64  LYS LYS A . n 
A 1 64  PHE 64  65  65  PHE PHE A . n 
A 1 65  LYS 65  66  66  LYS LYS A . n 
A 1 66  THR 66  67  67  THR THR A . n 
A 1 67  TYR 67  68  68  TYR TYR A . n 
A 1 68  SER 68  69  69  SER SER A . n 
A 1 69  TYR 69  70  70  TYR TYR A . n 
A 1 70  GLU 70  71  71  GLU GLU A . n 
A 1 71  CYS 71  72  72  CYS CYS A . n 
A 1 72  THR 72  73  73  THR THR A . n 
A 1 73  GLN 73  74  74  GLN GLN A . n 
A 1 74  GLY 74  75  75  GLY GLY A . n 
A 1 75  THR 75  76  76  THR THR A . n 
A 1 76  LEU 76  77  77  LEU LEU A . n 
A 1 77  THR 77  78  78  THR THR A . n 
A 1 78  CYS 78  79  79  CYS CYS A . n 
A 1 79  LYS 79  80  80  LYS LYS A . n 
A 1 80  GLY 80  81  81  GLY GLY A . n 
A 1 81  ASP 81  82  82  ASP ASP A . n 
A 1 82  ASN 82  83  83  ASN ASN A . n 
A 1 83  ASN 83  84  84  ASN ASN A . n 
A 1 84  ALA 84  85  85  ALA ALA A . n 
A 1 85  CYS 85  86  86  CYS CYS A . n 
A 1 86  ALA 86  87  87  ALA ALA A . n 
A 1 87  ALA 87  88  88  ALA ALA A . n 
A 1 88  SER 88  89  89  SER SER A . n 
A 1 89  VAL 89  90  90  VAL VAL A . n 
A 1 90  CYS 90  91  91  CYS CYS A . n 
A 1 91  ASP 91  92  92  ASP ASP A . n 
A 1 92  CYS 92  93  93  CYS CYS A . n 
A 1 93  ASP 93  94  94  ASP ASP A . n 
A 1 94  ARG 94  95  95  ARG ARG A . n 
A 1 95  LEU 95  96  96  LEU LEU A . n 
A 1 96  ALA 96  97  97  ALA ALA A . n 
A 1 97  ALA 97  98  98  ALA ALA A . n 
A 1 98  ILE 98  99  99  ILE ILE A . n 
A 1 99  CYS 99  100 100 CYS CYS A . n 
A 1 100 PHE 100 101 101 PHE PHE A . n 
A 1 101 ALA 101 102 102 ALA ALA A . n 
A 1 102 GLY 102 103 103 GLY GLY A . n 
A 1 103 ALA 103 104 104 ALA ALA A . n 
A 1 104 PRO 104 105 105 PRO PRO A . n 
A 1 105 TYR 105 106 106 TYR TYR A . n 
A 1 106 ASN 106 107 107 ASN ASN A . n 
A 1 107 ASP 107 108 108 ASP ASP A . n 
A 1 108 ALA 108 109 109 ALA ALA A . n 
A 1 109 ASN 109 110 110 ASN ASN A . n 
A 1 110 TYR 110 111 111 TYR TYR A . n 
A 1 111 ASN 111 112 112 ASN ASN A . n 
A 1 112 ILE 112 113 113 ILE ILE A . n 
A 1 113 ASP 113 114 114 ASP ASP A . n 
A 1 114 LEU 114 115 115 LEU LEU A . n 
A 1 115 LYS 115 116 116 LYS LYS A . n 
A 1 116 ALA 116 117 117 ALA ALA A . n 
A 1 117 ARG 117 118 118 ARG ARG A . n 
A 1 118 CYS 118 119 119 CYS CYS A . n 
A 1 119 ASN 119 120 120 ASN ASN A . n 
B 2 1   VAL 1   1   1   VAL VAL P . n 
B 2 2   GLY 2   2   2   GLY GLY P . n 
B 2 3   GLY 3   3   3   GLY GLY P . n 
B 2 4   VAL 4   4   4   VAL VAL P . n 
B 2 5   VAL 5   5   5   VAL VAL P . n 
B 2 6   ILE 6   6   6   ILE ILE P . n 
B 2 7   ALA 7   7   7   ALA ALA P . n 
# 
loop_
_pdbx_nonpoly_scheme.asym_id 
_pdbx_nonpoly_scheme.entity_id 
_pdbx_nonpoly_scheme.mon_id 
_pdbx_nonpoly_scheme.ndb_seq_num 
_pdbx_nonpoly_scheme.pdb_seq_num 
_pdbx_nonpoly_scheme.auth_seq_num 
_pdbx_nonpoly_scheme.pdb_mon_id 
_pdbx_nonpoly_scheme.auth_mon_id 
_pdbx_nonpoly_scheme.pdb_strand_id 
_pdbx_nonpoly_scheme.pdb_ins_code 
C 3 CA  1  121 1   CA  CA  A . 
D 4 HOH 1  16  16  HOH HOH A . 
D 4 HOH 2  122 1   HOH HOH A . 
D 4 HOH 3  123 2   HOH HOH A . 
D 4 HOH 4  124 3   HOH HOH A . 
D 4 HOH 5  125 4   HOH HOH A . 
D 4 HOH 6  126 5   HOH HOH A . 
D 4 HOH 7  127 6   HOH HOH A . 
D 4 HOH 8  128 7   HOH HOH A . 
D 4 HOH 9  129 8   HOH HOH A . 
D 4 HOH 10 130 9   HOH HOH A . 
D 4 HOH 11 131 11  HOH HOH A . 
D 4 HOH 12 132 12  HOH HOH A . 
D 4 HOH 13 133 13  HOH HOH A . 
D 4 HOH 14 134 14  HOH HOH A . 
D 4 HOH 15 135 15  HOH HOH A . 
D 4 HOH 16 136 18  HOH HOH A . 
D 4 HOH 17 137 19  HOH HOH A . 
D 4 HOH 18 138 20  HOH HOH A . 
D 4 HOH 19 139 21  HOH HOH A . 
D 4 HOH 20 140 22  HOH HOH A . 
D 4 HOH 21 141 23  HOH HOH A . 
D 4 HOH 22 142 25  HOH HOH A . 
D 4 HOH 23 143 27  HOH HOH A . 
D 4 HOH 24 144 28  HOH HOH A . 
D 4 HOH 25 145 29  HOH HOH A . 
D 4 HOH 26 146 30  HOH HOH A . 
D 4 HOH 27 147 31  HOH HOH A . 
D 4 HOH 28 148 32  HOH HOH A . 
D 4 HOH 29 149 33  HOH HOH A . 
D 4 HOH 30 150 34  HOH HOH A . 
D 4 HOH 31 151 35  HOH HOH A . 
D 4 HOH 32 152 37  HOH HOH A . 
D 4 HOH 33 153 38  HOH HOH A . 
D 4 HOH 34 154 39  HOH HOH A . 
D 4 HOH 35 155 40  HOH HOH A . 
D 4 HOH 36 156 41  HOH HOH A . 
D 4 HOH 37 157 44  HOH HOH A . 
D 4 HOH 38 158 45  HOH HOH A . 
D 4 HOH 39 159 46  HOH HOH A . 
D 4 HOH 40 160 47  HOH HOH A . 
D 4 HOH 41 161 48  HOH HOH A . 
D 4 HOH 42 162 49  HOH HOH A . 
D 4 HOH 43 163 50  HOH HOH A . 
D 4 HOH 44 164 51  HOH HOH A . 
D 4 HOH 45 165 52  HOH HOH A . 
D 4 HOH 46 166 54  HOH HOH A . 
D 4 HOH 47 167 55  HOH HOH A . 
D 4 HOH 48 168 56  HOH HOH A . 
D 4 HOH 49 169 57  HOH HOH A . 
D 4 HOH 50 170 58  HOH HOH A . 
D 4 HOH 51 171 59  HOH HOH A . 
D 4 HOH 52 172 60  HOH HOH A . 
D 4 HOH 53 173 61  HOH HOH A . 
D 4 HOH 54 174 62  HOH HOH A . 
D 4 HOH 55 175 63  HOH HOH A . 
D 4 HOH 56 176 66  HOH HOH A . 
D 4 HOH 57 177 67  HOH HOH A . 
D 4 HOH 58 178 68  HOH HOH A . 
D 4 HOH 59 179 69  HOH HOH A . 
D 4 HOH 60 180 70  HOH HOH A . 
D 4 HOH 61 181 71  HOH HOH A . 
D 4 HOH 62 182 72  HOH HOH A . 
D 4 HOH 63 183 73  HOH HOH A . 
D 4 HOH 64 184 75  HOH HOH A . 
D 4 HOH 65 185 76  HOH HOH A . 
D 4 HOH 66 186 77  HOH HOH A . 
D 4 HOH 67 187 78  HOH HOH A . 
D 4 HOH 68 188 79  HOH HOH A . 
D 4 HOH 69 189 80  HOH HOH A . 
D 4 HOH 70 190 81  HOH HOH A . 
D 4 HOH 71 191 82  HOH HOH A . 
D 4 HOH 72 192 83  HOH HOH A . 
D 4 HOH 73 193 84  HOH HOH A . 
D 4 HOH 74 194 86  HOH HOH A . 
D 4 HOH 75 195 87  HOH HOH A . 
D 4 HOH 76 196 88  HOH HOH A . 
D 4 HOH 77 197 89  HOH HOH A . 
D 4 HOH 78 198 90  HOH HOH A . 
D 4 HOH 79 199 92  HOH HOH A . 
D 4 HOH 80 200 95  HOH HOH A . 
D 4 HOH 81 201 97  HOH HOH A . 
D 4 HOH 82 202 98  HOH HOH A . 
D 4 HOH 83 203 99  HOH HOH A . 
D 4 HOH 84 204 100 HOH HOH A . 
D 4 HOH 85 205 101 HOH HOH A . 
D 4 HOH 86 206 102 HOH HOH A . 
D 4 HOH 87 207 103 HOH HOH A . 
D 4 HOH 88 208 104 HOH HOH A . 
D 4 HOH 89 209 105 HOH HOH A . 
D 4 HOH 90 210 106 HOH HOH A . 
E 4 HOH 1  36  36  HOH HOH P . 
E 4 HOH 2  94  94  HOH HOH P . 
E 4 HOH 3  107 107 HOH HOH P . 
# 
loop_
_software.name 
_software.classification 
_software.version 
_software.citation_id 
_software.pdbx_ordinal 
DENZO     'data reduction' .        ? 1 
MOLREP    phasing          .        ? 2 
REFMAC    refinement       5.2.0019 ? 3 
AUTOMAR   'data reduction' .        ? 4 
SCALEPACK 'data scaling'   .        ? 5 
# 
_cell.entry_id           3GCI 
_cell.length_a           42.679 
_cell.length_b           42.679 
_cell.length_c           65.817 
_cell.angle_alpha        90.00 
_cell.angle_beta         90.00 
_cell.angle_gamma        90.00 
_cell.Z_PDB              4 
_cell.pdbx_unique_axis   ? 
_cell.length_a_esd       ? 
_cell.length_b_esd       ? 
_cell.length_c_esd       ? 
_cell.angle_alpha_esd    ? 
_cell.angle_beta_esd     ? 
_cell.angle_gamma_esd    ? 
# 
_symmetry.entry_id                         3GCI 
_symmetry.space_group_name_H-M             'P 41' 
_symmetry.pdbx_full_space_group_name_H-M   ? 
_symmetry.cell_setting                     ? 
_symmetry.Int_Tables_number                76 
_symmetry.space_group_name_Hall            ? 
# 
_exptl.entry_id          3GCI 
_exptl.method            'X-RAY DIFFRACTION' 
_exptl.crystals_number   1 
# 
_exptl_crystal.id                    1 
_exptl_crystal.density_meas          ? 
_exptl_crystal.density_Matthews      2.19 
_exptl_crystal.density_percent_sol   43.74 
_exptl_crystal.description           ? 
_exptl_crystal.F_000                 ? 
_exptl_crystal.preparation           ? 
# 
_exptl_crystal_grow.crystal_id      1 
_exptl_crystal_grow.method          'VAPOR DIFFUSION, HANGING DROP' 
_exptl_crystal_grow.temp            290 
_exptl_crystal_grow.temp_details    ? 
_exptl_crystal_grow.pH              6.0 
_exptl_crystal_grow.pdbx_details    '10mM Sodium phosphate, pH 6.0, 1mM CaCl2, VAPOR DIFFUSION, HANGING DROP, temperature 290K' 
_exptl_crystal_grow.pdbx_pH_range   . 
# 
_diffrn.id                     1 
_diffrn.ambient_temp           300 
_diffrn.ambient_temp_details   ? 
_diffrn.crystal_id             1 
# 
_diffrn_detector.diffrn_id              1 
_diffrn_detector.detector               'IMAGE PLATE' 
_diffrn_detector.type                   MARRESEARCH 
_diffrn_detector.pdbx_collection_date   2008-09-23 
_diffrn_detector.details                MIRROR 
# 
_diffrn_radiation.diffrn_id                        1 
_diffrn_radiation.wavelength_id                    1 
_diffrn_radiation.pdbx_monochromatic_or_laue_m_l   M 
_diffrn_radiation.monochromator                    GRAPHITE 
_diffrn_radiation.pdbx_diffrn_protocol             'SINGLE WAVELENGTH' 
_diffrn_radiation.pdbx_scattering_type             x-ray 
# 
_diffrn_radiation_wavelength.id           1 
_diffrn_radiation_wavelength.wavelength   1.5418 
_diffrn_radiation_wavelength.wt           1.0 
# 
_diffrn_source.diffrn_id                   1 
_diffrn_source.source                      'ROTATING ANODE' 
_diffrn_source.type                        'RIGAKU RU300' 
_diffrn_source.pdbx_synchrotron_site       ? 
_diffrn_source.pdbx_synchrotron_beamline   ? 
_diffrn_source.pdbx_wavelength             ? 
_diffrn_source.pdbx_wavelength_list        1.5418 
# 
_reflns.entry_id                     3GCI 
_reflns.observed_criterion_sigma_I   0.0 
_reflns.observed_criterion_sigma_F   0.0 
_reflns.d_resolution_low             20.0 
_reflns.d_resolution_high            2.04 
_reflns.number_obs                   7596 
_reflns.number_all                   7596 
_reflns.percent_possible_obs         97.6 
_reflns.pdbx_Rmerge_I_obs            ? 
_reflns.pdbx_Rsym_value              0.115 
_reflns.pdbx_netI_over_sigmaI        7.8 
_reflns.B_iso_Wilson_estimate        ? 
_reflns.pdbx_redundancy              ? 
_reflns.R_free_details               ? 
_reflns.limit_h_max                  ? 
_reflns.limit_h_min                  ? 
_reflns.limit_k_max                  ? 
_reflns.limit_k_min                  ? 
_reflns.limit_l_max                  ? 
_reflns.limit_l_min                  ? 
_reflns.observed_criterion_F_max     ? 
_reflns.observed_criterion_F_min     ? 
_reflns.pdbx_chi_squared             ? 
_reflns.pdbx_scaling_rejects         ? 
_reflns.pdbx_ordinal                 1 
_reflns.pdbx_diffrn_id               1 
# 
_reflns_shell.d_res_high             2.04 
_reflns_shell.d_res_low              2.09 
_reflns_shell.percent_possible_all   96.7 
_reflns_shell.Rmerge_I_obs           ? 
_reflns_shell.pdbx_Rsym_value        0.305 
_reflns_shell.meanI_over_sigI_obs    2.1 
_reflns_shell.pdbx_redundancy        ? 
_reflns_shell.percent_possible_obs   ? 
_reflns_shell.number_unique_all      ? 
_reflns_shell.number_measured_all    ? 
_reflns_shell.number_measured_obs    ? 
_reflns_shell.number_unique_obs      ? 
_reflns_shell.pdbx_chi_squared       ? 
_reflns_shell.pdbx_ordinal           1 
_reflns_shell.pdbx_diffrn_id         1 
# 
_refine.entry_id                                 3GCI 
_refine.ls_number_reflns_obs                     7065 
_refine.ls_number_reflns_all                     7596 
_refine.pdbx_ls_sigma_I                          0.0 
_refine.pdbx_ls_sigma_F                          0.0 
_refine.pdbx_data_cutoff_high_absF               ? 
_refine.pdbx_data_cutoff_low_absF                ? 
_refine.pdbx_data_cutoff_high_rms_absF           ? 
_refine.ls_d_res_low                             19.51 
_refine.ls_d_res_high                            2.04 
_refine.ls_percent_reflns_obs                    97.91 
_refine.ls_R_factor_obs                          0.18606 
_refine.ls_R_factor_all                          0.1900 
_refine.ls_R_factor_R_work                       0.18436 
_refine.ls_R_factor_R_free                       0.22137 
_refine.ls_R_factor_R_free_error                 ? 
_refine.ls_R_factor_R_free_error_details         ? 
_refine.ls_percent_reflns_R_free                 4.6 
_refine.ls_number_reflns_R_free                  340 
_refine.ls_number_parameters                     ? 
_refine.ls_number_restraints                     ? 
_refine.occupancy_min                            ? 
_refine.occupancy_max                            ? 
_refine.correlation_coeff_Fo_to_Fc               0.949 
_refine.correlation_coeff_Fo_to_Fc_free          0.926 
_refine.B_iso_mean                               28.418 
_refine.aniso_B[1][1]                            -0.43 
_refine.aniso_B[2][2]                            -0.43 
_refine.aniso_B[3][3]                            0.87 
_refine.aniso_B[1][2]                            0.00 
_refine.aniso_B[1][3]                            0.00 
_refine.aniso_B[2][3]                            0.00 
_refine.solvent_model_details                    MASK 
_refine.solvent_model_param_ksol                 ? 
_refine.solvent_model_param_bsol                 ? 
_refine.pdbx_solvent_vdw_probe_radii             1.20 
_refine.pdbx_solvent_ion_probe_radii             0.80 
_refine.pdbx_solvent_shrinkage_radii             0.80 
_refine.pdbx_ls_cross_valid_method               THROUGHOUT 
_refine.details                                  'HYDROGENS HAVE BEEN ADDED IN THE RIDING POSITIONS' 
_refine.pdbx_starting_model                      'PDB ENTRY 1MF4' 
_refine.pdbx_method_to_determine_struct          'MOLECULAR REPLACEMENT' 
_refine.pdbx_isotropic_thermal_model             ? 
_refine.pdbx_stereochemistry_target_values       'MAXIMUM LIKELIHOOD' 
_refine.pdbx_stereochem_target_val_spec_case     ? 
_refine.pdbx_R_Free_selection_details            RANDOM 
_refine.pdbx_overall_ESU_R                       0.232 
_refine.pdbx_overall_ESU_R_Free                  0.178 
_refine.overall_SU_ML                            0.128 
_refine.overall_SU_B                             4.618 
_refine.ls_redundancy_reflns_obs                 ? 
_refine.B_iso_min                                ? 
_refine.B_iso_max                                ? 
_refine.overall_SU_R_Cruickshank_DPI             ? 
_refine.overall_SU_R_free                        ? 
_refine.ls_wR_factor_R_free                      ? 
_refine.ls_wR_factor_R_work                      ? 
_refine.overall_FOM_free_R_set                   ? 
_refine.overall_FOM_work_R_set                   ? 
_refine.pdbx_refine_id                           'X-RAY DIFFRACTION' 
_refine.pdbx_overall_phase_error                 ? 
_refine.pdbx_diffrn_id                           1 
_refine.pdbx_TLS_residual_ADP_flag               ? 
_refine.pdbx_overall_SU_R_free_Cruickshank_DPI   ? 
_refine.pdbx_overall_SU_R_Blow_DPI               ? 
_refine.pdbx_overall_SU_R_free_Blow_DPI          ? 
# 
_refine_hist.pdbx_refine_id                   'X-RAY DIFFRACTION' 
_refine_hist.cycle_id                         LAST 
_refine_hist.pdbx_number_atoms_protein        949 
_refine_hist.pdbx_number_atoms_nucleic_acid   0 
_refine_hist.pdbx_number_atoms_ligand         1 
_refine_hist.number_atoms_solvent             93 
_refine_hist.number_atoms_total               1043 
_refine_hist.d_res_high                       2.04 
_refine_hist.d_res_low                        19.51 
# 
loop_
_refine_ls_restr.type 
_refine_ls_restr.dev_ideal 
_refine_ls_restr.dev_ideal_target 
_refine_ls_restr.weight 
_refine_ls_restr.number 
_refine_ls_restr.pdbx_refine_id 
_refine_ls_restr.pdbx_restraint_function 
r_bond_refined_d         0.012  0.022  ? 972  'X-RAY DIFFRACTION' ? 
r_angle_refined_deg      1.172  1.935  ? 1319 'X-RAY DIFFRACTION' ? 
r_dihedral_angle_1_deg   4.884  5.000  ? 123  'X-RAY DIFFRACTION' ? 
r_dihedral_angle_2_deg   33.770 25.000 ? 48   'X-RAY DIFFRACTION' ? 
r_dihedral_angle_3_deg   15.611 15.000 ? 145  'X-RAY DIFFRACTION' ? 
r_dihedral_angle_4_deg   13.796 15.000 ? 5    'X-RAY DIFFRACTION' ? 
r_chiral_restr           0.103  0.200  ? 138  'X-RAY DIFFRACTION' ? 
r_gen_planes_refined     0.004  0.020  ? 761  'X-RAY DIFFRACTION' ? 
r_nbd_refined            0.203  0.200  ? 429  'X-RAY DIFFRACTION' ? 
r_nbtor_refined          0.299  0.200  ? 649  'X-RAY DIFFRACTION' ? 
r_xyhbond_nbd_refined    0.175  0.200  ? 65   'X-RAY DIFFRACTION' ? 
r_metal_ion_refined      0.013  0.200  ? 1    'X-RAY DIFFRACTION' ? 
r_symmetry_vdw_refined   0.274  0.200  ? 28   'X-RAY DIFFRACTION' ? 
r_symmetry_hbond_refined 0.300  0.200  ? 17   'X-RAY DIFFRACTION' ? 
r_mcbond_it              0.732  1.500  ? 636  'X-RAY DIFFRACTION' ? 
r_mcangle_it             1.408  2.000  ? 985  'X-RAY DIFFRACTION' ? 
r_scbond_it              1.878  3.000  ? 387  'X-RAY DIFFRACTION' ? 
r_scangle_it             2.944  4.500  ? 334  'X-RAY DIFFRACTION' ? 
# 
_refine_ls_shell.pdbx_total_number_of_bins_used   20 
_refine_ls_shell.d_res_high                       2.040 
_refine_ls_shell.d_res_low                        2.092 
_refine_ls_shell.number_reflns_R_work             493 
_refine_ls_shell.R_factor_R_work                  0.257 
_refine_ls_shell.percent_reflns_obs               96.66 
_refine_ls_shell.R_factor_R_free                  0.242 
_refine_ls_shell.R_factor_R_free_error            ? 
_refine_ls_shell.percent_reflns_R_free            ? 
_refine_ls_shell.number_reflns_R_free             28 
_refine_ls_shell.number_reflns_all                ? 
_refine_ls_shell.R_factor_all                     ? 
_refine_ls_shell.number_reflns_obs                ? 
_refine_ls_shell.redundancy_reflns_obs            ? 
_refine_ls_shell.pdbx_refine_id                   'X-RAY DIFFRACTION' 
# 
_struct.entry_id                  3GCI 
_struct.title                     
;Crystal Structure of the Complex Formed Between a New Isoform of Phospholipase A2 with C-terminal Amyloid Beta Heptapeptide at 2 A Resolution
;
_struct.pdbx_model_details        ? 
_struct.pdbx_CASP_flag            ? 
_struct.pdbx_model_type_details   ? 
# 
_struct_keywords.entry_id        3GCI 
_struct_keywords.pdbx_keywords   HYDROLASE 
_struct_keywords.text            
'PHOSPHOLIPASE A2, HEPTAPEPTIDE, AMYLOID BETA, Hydrolase, Lipid degradation, Metal-binding, Secreted' 
# 
loop_
_struct_asym.id 
_struct_asym.pdbx_blank_PDB_chainid_flag 
_struct_asym.pdbx_modified 
_struct_asym.entity_id 
_struct_asym.details 
A N N 1 ? 
B N N 2 ? 
C N N 3 ? 
D N N 4 ? 
E N N 4 ? 
# 
loop_
_struct_ref.id 
_struct_ref.db_name 
_struct_ref.db_code 
_struct_ref.pdbx_db_accession 
_struct_ref.entity_id 
_struct_ref.pdbx_seq_one_letter_code 
_struct_ref.pdbx_align_begin 
_struct_ref.pdbx_db_isoform 
1 UNP PA23_NAJSG P60045 1 
;NLYQFKNMIQCTVPSRSWQDFADYGCYCGKGGSGTPVDDLDRCCQVHDNCYNEAENISGCRPYFKTYSYECTQGTLTCKG
DNNACAASVCDCDRLAAICFAGAPYNDANYNIDLKARCN
;
8   ? 
2 UNP A4_HUMAN   P05067 2 VGGVVIA 707 ? 
# 
loop_
_struct_ref_seq.align_id 
_struct_ref_seq.ref_id 
_struct_ref_seq.pdbx_PDB_id_code 
_struct_ref_seq.pdbx_strand_id 
_struct_ref_seq.seq_align_beg 
_struct_ref_seq.pdbx_seq_align_beg_ins_code 
_struct_ref_seq.seq_align_end 
_struct_ref_seq.pdbx_seq_align_end_ins_code 
_struct_ref_seq.pdbx_db_accession 
_struct_ref_seq.db_align_beg 
_struct_ref_seq.pdbx_db_align_beg_ins_code 
_struct_ref_seq.db_align_end 
_struct_ref_seq.pdbx_db_align_end_ins_code 
_struct_ref_seq.pdbx_auth_seq_align_beg 
_struct_ref_seq.pdbx_auth_seq_align_end 
1 1 3GCI A 1 ? 119 ? P60045 8   ? 126 ? 1 120 
2 2 3GCI P 1 ? 7   ? P05067 707 ? 713 ? 1 7   
# 
loop_
_struct_ref_seq_dif.align_id 
_struct_ref_seq_dif.pdbx_pdb_id_code 
_struct_ref_seq_dif.mon_id 
_struct_ref_seq_dif.pdbx_pdb_strand_id 
_struct_ref_seq_dif.seq_num 
_struct_ref_seq_dif.pdbx_pdb_ins_code 
_struct_ref_seq_dif.pdbx_seq_db_name 
_struct_ref_seq_dif.pdbx_seq_db_accession_code 
_struct_ref_seq_dif.db_mon_id 
_struct_ref_seq_dif.pdbx_seq_db_seq_num 
_struct_ref_seq_dif.details 
_struct_ref_seq_dif.pdbx_auth_seq_num 
_struct_ref_seq_dif.pdbx_ordinal 
1 3GCI ALA A 19 ? UNP P60045 GLN 26 'SEE REMARK 999' 20 1 
1 3GCI THR A 46 ? UNP P60045 VAL 53 'SEE REMARK 999' 47 2 
1 3GCI LYS A 63 ? UNP P60045 TYR 70 'SEE REMARK 999' 64 3 
# 
_pdbx_struct_assembly.id                   1 
_pdbx_struct_assembly.details              author_and_software_defined_assembly 
_pdbx_struct_assembly.method_details       PISA 
_pdbx_struct_assembly.oligomeric_details   dimeric 
_pdbx_struct_assembly.oligomeric_count     2 
# 
loop_
_pdbx_struct_assembly_prop.biol_id 
_pdbx_struct_assembly_prop.type 
_pdbx_struct_assembly_prop.value 
_pdbx_struct_assembly_prop.details 
1 'ABSA (A^2)' 1030 ? 
1 MORE         -20  ? 
1 'SSA (A^2)'  6790 ? 
# 
_pdbx_struct_assembly_gen.assembly_id       1 
_pdbx_struct_assembly_gen.oper_expression   1 
_pdbx_struct_assembly_gen.asym_id_list      A,B,C,D,E 
# 
_pdbx_struct_oper_list.id                   1 
_pdbx_struct_oper_list.type                 'identity operation' 
_pdbx_struct_oper_list.name                 1_555 
_pdbx_struct_oper_list.symmetry_operation   x,y,z 
_pdbx_struct_oper_list.matrix[1][1]         1.0000000000 
_pdbx_struct_oper_list.matrix[1][2]         0.0000000000 
_pdbx_struct_oper_list.matrix[1][3]         0.0000000000 
_pdbx_struct_oper_list.vector[1]            0.0000000000 
_pdbx_struct_oper_list.matrix[2][1]         0.0000000000 
_pdbx_struct_oper_list.matrix[2][2]         1.0000000000 
_pdbx_struct_oper_list.matrix[2][3]         0.0000000000 
_pdbx_struct_oper_list.vector[2]            0.0000000000 
_pdbx_struct_oper_list.matrix[3][1]         0.0000000000 
_pdbx_struct_oper_list.matrix[3][2]         0.0000000000 
_pdbx_struct_oper_list.matrix[3][3]         1.0000000000 
_pdbx_struct_oper_list.vector[3]            0.0000000000 
# 
_struct_biol.id        1 
_struct_biol.details   ? 
# 
loop_
_struct_conf.conf_type_id 
_struct_conf.id 
_struct_conf.pdbx_PDB_helix_id 
_struct_conf.beg_label_comp_id 
_struct_conf.beg_label_asym_id 
_struct_conf.beg_label_seq_id 
_struct_conf.pdbx_beg_PDB_ins_code 
_struct_conf.end_label_comp_id 
_struct_conf.end_label_asym_id 
_struct_conf.end_label_seq_id 
_struct_conf.pdbx_end_PDB_ins_code 
_struct_conf.beg_auth_comp_id 
_struct_conf.beg_auth_asym_id 
_struct_conf.beg_auth_seq_id 
_struct_conf.end_auth_comp_id 
_struct_conf.end_auth_asym_id 
_struct_conf.end_auth_seq_id 
_struct_conf.pdbx_PDB_helix_class 
_struct_conf.details 
_struct_conf.pdbx_PDB_helix_length 
HELX_P HELX_P1 1 ASN A 1   ? VAL A 13  ? ASN A 1   VAL A 13  1 ? 13 
HELX_P HELX_P2 2 SER A 17  ? PHE A 21  ? SER A 18  PHE A 22  5 ? 5  
HELX_P HELX_P3 3 ASP A 38  ? GLU A 55  ? ASP A 39  GLU A 56  1 ? 18 
HELX_P HELX_P4 4 ASN A 83  ? ALA A 103 ? ASN A 84  ALA A 104 1 ? 21 
HELX_P HELX_P5 5 ASN A 106 ? TYR A 110 ? ASN A 107 TYR A 111 5 ? 5  
HELX_P HELX_P6 6 ASP A 113 ? CYS A 118 ? ASP A 114 CYS A 119 1 ? 6  
# 
_struct_conf_type.id          HELX_P 
_struct_conf_type.criteria    ? 
_struct_conf_type.reference   ? 
# 
loop_
_struct_conn.id 
_struct_conn.conn_type_id 
_struct_conn.pdbx_leaving_atom_flag 
_struct_conn.pdbx_PDB_id 
_struct_conn.ptnr1_label_asym_id 
_struct_conn.ptnr1_label_comp_id 
_struct_conn.ptnr1_label_seq_id 
_struct_conn.ptnr1_label_atom_id 
_struct_conn.pdbx_ptnr1_label_alt_id 
_struct_conn.pdbx_ptnr1_PDB_ins_code 
_struct_conn.pdbx_ptnr1_standard_comp_id 
_struct_conn.ptnr1_symmetry 
_struct_conn.ptnr2_label_asym_id 
_struct_conn.ptnr2_label_comp_id 
_struct_conn.ptnr2_label_seq_id 
_struct_conn.ptnr2_label_atom_id 
_struct_conn.pdbx_ptnr2_label_alt_id 
_struct_conn.pdbx_ptnr2_PDB_ins_code 
_struct_conn.ptnr1_auth_asym_id 
_struct_conn.ptnr1_auth_comp_id 
_struct_conn.ptnr1_auth_seq_id 
_struct_conn.ptnr2_auth_asym_id 
_struct_conn.ptnr2_auth_comp_id 
_struct_conn.ptnr2_auth_seq_id 
_struct_conn.ptnr2_symmetry 
_struct_conn.pdbx_ptnr3_label_atom_id 
_struct_conn.pdbx_ptnr3_label_seq_id 
_struct_conn.pdbx_ptnr3_label_comp_id 
_struct_conn.pdbx_ptnr3_label_asym_id 
_struct_conn.pdbx_ptnr3_label_alt_id 
_struct_conn.pdbx_ptnr3_PDB_ins_code 
_struct_conn.details 
_struct_conn.pdbx_dist_value 
_struct_conn.pdbx_value_order 
_struct_conn.pdbx_role 
disulf1 disulf ? ? A CYS 11 SG  ? ? ? 1_555 A CYS 71  SG ? ? A CYS 11  A CYS 72  1_555 ? ? ? ? ? ? ? 1.972 ? ? 
disulf2 disulf ? ? A CYS 26 SG  ? ? ? 1_555 A CYS 118 SG ? ? A CYS 27  A CYS 119 1_555 ? ? ? ? ? ? ? 2.011 ? ? 
disulf3 disulf ? ? A CYS 28 SG  ? ? ? 1_555 A CYS 44  SG ? ? A CYS 29  A CYS 45  1_555 ? ? ? ? ? ? ? 2.049 ? ? 
disulf4 disulf ? ? A CYS 43 SG  ? ? ? 1_555 A CYS 99  SG ? ? A CYS 44  A CYS 100 1_555 ? ? ? ? ? ? ? 2.015 ? ? 
disulf5 disulf ? ? A CYS 50 SG  ? ? ? 1_555 A CYS 92  SG ? ? A CYS 51  A CYS 93  1_555 ? ? ? ? ? ? ? 2.030 ? ? 
disulf6 disulf ? ? A CYS 60 SG  ? ? ? 1_555 A CYS 85  SG ? ? A CYS 61  A CYS 86  1_555 ? ? ? ? ? ? ? 2.027 ? ? 
disulf7 disulf ? ? A CYS 78 SG  ? ? ? 1_555 A CYS 90  SG ? ? A CYS 79  A CYS 91  1_555 ? ? ? ? ? ? ? 2.019 ? ? 
metalc1 metalc ? ? A TYR 27 O   ? ? ? 1_555 C CA  .   CA ? ? A TYR 28  A CA  121 1_555 ? ? ? ? ? ? ? 2.978 ? ? 
metalc2 metalc ? ? A GLY 29 O   ? ? ? 1_555 C CA  .   CA ? ? A GLY 30  A CA  121 1_555 ? ? ? ? ? ? ? 2.502 ? ? 
metalc3 metalc ? ? A LYS 30 O   ? ? ? 1_555 C CA  .   CA ? ? A LYS 31  A CA  121 1_555 ? ? ? ? ? ? ? 2.832 ? ? 
metalc4 metalc ? ? A GLY 31 O   ? ? ? 1_555 C CA  .   CA ? ? A GLY 32  A CA  121 1_555 ? ? ? ? ? ? ? 2.407 ? ? 
metalc5 metalc ? ? A ASP 48 OD2 ? ? ? 1_555 C CA  .   CA ? ? A ASP 49  A CA  121 1_555 ? ? ? ? ? ? ? 2.955 ? ? 
metalc6 metalc ? ? A ASP 48 OD1 ? ? ? 1_555 C CA  .   CA ? ? A ASP 49  A CA  121 1_555 ? ? ? ? ? ? ? 3.171 ? ? 
metalc7 metalc ? ? C CA  .  CA  ? ? ? 1_555 B ALA 7   O  ? ? A CA  121 P ALA 7   1_555 ? ? ? ? ? ? ? 3.031 ? ? 
# 
loop_
_struct_conn_type.id 
_struct_conn_type.criteria 
_struct_conn_type.reference 
disulf ? ? 
metalc ? ? 
# 
loop_
_pdbx_struct_conn_angle.id 
_pdbx_struct_conn_angle.ptnr1_label_atom_id 
_pdbx_struct_conn_angle.ptnr1_label_alt_id 
_pdbx_struct_conn_angle.ptnr1_label_asym_id 
_pdbx_struct_conn_angle.ptnr1_label_comp_id 
_pdbx_struct_conn_angle.ptnr1_label_seq_id 
_pdbx_struct_conn_angle.ptnr1_auth_atom_id 
_pdbx_struct_conn_angle.ptnr1_auth_asym_id 
_pdbx_struct_conn_angle.ptnr1_auth_comp_id 
_pdbx_struct_conn_angle.ptnr1_auth_seq_id 
_pdbx_struct_conn_angle.ptnr1_PDB_ins_code 
_pdbx_struct_conn_angle.ptnr1_symmetry 
_pdbx_struct_conn_angle.ptnr2_label_atom_id 
_pdbx_struct_conn_angle.ptnr2_label_alt_id 
_pdbx_struct_conn_angle.ptnr2_label_asym_id 
_pdbx_struct_conn_angle.ptnr2_label_comp_id 
_pdbx_struct_conn_angle.ptnr2_label_seq_id 
_pdbx_struct_conn_angle.ptnr2_auth_atom_id 
_pdbx_struct_conn_angle.ptnr2_auth_asym_id 
_pdbx_struct_conn_angle.ptnr2_auth_comp_id 
_pdbx_struct_conn_angle.ptnr2_auth_seq_id 
_pdbx_struct_conn_angle.ptnr2_PDB_ins_code 
_pdbx_struct_conn_angle.ptnr2_symmetry 
_pdbx_struct_conn_angle.ptnr3_label_atom_id 
_pdbx_struct_conn_angle.ptnr3_label_alt_id 
_pdbx_struct_conn_angle.ptnr3_label_asym_id 
_pdbx_struct_conn_angle.ptnr3_label_comp_id 
_pdbx_struct_conn_angle.ptnr3_label_seq_id 
_pdbx_struct_conn_angle.ptnr3_auth_atom_id 
_pdbx_struct_conn_angle.ptnr3_auth_asym_id 
_pdbx_struct_conn_angle.ptnr3_auth_comp_id 
_pdbx_struct_conn_angle.ptnr3_auth_seq_id 
_pdbx_struct_conn_angle.ptnr3_PDB_ins_code 
_pdbx_struct_conn_angle.ptnr3_symmetry 
_pdbx_struct_conn_angle.value 
_pdbx_struct_conn_angle.value_esd 
1  O   ? A TYR 27 ? A TYR 28 ? 1_555 CA ? C CA . ? A CA 121 ? 1_555 O   ? A GLY 29 ? A GLY 30 ? 1_555 87.3  ? 
2  O   ? A TYR 27 ? A TYR 28 ? 1_555 CA ? C CA . ? A CA 121 ? 1_555 O   ? A LYS 30 ? A LYS 31 ? 1_555 121.9 ? 
3  O   ? A GLY 29 ? A GLY 30 ? 1_555 CA ? C CA . ? A CA 121 ? 1_555 O   ? A LYS 30 ? A LYS 31 ? 1_555 62.8  ? 
4  O   ? A TYR 27 ? A TYR 28 ? 1_555 CA ? C CA . ? A CA 121 ? 1_555 O   ? A GLY 31 ? A GLY 32 ? 1_555 72.9  ? 
5  O   ? A GLY 29 ? A GLY 30 ? 1_555 CA ? C CA . ? A CA 121 ? 1_555 O   ? A GLY 31 ? A GLY 32 ? 1_555 104.1 ? 
6  O   ? A LYS 30 ? A LYS 31 ? 1_555 CA ? C CA . ? A CA 121 ? 1_555 O   ? A GLY 31 ? A GLY 32 ? 1_555 68.7  ? 
7  O   ? A TYR 27 ? A TYR 28 ? 1_555 CA ? C CA . ? A CA 121 ? 1_555 OD2 ? A ASP 48 ? A ASP 49 ? 1_555 56.0  ? 
8  O   ? A GLY 29 ? A GLY 30 ? 1_555 CA ? C CA . ? A CA 121 ? 1_555 OD2 ? A ASP 48 ? A ASP 49 ? 1_555 140.9 ? 
9  O   ? A LYS 30 ? A LYS 31 ? 1_555 CA ? C CA . ? A CA 121 ? 1_555 OD2 ? A ASP 48 ? A ASP 49 ? 1_555 145.5 ? 
10 O   ? A GLY 31 ? A GLY 32 ? 1_555 CA ? C CA . ? A CA 121 ? 1_555 OD2 ? A ASP 48 ? A ASP 49 ? 1_555 79.2  ? 
11 O   ? A TYR 27 ? A TYR 28 ? 1_555 CA ? C CA . ? A CA 121 ? 1_555 OD1 ? A ASP 48 ? A ASP 49 ? 1_555 70.8  ? 
12 O   ? A GLY 29 ? A GLY 30 ? 1_555 CA ? C CA . ? A CA 121 ? 1_555 OD1 ? A ASP 48 ? A ASP 49 ? 1_555 118.9 ? 
13 O   ? A LYS 30 ? A LYS 31 ? 1_555 CA ? C CA . ? A CA 121 ? 1_555 OD1 ? A ASP 48 ? A ASP 49 ? 1_555 167.0 ? 
14 O   ? A GLY 31 ? A GLY 32 ? 1_555 CA ? C CA . ? A CA 121 ? 1_555 OD1 ? A ASP 48 ? A ASP 49 ? 1_555 120.9 ? 
15 OD2 ? A ASP 48 ? A ASP 49 ? 1_555 CA ? C CA . ? A CA 121 ? 1_555 OD1 ? A ASP 48 ? A ASP 49 ? 1_555 41.8  ? 
16 O   ? A TYR 27 ? A TYR 28 ? 1_555 CA ? C CA . ? A CA 121 ? 1_555 O   ? B ALA 7  ? P ALA 7  ? 1_555 71.5  ? 
17 O   ? A GLY 29 ? A GLY 30 ? 1_555 CA ? C CA . ? A CA 121 ? 1_555 O   ? B ALA 7  ? P ALA 7  ? 1_555 62.1  ? 
18 O   ? A LYS 30 ? A LYS 31 ? 1_555 CA ? C CA . ? A CA 121 ? 1_555 O   ? B ALA 7  ? P ALA 7  ? 1_555 122.0 ? 
19 O   ? A GLY 31 ? A GLY 32 ? 1_555 CA ? C CA . ? A CA 121 ? 1_555 O   ? B ALA 7  ? P ALA 7  ? 1_555 142.2 ? 
20 OD2 ? A ASP 48 ? A ASP 49 ? 1_555 CA ? C CA . ? A CA 121 ? 1_555 O   ? B ALA 7  ? P ALA 7  ? 1_555 91.1  ? 
21 OD1 ? A ASP 48 ? A ASP 49 ? 1_555 CA ? C CA . ? A CA 121 ? 1_555 O   ? B ALA 7  ? P ALA 7  ? 1_555 56.9  ? 
# 
loop_
_pdbx_modification_feature.ordinal 
_pdbx_modification_feature.label_comp_id 
_pdbx_modification_feature.label_asym_id 
_pdbx_modification_feature.label_seq_id 
_pdbx_modification_feature.label_alt_id 
_pdbx_modification_feature.modified_residue_label_comp_id 
_pdbx_modification_feature.modified_residue_label_asym_id 
_pdbx_modification_feature.modified_residue_label_seq_id 
_pdbx_modification_feature.modified_residue_label_alt_id 
_pdbx_modification_feature.auth_comp_id 
_pdbx_modification_feature.auth_asym_id 
_pdbx_modification_feature.auth_seq_id 
_pdbx_modification_feature.PDB_ins_code 
_pdbx_modification_feature.symmetry 
_pdbx_modification_feature.modified_residue_auth_comp_id 
_pdbx_modification_feature.modified_residue_auth_asym_id 
_pdbx_modification_feature.modified_residue_auth_seq_id 
_pdbx_modification_feature.modified_residue_PDB_ins_code 
_pdbx_modification_feature.modified_residue_symmetry 
_pdbx_modification_feature.comp_id_linking_atom 
_pdbx_modification_feature.modified_residue_id_linking_atom 
_pdbx_modification_feature.modified_residue_id 
_pdbx_modification_feature.ref_pcm_id 
_pdbx_modification_feature.ref_comp_id 
_pdbx_modification_feature.type 
_pdbx_modification_feature.category 
1 CYS A 11 ? CYS A 71  ? CYS A 11 ? 1_555 CYS A 72  ? 1_555 SG SG . . . None 'Disulfide bridge' 
2 CYS A 26 ? CYS A 118 ? CYS A 27 ? 1_555 CYS A 119 ? 1_555 SG SG . . . None 'Disulfide bridge' 
3 CYS A 28 ? CYS A 44  ? CYS A 29 ? 1_555 CYS A 45  ? 1_555 SG SG . . . None 'Disulfide bridge' 
4 CYS A 43 ? CYS A 99  ? CYS A 44 ? 1_555 CYS A 100 ? 1_555 SG SG . . . None 'Disulfide bridge' 
5 CYS A 50 ? CYS A 92  ? CYS A 51 ? 1_555 CYS A 93  ? 1_555 SG SG . . . None 'Disulfide bridge' 
6 CYS A 60 ? CYS A 85  ? CYS A 61 ? 1_555 CYS A 86  ? 1_555 SG SG . . . None 'Disulfide bridge' 
7 CYS A 78 ? CYS A 90  ? CYS A 79 ? 1_555 CYS A 91  ? 1_555 SG SG . . . None 'Disulfide bridge' 
# 
loop_
_struct_sheet.id 
_struct_sheet.type 
_struct_sheet.number_strands 
_struct_sheet.details 
A ? 2 ? 
B ? 2 ? 
# 
loop_
_struct_sheet_order.sheet_id 
_struct_sheet_order.range_id_1 
_struct_sheet_order.range_id_2 
_struct_sheet_order.offset 
_struct_sheet_order.sense 
A 1 2 ? anti-parallel 
B 1 2 ? anti-parallel 
# 
loop_
_struct_sheet_range.sheet_id 
_struct_sheet_range.id 
_struct_sheet_range.beg_label_comp_id 
_struct_sheet_range.beg_label_asym_id 
_struct_sheet_range.beg_label_seq_id 
_struct_sheet_range.pdbx_beg_PDB_ins_code 
_struct_sheet_range.end_label_comp_id 
_struct_sheet_range.end_label_asym_id 
_struct_sheet_range.end_label_seq_id 
_struct_sheet_range.pdbx_end_PDB_ins_code 
_struct_sheet_range.beg_auth_comp_id 
_struct_sheet_range.beg_auth_asym_id 
_struct_sheet_range.beg_auth_seq_id 
_struct_sheet_range.end_auth_comp_id 
_struct_sheet_range.end_auth_asym_id 
_struct_sheet_range.end_auth_seq_id 
A 1 ASP A 23 ? TYR A 24 ? ASP A 24 TYR A 25 
A 2 CYS A 28 ? GLY A 29 ? CYS A 29 GLY A 30 
B 1 TYR A 69 ? THR A 72 ? TYR A 70 THR A 73 
B 2 THR A 75 ? CYS A 78 ? THR A 76 CYS A 79 
# 
loop_
_pdbx_struct_sheet_hbond.sheet_id 
_pdbx_struct_sheet_hbond.range_id_1 
_pdbx_struct_sheet_hbond.range_id_2 
_pdbx_struct_sheet_hbond.range_1_label_atom_id 
_pdbx_struct_sheet_hbond.range_1_label_comp_id 
_pdbx_struct_sheet_hbond.range_1_label_asym_id 
_pdbx_struct_sheet_hbond.range_1_label_seq_id 
_pdbx_struct_sheet_hbond.range_1_PDB_ins_code 
_pdbx_struct_sheet_hbond.range_1_auth_atom_id 
_pdbx_struct_sheet_hbond.range_1_auth_comp_id 
_pdbx_struct_sheet_hbond.range_1_auth_asym_id 
_pdbx_struct_sheet_hbond.range_1_auth_seq_id 
_pdbx_struct_sheet_hbond.range_2_label_atom_id 
_pdbx_struct_sheet_hbond.range_2_label_comp_id 
_pdbx_struct_sheet_hbond.range_2_label_asym_id 
_pdbx_struct_sheet_hbond.range_2_label_seq_id 
_pdbx_struct_sheet_hbond.range_2_PDB_ins_code 
_pdbx_struct_sheet_hbond.range_2_auth_atom_id 
_pdbx_struct_sheet_hbond.range_2_auth_comp_id 
_pdbx_struct_sheet_hbond.range_2_auth_asym_id 
_pdbx_struct_sheet_hbond.range_2_auth_seq_id 
A 1 2 N TYR A 24 ? N TYR A 25 O CYS A 28 ? O CYS A 29 
B 1 2 N GLU A 70 ? N GLU A 71 O THR A 77 ? O THR A 78 
# 
_struct_site.id                   AC1 
_struct_site.pdbx_evidence_code   Software 
_struct_site.pdbx_auth_asym_id    A 
_struct_site.pdbx_auth_comp_id    CA 
_struct_site.pdbx_auth_seq_id     121 
_struct_site.pdbx_auth_ins_code   ? 
_struct_site.pdbx_num_residues    6 
_struct_site.details              'BINDING SITE FOR RESIDUE CA A 121' 
# 
loop_
_struct_site_gen.id 
_struct_site_gen.site_id 
_struct_site_gen.pdbx_num_res 
_struct_site_gen.label_comp_id 
_struct_site_gen.label_asym_id 
_struct_site_gen.label_seq_id 
_struct_site_gen.pdbx_auth_ins_code 
_struct_site_gen.auth_comp_id 
_struct_site_gen.auth_asym_id 
_struct_site_gen.auth_seq_id 
_struct_site_gen.label_atom_id 
_struct_site_gen.label_alt_id 
_struct_site_gen.symmetry 
_struct_site_gen.details 
1 AC1 6 TYR A 27 ? TYR A 28 . ? 1_555 ? 
2 AC1 6 GLY A 29 ? GLY A 30 . ? 1_555 ? 
3 AC1 6 LYS A 30 ? LYS A 31 . ? 1_555 ? 
4 AC1 6 GLY A 31 ? GLY A 32 . ? 1_555 ? 
5 AC1 6 ASP A 48 ? ASP A 49 . ? 1_555 ? 
6 AC1 6 ALA B 7  ? ALA P 7  . ? 1_555 ? 
# 
_pdbx_entry_details.entry_id                   3GCI 
_pdbx_entry_details.sequence_details           
;IN CHAIN A, RESIDUE NUMBER 16 IS SIMPLY SKIPPED.
THE AUTHORS BELIEVE THAT THE SEQRES IS CORRECT AND THESE 
MUTATIONS ARE PRESENT IN THE DEPOSITED SEQUENCE.
;
_pdbx_entry_details.nonpolymer_details         ? 
_pdbx_entry_details.compound_details           ? 
_pdbx_entry_details.source_details             ? 
_pdbx_entry_details.has_ligand_of_interest     ? 
_pdbx_entry_details.has_protein_modification   Y 
# 
loop_
_pdbx_validate_torsion.id 
_pdbx_validate_torsion.PDB_model_num 
_pdbx_validate_torsion.auth_comp_id 
_pdbx_validate_torsion.auth_asym_id 
_pdbx_validate_torsion.auth_seq_id 
_pdbx_validate_torsion.PDB_ins_code 
_pdbx_validate_torsion.label_alt_id 
_pdbx_validate_torsion.phi 
_pdbx_validate_torsion.psi 
1 1 ASP A 24 ? ? -160.21 75.53  
2 1 LYS A 31 ? ? -46.37  -76.14 
3 1 VAL P 4  ? ? -102.20 -88.33 
# 
loop_
_chem_comp_atom.comp_id 
_chem_comp_atom.atom_id 
_chem_comp_atom.type_symbol 
_chem_comp_atom.pdbx_aromatic_flag 
_chem_comp_atom.pdbx_stereo_config 
_chem_comp_atom.pdbx_ordinal 
ALA N    N  N N 1   
ALA CA   C  N S 2   
ALA C    C  N N 3   
ALA O    O  N N 4   
ALA CB   C  N N 5   
ALA OXT  O  N N 6   
ALA H    H  N N 7   
ALA H2   H  N N 8   
ALA HA   H  N N 9   
ALA HB1  H  N N 10  
ALA HB2  H  N N 11  
ALA HB3  H  N N 12  
ALA HXT  H  N N 13  
ARG N    N  N N 14  
ARG CA   C  N S 15  
ARG C    C  N N 16  
ARG O    O  N N 17  
ARG CB   C  N N 18  
ARG CG   C  N N 19  
ARG CD   C  N N 20  
ARG NE   N  N N 21  
ARG CZ   C  N N 22  
ARG NH1  N  N N 23  
ARG NH2  N  N N 24  
ARG OXT  O  N N 25  
ARG H    H  N N 26  
ARG H2   H  N N 27  
ARG HA   H  N N 28  
ARG HB2  H  N N 29  
ARG HB3  H  N N 30  
ARG HG2  H  N N 31  
ARG HG3  H  N N 32  
ARG HD2  H  N N 33  
ARG HD3  H  N N 34  
ARG HE   H  N N 35  
ARG HH11 H  N N 36  
ARG HH12 H  N N 37  
ARG HH21 H  N N 38  
ARG HH22 H  N N 39  
ARG HXT  H  N N 40  
ASN N    N  N N 41  
ASN CA   C  N S 42  
ASN C    C  N N 43  
ASN O    O  N N 44  
ASN CB   C  N N 45  
ASN CG   C  N N 46  
ASN OD1  O  N N 47  
ASN ND2  N  N N 48  
ASN OXT  O  N N 49  
ASN H    H  N N 50  
ASN H2   H  N N 51  
ASN HA   H  N N 52  
ASN HB2  H  N N 53  
ASN HB3  H  N N 54  
ASN HD21 H  N N 55  
ASN HD22 H  N N 56  
ASN HXT  H  N N 57  
ASP N    N  N N 58  
ASP CA   C  N S 59  
ASP C    C  N N 60  
ASP O    O  N N 61  
ASP CB   C  N N 62  
ASP CG   C  N N 63  
ASP OD1  O  N N 64  
ASP OD2  O  N N 65  
ASP OXT  O  N N 66  
ASP H    H  N N 67  
ASP H2   H  N N 68  
ASP HA   H  N N 69  
ASP HB2  H  N N 70  
ASP HB3  H  N N 71  
ASP HD2  H  N N 72  
ASP HXT  H  N N 73  
CA  CA   CA N N 74  
CYS N    N  N N 75  
CYS CA   C  N R 76  
CYS C    C  N N 77  
CYS O    O  N N 78  
CYS CB   C  N N 79  
CYS SG   S  N N 80  
CYS OXT  O  N N 81  
CYS H    H  N N 82  
CYS H2   H  N N 83  
CYS HA   H  N N 84  
CYS HB2  H  N N 85  
CYS HB3  H  N N 86  
CYS HG   H  N N 87  
CYS HXT  H  N N 88  
GLN N    N  N N 89  
GLN CA   C  N S 90  
GLN C    C  N N 91  
GLN O    O  N N 92  
GLN CB   C  N N 93  
GLN CG   C  N N 94  
GLN CD   C  N N 95  
GLN OE1  O  N N 96  
GLN NE2  N  N N 97  
GLN OXT  O  N N 98  
GLN H    H  N N 99  
GLN H2   H  N N 100 
GLN HA   H  N N 101 
GLN HB2  H  N N 102 
GLN HB3  H  N N 103 
GLN HG2  H  N N 104 
GLN HG3  H  N N 105 
GLN HE21 H  N N 106 
GLN HE22 H  N N 107 
GLN HXT  H  N N 108 
GLU N    N  N N 109 
GLU CA   C  N S 110 
GLU C    C  N N 111 
GLU O    O  N N 112 
GLU CB   C  N N 113 
GLU CG   C  N N 114 
GLU CD   C  N N 115 
GLU OE1  O  N N 116 
GLU OE2  O  N N 117 
GLU OXT  O  N N 118 
GLU H    H  N N 119 
GLU H2   H  N N 120 
GLU HA   H  N N 121 
GLU HB2  H  N N 122 
GLU HB3  H  N N 123 
GLU HG2  H  N N 124 
GLU HG3  H  N N 125 
GLU HE2  H  N N 126 
GLU HXT  H  N N 127 
GLY N    N  N N 128 
GLY CA   C  N N 129 
GLY C    C  N N 130 
GLY O    O  N N 131 
GLY OXT  O  N N 132 
GLY H    H  N N 133 
GLY H2   H  N N 134 
GLY HA2  H  N N 135 
GLY HA3  H  N N 136 
GLY HXT  H  N N 137 
HIS N    N  N N 138 
HIS CA   C  N S 139 
HIS C    C  N N 140 
HIS O    O  N N 141 
HIS CB   C  N N 142 
HIS CG   C  Y N 143 
HIS ND1  N  Y N 144 
HIS CD2  C  Y N 145 
HIS CE1  C  Y N 146 
HIS NE2  N  Y N 147 
HIS OXT  O  N N 148 
HIS H    H  N N 149 
HIS H2   H  N N 150 
HIS HA   H  N N 151 
HIS HB2  H  N N 152 
HIS HB3  H  N N 153 
HIS HD1  H  N N 154 
HIS HD2  H  N N 155 
HIS HE1  H  N N 156 
HIS HE2  H  N N 157 
HIS HXT  H  N N 158 
HOH O    O  N N 159 
HOH H1   H  N N 160 
HOH H2   H  N N 161 
ILE N    N  N N 162 
ILE CA   C  N S 163 
ILE C    C  N N 164 
ILE O    O  N N 165 
ILE CB   C  N S 166 
ILE CG1  C  N N 167 
ILE CG2  C  N N 168 
ILE CD1  C  N N 169 
ILE OXT  O  N N 170 
ILE H    H  N N 171 
ILE H2   H  N N 172 
ILE HA   H  N N 173 
ILE HB   H  N N 174 
ILE HG12 H  N N 175 
ILE HG13 H  N N 176 
ILE HG21 H  N N 177 
ILE HG22 H  N N 178 
ILE HG23 H  N N 179 
ILE HD11 H  N N 180 
ILE HD12 H  N N 181 
ILE HD13 H  N N 182 
ILE HXT  H  N N 183 
LEU N    N  N N 184 
LEU CA   C  N S 185 
LEU C    C  N N 186 
LEU O    O  N N 187 
LEU CB   C  N N 188 
LEU CG   C  N N 189 
LEU CD1  C  N N 190 
LEU CD2  C  N N 191 
LEU OXT  O  N N 192 
LEU H    H  N N 193 
LEU H2   H  N N 194 
LEU HA   H  N N 195 
LEU HB2  H  N N 196 
LEU HB3  H  N N 197 
LEU HG   H  N N 198 
LEU HD11 H  N N 199 
LEU HD12 H  N N 200 
LEU HD13 H  N N 201 
LEU HD21 H  N N 202 
LEU HD22 H  N N 203 
LEU HD23 H  N N 204 
LEU HXT  H  N N 205 
LYS N    N  N N 206 
LYS CA   C  N S 207 
LYS C    C  N N 208 
LYS O    O  N N 209 
LYS CB   C  N N 210 
LYS CG   C  N N 211 
LYS CD   C  N N 212 
LYS CE   C  N N 213 
LYS NZ   N  N N 214 
LYS OXT  O  N N 215 
LYS H    H  N N 216 
LYS H2   H  N N 217 
LYS HA   H  N N 218 
LYS HB2  H  N N 219 
LYS HB3  H  N N 220 
LYS HG2  H  N N 221 
LYS HG3  H  N N 222 
LYS HD2  H  N N 223 
LYS HD3  H  N N 224 
LYS HE2  H  N N 225 
LYS HE3  H  N N 226 
LYS HZ1  H  N N 227 
LYS HZ2  H  N N 228 
LYS HZ3  H  N N 229 
LYS HXT  H  N N 230 
MET N    N  N N 231 
MET CA   C  N S 232 
MET C    C  N N 233 
MET O    O  N N 234 
MET CB   C  N N 235 
MET CG   C  N N 236 
MET SD   S  N N 237 
MET CE   C  N N 238 
MET OXT  O  N N 239 
MET H    H  N N 240 
MET H2   H  N N 241 
MET HA   H  N N 242 
MET HB2  H  N N 243 
MET HB3  H  N N 244 
MET HG2  H  N N 245 
MET HG3  H  N N 246 
MET HE1  H  N N 247 
MET HE2  H  N N 248 
MET HE3  H  N N 249 
MET HXT  H  N N 250 
PHE N    N  N N 251 
PHE CA   C  N S 252 
PHE C    C  N N 253 
PHE O    O  N N 254 
PHE CB   C  N N 255 
PHE CG   C  Y N 256 
PHE CD1  C  Y N 257 
PHE CD2  C  Y N 258 
PHE CE1  C  Y N 259 
PHE CE2  C  Y N 260 
PHE CZ   C  Y N 261 
PHE OXT  O  N N 262 
PHE H    H  N N 263 
PHE H2   H  N N 264 
PHE HA   H  N N 265 
PHE HB2  H  N N 266 
PHE HB3  H  N N 267 
PHE HD1  H  N N 268 
PHE HD2  H  N N 269 
PHE HE1  H  N N 270 
PHE HE2  H  N N 271 
PHE HZ   H  N N 272 
PHE HXT  H  N N 273 
PRO N    N  N N 274 
PRO CA   C  N S 275 
PRO C    C  N N 276 
PRO O    O  N N 277 
PRO CB   C  N N 278 
PRO CG   C  N N 279 
PRO CD   C  N N 280 
PRO OXT  O  N N 281 
PRO H    H  N N 282 
PRO HA   H  N N 283 
PRO HB2  H  N N 284 
PRO HB3  H  N N 285 
PRO HG2  H  N N 286 
PRO HG3  H  N N 287 
PRO HD2  H  N N 288 
PRO HD3  H  N N 289 
PRO HXT  H  N N 290 
SER N    N  N N 291 
SER CA   C  N S 292 
SER C    C  N N 293 
SER O    O  N N 294 
SER CB   C  N N 295 
SER OG   O  N N 296 
SER OXT  O  N N 297 
SER H    H  N N 298 
SER H2   H  N N 299 
SER HA   H  N N 300 
SER HB2  H  N N 301 
SER HB3  H  N N 302 
SER HG   H  N N 303 
SER HXT  H  N N 304 
THR N    N  N N 305 
THR CA   C  N S 306 
THR C    C  N N 307 
THR O    O  N N 308 
THR CB   C  N R 309 
THR OG1  O  N N 310 
THR CG2  C  N N 311 
THR OXT  O  N N 312 
THR H    H  N N 313 
THR H2   H  N N 314 
THR HA   H  N N 315 
THR HB   H  N N 316 
THR HG1  H  N N 317 
THR HG21 H  N N 318 
THR HG22 H  N N 319 
THR HG23 H  N N 320 
THR HXT  H  N N 321 
TRP N    N  N N 322 
TRP CA   C  N S 323 
TRP C    C  N N 324 
TRP O    O  N N 325 
TRP CB   C  N N 326 
TRP CG   C  Y N 327 
TRP CD1  C  Y N 328 
TRP CD2  C  Y N 329 
TRP NE1  N  Y N 330 
TRP CE2  C  Y N 331 
TRP CE3  C  Y N 332 
TRP CZ2  C  Y N 333 
TRP CZ3  C  Y N 334 
TRP CH2  C  Y N 335 
TRP OXT  O  N N 336 
TRP H    H  N N 337 
TRP H2   H  N N 338 
TRP HA   H  N N 339 
TRP HB2  H  N N 340 
TRP HB3  H  N N 341 
TRP HD1  H  N N 342 
TRP HE1  H  N N 343 
TRP HE3  H  N N 344 
TRP HZ2  H  N N 345 
TRP HZ3  H  N N 346 
TRP HH2  H  N N 347 
TRP HXT  H  N N 348 
TYR N    N  N N 349 
TYR CA   C  N S 350 
TYR C    C  N N 351 
TYR O    O  N N 352 
TYR CB   C  N N 353 
TYR CG   C  Y N 354 
TYR CD1  C  Y N 355 
TYR CD2  C  Y N 356 
TYR CE1  C  Y N 357 
TYR CE2  C  Y N 358 
TYR CZ   C  Y N 359 
TYR OH   O  N N 360 
TYR OXT  O  N N 361 
TYR H    H  N N 362 
TYR H2   H  N N 363 
TYR HA   H  N N 364 
TYR HB2  H  N N 365 
TYR HB3  H  N N 366 
TYR HD1  H  N N 367 
TYR HD2  H  N N 368 
TYR HE1  H  N N 369 
TYR HE2  H  N N 370 
TYR HH   H  N N 371 
TYR HXT  H  N N 372 
VAL N    N  N N 373 
VAL CA   C  N S 374 
VAL C    C  N N 375 
VAL O    O  N N 376 
VAL CB   C  N N 377 
VAL CG1  C  N N 378 
VAL CG2  C  N N 379 
VAL OXT  O  N N 380 
VAL H    H  N N 381 
VAL H2   H  N N 382 
VAL HA   H  N N 383 
VAL HB   H  N N 384 
VAL HG11 H  N N 385 
VAL HG12 H  N N 386 
VAL HG13 H  N N 387 
VAL HG21 H  N N 388 
VAL HG22 H  N N 389 
VAL HG23 H  N N 390 
VAL HXT  H  N N 391 
# 
loop_
_chem_comp_bond.comp_id 
_chem_comp_bond.atom_id_1 
_chem_comp_bond.atom_id_2 
_chem_comp_bond.value_order 
_chem_comp_bond.pdbx_aromatic_flag 
_chem_comp_bond.pdbx_stereo_config 
_chem_comp_bond.pdbx_ordinal 
ALA N   CA   sing N N 1   
ALA N   H    sing N N 2   
ALA N   H2   sing N N 3   
ALA CA  C    sing N N 4   
ALA CA  CB   sing N N 5   
ALA CA  HA   sing N N 6   
ALA C   O    doub N N 7   
ALA C   OXT  sing N N 8   
ALA CB  HB1  sing N N 9   
ALA CB  HB2  sing N N 10  
ALA CB  HB3  sing N N 11  
ALA OXT HXT  sing N N 12  
ARG N   CA   sing N N 13  
ARG N   H    sing N N 14  
ARG N   H2   sing N N 15  
ARG CA  C    sing N N 16  
ARG CA  CB   sing N N 17  
ARG CA  HA   sing N N 18  
ARG C   O    doub N N 19  
ARG C   OXT  sing N N 20  
ARG CB  CG   sing N N 21  
ARG CB  HB2  sing N N 22  
ARG CB  HB3  sing N N 23  
ARG CG  CD   sing N N 24  
ARG CG  HG2  sing N N 25  
ARG CG  HG3  sing N N 26  
ARG CD  NE   sing N N 27  
ARG CD  HD2  sing N N 28  
ARG CD  HD3  sing N N 29  
ARG NE  CZ   sing N N 30  
ARG NE  HE   sing N N 31  
ARG CZ  NH1  sing N N 32  
ARG CZ  NH2  doub N N 33  
ARG NH1 HH11 sing N N 34  
ARG NH1 HH12 sing N N 35  
ARG NH2 HH21 sing N N 36  
ARG NH2 HH22 sing N N 37  
ARG OXT HXT  sing N N 38  
ASN N   CA   sing N N 39  
ASN N   H    sing N N 40  
ASN N   H2   sing N N 41  
ASN CA  C    sing N N 42  
ASN CA  CB   sing N N 43  
ASN CA  HA   sing N N 44  
ASN C   O    doub N N 45  
ASN C   OXT  sing N N 46  
ASN CB  CG   sing N N 47  
ASN CB  HB2  sing N N 48  
ASN CB  HB3  sing N N 49  
ASN CG  OD1  doub N N 50  
ASN CG  ND2  sing N N 51  
ASN ND2 HD21 sing N N 52  
ASN ND2 HD22 sing N N 53  
ASN OXT HXT  sing N N 54  
ASP N   CA   sing N N 55  
ASP N   H    sing N N 56  
ASP N   H2   sing N N 57  
ASP CA  C    sing N N 58  
ASP CA  CB   sing N N 59  
ASP CA  HA   sing N N 60  
ASP C   O    doub N N 61  
ASP C   OXT  sing N N 62  
ASP CB  CG   sing N N 63  
ASP CB  HB2  sing N N 64  
ASP CB  HB3  sing N N 65  
ASP CG  OD1  doub N N 66  
ASP CG  OD2  sing N N 67  
ASP OD2 HD2  sing N N 68  
ASP OXT HXT  sing N N 69  
CYS N   CA   sing N N 70  
CYS N   H    sing N N 71  
CYS N   H2   sing N N 72  
CYS CA  C    sing N N 73  
CYS CA  CB   sing N N 74  
CYS CA  HA   sing N N 75  
CYS C   O    doub N N 76  
CYS C   OXT  sing N N 77  
CYS CB  SG   sing N N 78  
CYS CB  HB2  sing N N 79  
CYS CB  HB3  sing N N 80  
CYS SG  HG   sing N N 81  
CYS OXT HXT  sing N N 82  
GLN N   CA   sing N N 83  
GLN N   H    sing N N 84  
GLN N   H2   sing N N 85  
GLN CA  C    sing N N 86  
GLN CA  CB   sing N N 87  
GLN CA  HA   sing N N 88  
GLN C   O    doub N N 89  
GLN C   OXT  sing N N 90  
GLN CB  CG   sing N N 91  
GLN CB  HB2  sing N N 92  
GLN CB  HB3  sing N N 93  
GLN CG  CD   sing N N 94  
GLN CG  HG2  sing N N 95  
GLN CG  HG3  sing N N 96  
GLN CD  OE1  doub N N 97  
GLN CD  NE2  sing N N 98  
GLN NE2 HE21 sing N N 99  
GLN NE2 HE22 sing N N 100 
GLN OXT HXT  sing N N 101 
GLU N   CA   sing N N 102 
GLU N   H    sing N N 103 
GLU N   H2   sing N N 104 
GLU CA  C    sing N N 105 
GLU CA  CB   sing N N 106 
GLU CA  HA   sing N N 107 
GLU C   O    doub N N 108 
GLU C   OXT  sing N N 109 
GLU CB  CG   sing N N 110 
GLU CB  HB2  sing N N 111 
GLU CB  HB3  sing N N 112 
GLU CG  CD   sing N N 113 
GLU CG  HG2  sing N N 114 
GLU CG  HG3  sing N N 115 
GLU CD  OE1  doub N N 116 
GLU CD  OE2  sing N N 117 
GLU OE2 HE2  sing N N 118 
GLU OXT HXT  sing N N 119 
GLY N   CA   sing N N 120 
GLY N   H    sing N N 121 
GLY N   H2   sing N N 122 
GLY CA  C    sing N N 123 
GLY CA  HA2  sing N N 124 
GLY CA  HA3  sing N N 125 
GLY C   O    doub N N 126 
GLY C   OXT  sing N N 127 
GLY OXT HXT  sing N N 128 
HIS N   CA   sing N N 129 
HIS N   H    sing N N 130 
HIS N   H2   sing N N 131 
HIS CA  C    sing N N 132 
HIS CA  CB   sing N N 133 
HIS CA  HA   sing N N 134 
HIS C   O    doub N N 135 
HIS C   OXT  sing N N 136 
HIS CB  CG   sing N N 137 
HIS CB  HB2  sing N N 138 
HIS CB  HB3  sing N N 139 
HIS CG  ND1  sing Y N 140 
HIS CG  CD2  doub Y N 141 
HIS ND1 CE1  doub Y N 142 
HIS ND1 HD1  sing N N 143 
HIS CD2 NE2  sing Y N 144 
HIS CD2 HD2  sing N N 145 
HIS CE1 NE2  sing Y N 146 
HIS CE1 HE1  sing N N 147 
HIS NE2 HE2  sing N N 148 
HIS OXT HXT  sing N N 149 
HOH O   H1   sing N N 150 
HOH O   H2   sing N N 151 
ILE N   CA   sing N N 152 
ILE N   H    sing N N 153 
ILE N   H2   sing N N 154 
ILE CA  C    sing N N 155 
ILE CA  CB   sing N N 156 
ILE CA  HA   sing N N 157 
ILE C   O    doub N N 158 
ILE C   OXT  sing N N 159 
ILE CB  CG1  sing N N 160 
ILE CB  CG2  sing N N 161 
ILE CB  HB   sing N N 162 
ILE CG1 CD1  sing N N 163 
ILE CG1 HG12 sing N N 164 
ILE CG1 HG13 sing N N 165 
ILE CG2 HG21 sing N N 166 
ILE CG2 HG22 sing N N 167 
ILE CG2 HG23 sing N N 168 
ILE CD1 HD11 sing N N 169 
ILE CD1 HD12 sing N N 170 
ILE CD1 HD13 sing N N 171 
ILE OXT HXT  sing N N 172 
LEU N   CA   sing N N 173 
LEU N   H    sing N N 174 
LEU N   H2   sing N N 175 
LEU CA  C    sing N N 176 
LEU CA  CB   sing N N 177 
LEU CA  HA   sing N N 178 
LEU C   O    doub N N 179 
LEU C   OXT  sing N N 180 
LEU CB  CG   sing N N 181 
LEU CB  HB2  sing N N 182 
LEU CB  HB3  sing N N 183 
LEU CG  CD1  sing N N 184 
LEU CG  CD2  sing N N 185 
LEU CG  HG   sing N N 186 
LEU CD1 HD11 sing N N 187 
LEU CD1 HD12 sing N N 188 
LEU CD1 HD13 sing N N 189 
LEU CD2 HD21 sing N N 190 
LEU CD2 HD22 sing N N 191 
LEU CD2 HD23 sing N N 192 
LEU OXT HXT  sing N N 193 
LYS N   CA   sing N N 194 
LYS N   H    sing N N 195 
LYS N   H2   sing N N 196 
LYS CA  C    sing N N 197 
LYS CA  CB   sing N N 198 
LYS CA  HA   sing N N 199 
LYS C   O    doub N N 200 
LYS C   OXT  sing N N 201 
LYS CB  CG   sing N N 202 
LYS CB  HB2  sing N N 203 
LYS CB  HB3  sing N N 204 
LYS CG  CD   sing N N 205 
LYS CG  HG2  sing N N 206 
LYS CG  HG3  sing N N 207 
LYS CD  CE   sing N N 208 
LYS CD  HD2  sing N N 209 
LYS CD  HD3  sing N N 210 
LYS CE  NZ   sing N N 211 
LYS CE  HE2  sing N N 212 
LYS CE  HE3  sing N N 213 
LYS NZ  HZ1  sing N N 214 
LYS NZ  HZ2  sing N N 215 
LYS NZ  HZ3  sing N N 216 
LYS OXT HXT  sing N N 217 
MET N   CA   sing N N 218 
MET N   H    sing N N 219 
MET N   H2   sing N N 220 
MET CA  C    sing N N 221 
MET CA  CB   sing N N 222 
MET CA  HA   sing N N 223 
MET C   O    doub N N 224 
MET C   OXT  sing N N 225 
MET CB  CG   sing N N 226 
MET CB  HB2  sing N N 227 
MET CB  HB3  sing N N 228 
MET CG  SD   sing N N 229 
MET CG  HG2  sing N N 230 
MET CG  HG3  sing N N 231 
MET SD  CE   sing N N 232 
MET CE  HE1  sing N N 233 
MET CE  HE2  sing N N 234 
MET CE  HE3  sing N N 235 
MET OXT HXT  sing N N 236 
PHE N   CA   sing N N 237 
PHE N   H    sing N N 238 
PHE N   H2   sing N N 239 
PHE CA  C    sing N N 240 
PHE CA  CB   sing N N 241 
PHE CA  HA   sing N N 242 
PHE C   O    doub N N 243 
PHE C   OXT  sing N N 244 
PHE CB  CG   sing N N 245 
PHE CB  HB2  sing N N 246 
PHE CB  HB3  sing N N 247 
PHE CG  CD1  doub Y N 248 
PHE CG  CD2  sing Y N 249 
PHE CD1 CE1  sing Y N 250 
PHE CD1 HD1  sing N N 251 
PHE CD2 CE2  doub Y N 252 
PHE CD2 HD2  sing N N 253 
PHE CE1 CZ   doub Y N 254 
PHE CE1 HE1  sing N N 255 
PHE CE2 CZ   sing Y N 256 
PHE CE2 HE2  sing N N 257 
PHE CZ  HZ   sing N N 258 
PHE OXT HXT  sing N N 259 
PRO N   CA   sing N N 260 
PRO N   CD   sing N N 261 
PRO N   H    sing N N 262 
PRO CA  C    sing N N 263 
PRO CA  CB   sing N N 264 
PRO CA  HA   sing N N 265 
PRO C   O    doub N N 266 
PRO C   OXT  sing N N 267 
PRO CB  CG   sing N N 268 
PRO CB  HB2  sing N N 269 
PRO CB  HB3  sing N N 270 
PRO CG  CD   sing N N 271 
PRO CG  HG2  sing N N 272 
PRO CG  HG3  sing N N 273 
PRO CD  HD2  sing N N 274 
PRO CD  HD3  sing N N 275 
PRO OXT HXT  sing N N 276 
SER N   CA   sing N N 277 
SER N   H    sing N N 278 
SER N   H2   sing N N 279 
SER CA  C    sing N N 280 
SER CA  CB   sing N N 281 
SER CA  HA   sing N N 282 
SER C   O    doub N N 283 
SER C   OXT  sing N N 284 
SER CB  OG   sing N N 285 
SER CB  HB2  sing N N 286 
SER CB  HB3  sing N N 287 
SER OG  HG   sing N N 288 
SER OXT HXT  sing N N 289 
THR N   CA   sing N N 290 
THR N   H    sing N N 291 
THR N   H2   sing N N 292 
THR CA  C    sing N N 293 
THR CA  CB   sing N N 294 
THR CA  HA   sing N N 295 
THR C   O    doub N N 296 
THR C   OXT  sing N N 297 
THR CB  OG1  sing N N 298 
THR CB  CG2  sing N N 299 
THR CB  HB   sing N N 300 
THR OG1 HG1  sing N N 301 
THR CG2 HG21 sing N N 302 
THR CG2 HG22 sing N N 303 
THR CG2 HG23 sing N N 304 
THR OXT HXT  sing N N 305 
TRP N   CA   sing N N 306 
TRP N   H    sing N N 307 
TRP N   H2   sing N N 308 
TRP CA  C    sing N N 309 
TRP CA  CB   sing N N 310 
TRP CA  HA   sing N N 311 
TRP C   O    doub N N 312 
TRP C   OXT  sing N N 313 
TRP CB  CG   sing N N 314 
TRP CB  HB2  sing N N 315 
TRP CB  HB3  sing N N 316 
TRP CG  CD1  doub Y N 317 
TRP CG  CD2  sing Y N 318 
TRP CD1 NE1  sing Y N 319 
TRP CD1 HD1  sing N N 320 
TRP CD2 CE2  doub Y N 321 
TRP CD2 CE3  sing Y N 322 
TRP NE1 CE2  sing Y N 323 
TRP NE1 HE1  sing N N 324 
TRP CE2 CZ2  sing Y N 325 
TRP CE3 CZ3  doub Y N 326 
TRP CE3 HE3  sing N N 327 
TRP CZ2 CH2  doub Y N 328 
TRP CZ2 HZ2  sing N N 329 
TRP CZ3 CH2  sing Y N 330 
TRP CZ3 HZ3  sing N N 331 
TRP CH2 HH2  sing N N 332 
TRP OXT HXT  sing N N 333 
TYR N   CA   sing N N 334 
TYR N   H    sing N N 335 
TYR N   H2   sing N N 336 
TYR CA  C    sing N N 337 
TYR CA  CB   sing N N 338 
TYR CA  HA   sing N N 339 
TYR C   O    doub N N 340 
TYR C   OXT  sing N N 341 
TYR CB  CG   sing N N 342 
TYR CB  HB2  sing N N 343 
TYR CB  HB3  sing N N 344 
TYR CG  CD1  doub Y N 345 
TYR CG  CD2  sing Y N 346 
TYR CD1 CE1  sing Y N 347 
TYR CD1 HD1  sing N N 348 
TYR CD2 CE2  doub Y N 349 
TYR CD2 HD2  sing N N 350 
TYR CE1 CZ   doub Y N 351 
TYR CE1 HE1  sing N N 352 
TYR CE2 CZ   sing Y N 353 
TYR CE2 HE2  sing N N 354 
TYR CZ  OH   sing N N 355 
TYR OH  HH   sing N N 356 
TYR OXT HXT  sing N N 357 
VAL N   CA   sing N N 358 
VAL N   H    sing N N 359 
VAL N   H2   sing N N 360 
VAL CA  C    sing N N 361 
VAL CA  CB   sing N N 362 
VAL CA  HA   sing N N 363 
VAL C   O    doub N N 364 
VAL C   OXT  sing N N 365 
VAL CB  CG1  sing N N 366 
VAL CB  CG2  sing N N 367 
VAL CB  HB   sing N N 368 
VAL CG1 HG11 sing N N 369 
VAL CG1 HG12 sing N N 370 
VAL CG1 HG13 sing N N 371 
VAL CG2 HG21 sing N N 372 
VAL CG2 HG22 sing N N 373 
VAL CG2 HG23 sing N N 374 
VAL OXT HXT  sing N N 375 
# 
_pdbx_initial_refinement_model.id               1 
_pdbx_initial_refinement_model.entity_id_list   ? 
_pdbx_initial_refinement_model.type             'experimental model' 
_pdbx_initial_refinement_model.source_name      PDB 
_pdbx_initial_refinement_model.accession_code   1MF4 
_pdbx_initial_refinement_model.details          'PDB ENTRY 1MF4' 
# 
_atom_sites.entry_id                    3GCI 
_atom_sites.fract_transf_matrix[1][1]   -0.00471327 
_atom_sites.fract_transf_matrix[1][2]   -0.00770684 
_atom_sites.fract_transf_matrix[1][3]   0.02161947 
_atom_sites.fract_transf_matrix[2][1]   -0.02197460 
_atom_sites.fract_transf_matrix[2][2]   0.00788749 
_atom_sites.fract_transf_matrix[2][3]   -0.00197899 
_atom_sites.fract_transf_matrix[3][1]   -0.00429717 
_atom_sites.fract_transf_matrix[3][2]   -0.01340604 
_atom_sites.fract_transf_matrix[3][3]   -0.00571577 
_atom_sites.fract_transf_vector[1]      -0.269993 
_atom_sites.fract_transf_vector[2]      0.043596 
_atom_sites.fract_transf_vector[3]      -0.008969 
# 
loop_
_atom_type.symbol 
C  
CA 
N  
O  
S  
# 
loop_
_atom_site.group_PDB 
_atom_site.id 
_atom_site.type_symbol 
_atom_site.label_atom_id 
_atom_site.label_alt_id 
_atom_site.label_comp_id 
_atom_site.label_asym_id 
_atom_site.label_entity_id 
_atom_site.label_seq_id 
_atom_site.pdbx_PDB_ins_code 
_atom_site.Cartn_x 
_atom_site.Cartn_y 
_atom_site.Cartn_z 
_atom_site.occupancy 
_atom_site.B_iso_or_equiv 
_atom_site.pdbx_formal_charge 
_atom_site.auth_seq_id 
_atom_site.auth_comp_id 
_atom_site.auth_asym_id 
_atom_site.auth_atom_id 
_atom_site.pdbx_PDB_model_num 
ATOM   1    N  N   . ASN A 1 1   ? 5.916   8.105   1.855   1.00 16.87 ? 1   ASN A N   1 
ATOM   2    C  CA  . ASN A 1 1   ? 4.639   8.684   2.386   1.00 17.74 ? 1   ASN A CA  1 
ATOM   3    C  C   . ASN A 1 1   ? 3.449   8.299   1.494   1.00 17.55 ? 1   ASN A C   1 
ATOM   4    O  O   . ASN A 1 1   ? 3.638   7.700   0.430   1.00 17.33 ? 1   ASN A O   1 
ATOM   5    C  CB  . ASN A 1 1   ? 4.758   10.207  2.624   1.00 17.68 ? 1   ASN A CB  1 
ATOM   6    C  CG  . ASN A 1 1   ? 4.921   11.006  1.331   1.00 18.66 ? 1   ASN A CG  1 
ATOM   7    O  OD1 . ASN A 1 1   ? 4.333   10.673  0.304   1.00 17.47 ? 1   ASN A OD1 1 
ATOM   8    N  ND2 . ASN A 1 1   ? 5.730   12.069  1.384   1.00 20.54 ? 1   ASN A ND2 1 
ATOM   9    N  N   . LEU A 1 2   ? 2.228   8.603   1.923   1.00 18.00 ? 2   LEU A N   1 
ATOM   10   C  CA  . LEU A 1 2   ? 1.043   8.158   1.161   1.00 18.68 ? 2   LEU A CA  1 
ATOM   11   C  C   . LEU A 1 2   ? 0.961   8.747   -0.254  1.00 18.28 ? 2   LEU A C   1 
ATOM   12   O  O   . LEU A 1 2   ? 0.555   8.059   -1.177  1.00 18.31 ? 2   LEU A O   1 
ATOM   13   C  CB  . LEU A 1 2   ? -0.253  8.424   1.933   1.00 19.45 ? 2   LEU A CB  1 
ATOM   14   C  CG  . LEU A 1 2   ? -0.941  7.186   2.520   1.00 22.71 ? 2   LEU A CG  1 
ATOM   15   C  CD1 . LEU A 1 2   ? 0.069   6.090   2.943   1.00 26.20 ? 2   LEU A CD1 1 
ATOM   16   C  CD2 . LEU A 1 2   ? -1.834  7.574   3.695   1.00 24.62 ? 2   LEU A CD2 1 
ATOM   17   N  N   . TYR A 1 3   ? 1.342   10.018  -0.404  1.00 18.38 ? 3   TYR A N   1 
ATOM   18   C  CA  . TYR A 1 3   ? 1.463   10.656  -1.720  1.00 18.74 ? 3   TYR A CA  1 
ATOM   19   C  C   . TYR A 1 3   ? 2.376   9.832   -2.664  1.00 17.94 ? 3   TYR A C   1 
ATOM   20   O  O   . TYR A 1 3   ? 2.024   9.583   -3.820  1.00 17.81 ? 3   TYR A O   1 
ATOM   21   C  CB  . TYR A 1 3   ? 1.986   12.093  -1.562  1.00 19.11 ? 3   TYR A CB  1 
ATOM   22   C  CG  . TYR A 1 3   ? 2.274   12.786  -2.876  1.00 20.89 ? 3   TYR A CG  1 
ATOM   23   C  CD1 . TYR A 1 3   ? 1.241   13.327  -3.644  1.00 21.83 ? 3   TYR A CD1 1 
ATOM   24   C  CD2 . TYR A 1 3   ? 3.580   12.880  -3.362  1.00 21.49 ? 3   TYR A CD2 1 
ATOM   25   C  CE1 . TYR A 1 3   ? 1.506   13.947  -4.873  1.00 22.26 ? 3   TYR A CE1 1 
ATOM   26   C  CE2 . TYR A 1 3   ? 3.850   13.498  -4.577  1.00 22.20 ? 3   TYR A CE2 1 
ATOM   27   C  CZ  . TYR A 1 3   ? 2.812   14.029  -5.325  1.00 21.85 ? 3   TYR A CZ  1 
ATOM   28   O  OH  . TYR A 1 3   ? 3.089   14.636  -6.533  1.00 21.65 ? 3   TYR A OH  1 
ATOM   29   N  N   . GLN A 1 4   ? 3.540   9.422   -2.162  1.00 17.26 ? 4   GLN A N   1 
ATOM   30   C  CA  . GLN A 1 4   ? 4.491   8.609   -2.940  1.00 17.06 ? 4   GLN A CA  1 
ATOM   31   C  C   . GLN A 1 4   ? 3.964   7.214   -3.248  1.00 16.73 ? 4   GLN A C   1 
ATOM   32   O  O   . GLN A 1 4   ? 4.164   6.717   -4.347  1.00 16.71 ? 4   GLN A O   1 
ATOM   33   C  CB  . GLN A 1 4   ? 5.840   8.483   -2.220  1.00 17.00 ? 4   GLN A CB  1 
ATOM   34   C  CG  . GLN A 1 4   ? 6.571   9.799   -2.075  1.00 15.02 ? 4   GLN A CG  1 
ATOM   35   C  CD  . GLN A 1 4   ? 7.789   9.690   -1.210  1.00 13.37 ? 4   GLN A CD  1 
ATOM   36   O  OE1 . GLN A 1 4   ? 7.718   9.249   -0.052  1.00 12.39 ? 4   GLN A OE1 1 
ATOM   37   N  NE2 . GLN A 1 4   ? 8.913   10.133  -1.736  1.00 13.10 ? 4   GLN A NE2 1 
ATOM   38   N  N   . PHE A 1 5   ? 3.296   6.582   -2.281  1.00 17.17 ? 5   PHE A N   1 
ATOM   39   C  CA  . PHE A 1 5   ? 2.684   5.263   -2.508  1.00 17.64 ? 5   PHE A CA  1 
ATOM   40   C  C   . PHE A 1 5   ? 1.598   5.356   -3.598  1.00 17.87 ? 5   PHE A C   1 
ATOM   41   O  O   . PHE A 1 5   ? 1.505   4.479   -4.453  1.00 17.91 ? 5   PHE A O   1 
ATOM   42   C  CB  . PHE A 1 5   ? 2.113   4.708   -1.197  1.00 18.21 ? 5   PHE A CB  1 
ATOM   43   C  CG  . PHE A 1 5   ? 1.455   3.352   -1.322  1.00 18.85 ? 5   PHE A CG  1 
ATOM   44   C  CD1 . PHE A 1 5   ? 2.072   2.311   -2.019  1.00 18.86 ? 5   PHE A CD1 1 
ATOM   45   C  CD2 . PHE A 1 5   ? 0.234   3.107   -0.684  1.00 19.38 ? 5   PHE A CD2 1 
ATOM   46   C  CE1 . PHE A 1 5   ? 1.467   1.067   -2.117  1.00 20.09 ? 5   PHE A CE1 1 
ATOM   47   C  CE2 . PHE A 1 5   ? -0.376  1.872   -0.764  1.00 20.74 ? 5   PHE A CE2 1 
ATOM   48   C  CZ  . PHE A 1 5   ? 0.238   0.840   -1.480  1.00 21.15 ? 5   PHE A CZ  1 
ATOM   49   N  N   . LYS A 1 6   ? 0.825   6.433   -3.527  1.00 17.91 ? 6   LYS A N   1 
ATOM   50   C  CA  . LYS A 1 6   ? -0.161  6.852   -4.505  1.00 18.89 ? 6   LYS A CA  1 
ATOM   51   C  C   . LYS A 1 6   ? 0.474   6.795   -5.923  1.00 18.26 ? 6   LYS A C   1 
ATOM   52   O  O   . LYS A 1 6   ? -0.037  6.171   -6.845  1.00 17.56 ? 6   LYS A O   1 
ATOM   53   C  CB  . LYS A 1 6   ? -0.564  8.287   -4.174  1.00 19.63 ? 6   LYS A CB  1 
ATOM   54   C  CG  . LYS A 1 6   ? -1.892  8.795   -4.722  1.00 24.83 ? 6   LYS A CG  1 
ATOM   55   C  CD  . LYS A 1 6   ? -1.695  9.736   -5.911  1.00 28.89 ? 6   LYS A CD  1 
ATOM   56   C  CE  . LYS A 1 6   ? -1.765  11.220  -5.548  1.00 30.11 ? 6   LYS A CE  1 
ATOM   57   N  NZ  . LYS A 1 6   ? -1.545  12.087  -6.749  1.00 30.82 ? 6   LYS A NZ  1 
ATOM   58   N  N   . ASN A 1 7   ? 1.607   7.476   -6.051  1.00 17.18 ? 7   ASN A N   1 
ATOM   59   C  CA  . ASN A 1 7   ? 2.349   7.596   -7.295  1.00 16.98 ? 7   ASN A CA  1 
ATOM   60   C  C   . ASN A 1 7   ? 2.973   6.289   -7.780  1.00 16.94 ? 7   ASN A C   1 
ATOM   61   O  O   . ASN A 1 7   ? 3.046   6.056   -8.990  1.00 15.99 ? 7   ASN A O   1 
ATOM   62   C  CB  . ASN A 1 7   ? 3.399   8.695   -7.196  1.00 17.07 ? 7   ASN A CB  1 
ATOM   63   C  CG  . ASN A 1 7   ? 2.819   10.065  -7.478  1.00 17.87 ? 7   ASN A CG  1 
ATOM   64   O  OD1 . ASN A 1 7   ? 2.825   10.531  -8.621  1.00 17.68 ? 7   ASN A OD1 1 
ATOM   65   N  ND2 . ASN A 1 7   ? 2.262   10.690  -6.454  1.00 16.57 ? 7   ASN A ND2 1 
ATOM   66   N  N   . MET A 1 8   ? 3.418   5.449   -6.838  1.00 17.18 ? 8   MET A N   1 
ATOM   67   C  CA  . MET A 1 8   ? 3.906   4.104   -7.162  1.00 17.50 ? 8   MET A CA  1 
ATOM   68   C  C   . MET A 1 8   ? 2.823   3.274   -7.837  1.00 19.08 ? 8   MET A C   1 
ATOM   69   O  O   . MET A 1 8   ? 3.102   2.588   -8.820  1.00 18.92 ? 8   MET A O   1 
ATOM   70   C  CB  . MET A 1 8   ? 4.379   3.364   -5.910  1.00 17.37 ? 8   MET A CB  1 
ATOM   71   C  CG  . MET A 1 8   ? 5.717   3.801   -5.329  1.00 16.51 ? 8   MET A CG  1 
ATOM   72   S  SD  . MET A 1 8   ? 6.256   2.449   -4.264  1.00 15.55 ? 8   MET A SD  1 
ATOM   73   C  CE  . MET A 1 8   ? 7.883   2.978   -3.733  1.00 16.10 ? 8   MET A CE  1 
ATOM   74   N  N   . ILE A 1 9   ? 1.599   3.325   -7.293  1.00 20.53 ? 9   ILE A N   1 
ATOM   75   C  CA  . ILE A 1 9   ? 0.453   2.599   -7.866  1.00 22.69 ? 9   ILE A CA  1 
ATOM   76   C  C   . ILE A 1 9   ? 0.132   3.109   -9.277  1.00 23.98 ? 9   ILE A C   1 
ATOM   77   O  O   . ILE A 1 9   ? -0.072  2.310   -10.190 1.00 23.98 ? 9   ILE A O   1 
ATOM   78   C  CB  . ILE A 1 9   ? -0.809  2.673   -6.965  1.00 22.60 ? 9   ILE A CB  1 
ATOM   79   C  CG1 . ILE A 1 9   ? -0.513  2.102   -5.569  1.00 22.61 ? 9   ILE A CG1 1 
ATOM   80   C  CG2 . ILE A 1 9   ? -1.974  1.907   -7.595  1.00 23.10 ? 9   ILE A CG2 1 
ATOM   81   C  CD1 . ILE A 1 9   ? -1.547  2.497   -4.513  1.00 23.13 ? 9   ILE A CD1 1 
ATOM   82   N  N   . GLN A 1 10  ? 0.099   4.432   -9.450  1.00 25.46 ? 10  GLN A N   1 
ATOM   83   C  CA  . GLN A 1 10  ? -0.117  5.056   -10.769 1.00 27.75 ? 10  GLN A CA  1 
ATOM   84   C  C   . GLN A 1 10  ? 0.919   4.613   -11.817 1.00 28.78 ? 10  GLN A C   1 
ATOM   85   O  O   . GLN A 1 10  ? 0.612   4.518   -13.009 1.00 28.60 ? 10  GLN A O   1 
ATOM   86   C  CB  . GLN A 1 10  ? -0.137  6.584   -10.646 1.00 27.34 ? 10  GLN A CB  1 
ATOM   87   C  CG  . GLN A 1 10  ? -1.402  7.136   -10.014 1.00 27.79 ? 10  GLN A CG  1 
ATOM   88   C  CD  . GLN A 1 10  ? -1.353  8.641   -9.756  1.00 28.92 ? 10  GLN A CD  1 
ATOM   89   O  OE1 . GLN A 1 10  ? -2.388  9.279   -9.562  1.00 31.30 ? 10  GLN A OE1 1 
ATOM   90   N  NE2 . GLN A 1 10  ? -0.152  9.211   -9.747  1.00 29.31 ? 10  GLN A NE2 1 
ATOM   91   N  N   . CYS A 1 11  ? 2.133   4.332   -11.347 1.00 30.75 ? 11  CYS A N   1 
ATOM   92   C  CA  . CYS A 1 11  ? 3.234   3.842   -12.171 1.00 31.88 ? 11  CYS A CA  1 
ATOM   93   C  C   . CYS A 1 11  ? 3.057   2.367   -12.576 1.00 32.36 ? 11  CYS A C   1 
ATOM   94   O  O   . CYS A 1 11  ? 3.313   1.998   -13.727 1.00 32.62 ? 11  CYS A O   1 
ATOM   95   C  CB  . CYS A 1 11  ? 4.569   4.047   -11.421 1.00 32.09 ? 11  CYS A CB  1 
ATOM   96   S  SG  . CYS A 1 11  ? 6.098   3.568   -12.294 1.00 33.94 ? 11  CYS A SG  1 
ATOM   97   N  N   . THR A 1 12  ? 2.610   1.528   -11.644 1.00 32.78 ? 12  THR A N   1 
ATOM   98   C  CA  . THR A 1 12  ? 2.551   0.081   -11.891 1.00 33.18 ? 12  THR A CA  1 
ATOM   99   C  C   . THR A 1 12  ? 1.185   -0.385  -12.374 1.00 33.55 ? 12  THR A C   1 
ATOM   100  O  O   . THR A 1 12  ? 1.077   -1.423  -13.020 1.00 33.78 ? 12  THR A O   1 
ATOM   101  C  CB  . THR A 1 12  ? 2.964   -0.752  -10.656 1.00 32.95 ? 12  THR A CB  1 
ATOM   102  O  OG1 . THR A 1 12  ? 1.943   -0.674  -9.649  1.00 33.04 ? 12  THR A OG1 1 
ATOM   103  C  CG2 . THR A 1 12  ? 4.279   -0.263  -10.098 1.00 33.36 ? 12  THR A CG2 1 
ATOM   104  N  N   . VAL A 1 13  ? 0.152   0.385   -12.041 1.00 34.14 ? 13  VAL A N   1 
ATOM   105  C  CA  . VAL A 1 13  ? -1.217  0.126   -12.477 1.00 35.02 ? 13  VAL A CA  1 
ATOM   106  C  C   . VAL A 1 13  ? -1.800  1.410   -13.101 1.00 36.12 ? 13  VAL A C   1 
ATOM   107  O  O   . VAL A 1 13  ? -2.657  2.068   -12.497 1.00 35.87 ? 13  VAL A O   1 
ATOM   108  C  CB  . VAL A 1 13  ? -2.121  -0.359  -11.303 1.00 34.98 ? 13  VAL A CB  1 
ATOM   109  C  CG1 . VAL A 1 13  ? -3.363  -1.049  -11.831 1.00 34.39 ? 13  VAL A CG1 1 
ATOM   110  C  CG2 . VAL A 1 13  ? -1.373  -1.314  -10.375 1.00 35.32 ? 13  VAL A CG2 1 
ATOM   111  N  N   . PRO A 1 14  ? -1.423  1.913   -14.240 1.00 35.84 ? 14  PRO A N   1 
ATOM   112  C  CA  . PRO A 1 14  ? -1.911  3.139   -14.893 1.00 37.32 ? 14  PRO A CA  1 
ATOM   113  C  C   . PRO A 1 14  ? -3.322  2.967   -15.452 1.00 38.61 ? 14  PRO A C   1 
ATOM   114  O  O   . PRO A 1 14  ? -4.065  3.943   -15.568 1.00 38.66 ? 14  PRO A O   1 
ATOM   115  C  CB  . PRO A 1 14  ? -0.913  3.326   -16.037 1.00 37.66 ? 14  PRO A CB  1 
ATOM   116  C  CG  . PRO A 1 14  ? -0.529  1.909   -16.373 1.00 37.16 ? 14  PRO A CG  1 
ATOM   117  C  CD  . PRO A 1 14  ? -0.351  1.269   -15.018 1.00 36.10 ? 14  PRO A CD  1 
ATOM   118  N  N   . SER A 1 15  ? -3.686  1.681   -15.596 1.00 40.00 ? 15  SER A N   1 
ATOM   119  C  CA  . SER A 1 15  ? -5.058  1.294   -15.943 1.00 41.35 ? 15  SER A CA  1 
ATOM   120  C  C   . SER A 1 15  ? -6.107  1.672   -14.842 1.00 41.81 ? 15  SER A C   1 
ATOM   121  O  O   . SER A 1 15  ? -7.229  2.019   -15.237 1.00 42.71 ? 15  SER A O   1 
ATOM   122  C  CB  . SER A 1 15  ? -5.134  -0.192  -16.260 1.00 41.61 ? 15  SER A CB  1 
ATOM   123  O  OG  . SER A 1 15  ? -4.581  -0.973  -15.211 1.00 43.13 ? 15  SER A OG  1 
ATOM   124  N  N   . ARG A 1 16  ? -5.834  1.658   -13.525 1.00 49.62 ? 17  ARG A N   1 
ATOM   125  C  CA  . ARG A 1 16  ? -6.994  2.125   -12.666 1.00 49.34 ? 17  ARG A CA  1 
ATOM   126  C  C   . ARG A 1 16  ? -6.617  3.260   -11.697 1.00 48.86 ? 17  ARG A C   1 
ATOM   127  O  O   . ARG A 1 16  ? -5.437  3.466   -11.380 1.00 48.98 ? 17  ARG A O   1 
ATOM   128  C  CB  . ARG A 1 16  ? -7.658  0.966   -11.916 1.00 49.67 ? 17  ARG A CB  1 
ATOM   129  C  CG  . ARG A 1 16  ? -6.751  -0.189  -11.541 1.00 50.66 ? 17  ARG A CG  1 
ATOM   130  C  CD  . ARG A 1 16  ? -7.559  -1.362  -10.971 1.00 51.70 ? 17  ARG A CD  1 
ATOM   131  N  NE  . ARG A 1 16  ? -8.988  -1.095  -10.824 1.00 51.84 ? 17  ARG A NE  1 
ATOM   132  C  CZ  . ARG A 1 16  ? -9.946  -1.759  -11.463 1.00 51.44 ? 17  ARG A CZ  1 
ATOM   133  N  NH1 . ARG A 1 16  ? -9.628  -2.737  -12.298 1.00 50.25 ? 17  ARG A NH1 1 
ATOM   134  N  NH2 . ARG A 1 16  ? -11.220 -1.449  -11.267 1.00 50.93 ? 17  ARG A NH2 1 
ATOM   135  N  N   . SER A 1 17  ? -7.635  4.004   -11.248 1.00 48.00 ? 18  SER A N   1 
ATOM   136  C  CA  . SER A 1 17  ? -7.426  5.108   -10.343 1.00 47.02 ? 18  SER A CA  1 
ATOM   137  C  C   . SER A 1 17  ? -6.961  4.545   -9.016  1.00 46.05 ? 18  SER A C   1 
ATOM   138  O  O   . SER A 1 17  ? -7.372  3.459   -8.605  1.00 46.40 ? 18  SER A O   1 
ATOM   139  C  CB  . SER A 1 17  ? -8.704  5.907   -10.138 1.00 47.41 ? 18  SER A CB  1 
ATOM   140  O  OG  . SER A 1 17  ? -8.473  6.961   -9.209  1.00 48.49 ? 18  SER A OG  1 
ATOM   141  N  N   . TRP A 1 18  ? -6.215  5.351   -8.225  1.00 42.62 ? 19  TRP A N   1 
ATOM   142  C  CA  . TRP A 1 18  ? -5.703  4.995   -6.871  1.00 41.78 ? 19  TRP A CA  1 
ATOM   143  C  C   . TRP A 1 18  ? -6.777  4.797   -5.788  1.00 40.42 ? 19  TRP A C   1 
ATOM   144  O  O   . TRP A 1 18  ? -6.574  4.017   -4.855  1.00 40.43 ? 19  TRP A O   1 
ATOM   145  C  CB  . TRP A 1 18  ? -4.691  6.056   -6.417  1.00 42.97 ? 19  TRP A CB  1 
ATOM   146  C  CG  . TRP A 1 18  ? -5.298  7.364   -5.968  1.00 43.75 ? 19  TRP A CG  1 
ATOM   147  C  CD1 . TRP A 1 18  ? -5.597  8.446   -6.754  1.00 45.13 ? 19  TRP A CD1 1 
ATOM   148  C  CD2 . TRP A 1 18  ? -5.669  7.723   -4.632  1.00 44.40 ? 19  TRP A CD2 1 
ATOM   149  N  NE1 . TRP A 1 18  ? -6.141  9.455   -5.986  1.00 45.74 ? 19  TRP A NE1 1 
ATOM   150  C  CE2 . TRP A 1 18  ? -6.195  9.037   -4.682  1.00 45.25 ? 19  TRP A CE2 1 
ATOM   151  C  CE3 . TRP A 1 18  ? -5.614  7.061   -3.399  1.00 44.72 ? 19  TRP A CE3 1 
ATOM   152  C  CZ2 . TRP A 1 18  ? -6.663  9.701   -3.540  1.00 45.27 ? 19  TRP A CZ2 1 
ATOM   153  C  CZ3 . TRP A 1 18  ? -6.079  7.720   -2.263  1.00 44.77 ? 19  TRP A CZ3 1 
ATOM   154  C  CH2 . TRP A 1 18  ? -6.597  9.027   -2.343  1.00 45.13 ? 19  TRP A CH2 1 
ATOM   155  N  N   . ALA A 1 19  ? -7.898  5.505   -5.934  1.00 38.22 ? 20  ALA A N   1 
ATOM   156  C  CA  . ALA A 1 19  ? -9.075  5.387   -5.064  1.00 36.23 ? 20  ALA A CA  1 
ATOM   157  C  C   . ALA A 1 19  ? -9.700  3.987   -5.092  1.00 34.77 ? 20  ALA A C   1 
ATOM   158  O  O   . ALA A 1 19  ? -10.388 3.592   -4.146  1.00 34.23 ? 20  ALA A O   1 
ATOM   159  C  CB  . ALA A 1 19  ? -10.122 6.442   -5.425  1.00 36.42 ? 20  ALA A CB  1 
ATOM   160  N  N   . ASP A 1 20  ? -9.457  3.251   -6.177  1.00 33.26 ? 21  ASP A N   1 
ATOM   161  C  CA  . ASP A 1 20  ? -9.932  1.873   -6.321  1.00 31.53 ? 21  ASP A CA  1 
ATOM   162  C  C   . ASP A 1 20  ? -9.324  0.962   -5.257  1.00 30.14 ? 21  ASP A C   1 
ATOM   163  O  O   . ASP A 1 20  ? -9.926  -0.036  -4.877  1.00 29.46 ? 21  ASP A O   1 
ATOM   164  C  CB  . ASP A 1 20  ? -9.613  1.322   -7.713  1.00 31.63 ? 21  ASP A CB  1 
ATOM   165  C  CG  . ASP A 1 20  ? -10.487 1.928   -8.811  1.00 33.15 ? 21  ASP A CG  1 
ATOM   166  O  OD1 . ASP A 1 20  ? -11.442 2.684   -8.513  1.00 33.36 ? 21  ASP A OD1 1 
ATOM   167  O  OD2 . ASP A 1 20  ? -10.211 1.637   -9.990  1.00 34.45 ? 21  ASP A OD2 1 
ATOM   168  N  N   . PHE A 1 21  ? -8.129  1.323   -4.789  1.00 28.61 ? 22  PHE A N   1 
ATOM   169  C  CA  . PHE A 1 21  ? -7.368  0.518   -3.834  1.00 27.40 ? 22  PHE A CA  1 
ATOM   170  C  C   . PHE A 1 21  ? -7.474  1.081   -2.422  1.00 26.76 ? 22  PHE A C   1 
ATOM   171  O  O   . PHE A 1 21  ? -6.980  0.480   -1.471  1.00 27.00 ? 22  PHE A O   1 
ATOM   172  C  CB  . PHE A 1 21  ? -5.887  0.446   -4.252  1.00 27.03 ? 22  PHE A CB  1 
ATOM   173  C  CG  . PHE A 1 21  ? -5.659  -0.088  -5.651  1.00 27.46 ? 22  PHE A CG  1 
ATOM   174  C  CD1 . PHE A 1 21  ? -5.566  -1.461  -5.885  1.00 25.40 ? 22  PHE A CD1 1 
ATOM   175  C  CD2 . PHE A 1 21  ? -5.523  0.784   -6.732  1.00 26.86 ? 22  PHE A CD2 1 
ATOM   176  C  CE1 . PHE A 1 21  ? -5.357  -1.955  -7.172  1.00 26.18 ? 22  PHE A CE1 1 
ATOM   177  C  CE2 . PHE A 1 21  ? -5.308  0.298   -8.020  1.00 26.37 ? 22  PHE A CE2 1 
ATOM   178  C  CZ  . PHE A 1 21  ? -5.229  -1.077  -8.241  1.00 26.69 ? 22  PHE A CZ  1 
ATOM   179  N  N   . ALA A 1 22  ? -8.125  2.234   -2.288  1.00 25.94 ? 23  ALA A N   1 
ATOM   180  C  CA  . ALA A 1 22  ? -8.161  2.958   -1.019  1.00 25.33 ? 23  ALA A CA  1 
ATOM   181  C  C   . ALA A 1 22  ? -9.260  2.483   -0.070  1.00 24.69 ? 23  ALA A C   1 
ATOM   182  O  O   . ALA A 1 22  ? -9.313  2.917   1.075   1.00 24.51 ? 23  ALA A O   1 
ATOM   183  C  CB  . ALA A 1 22  ? -8.284  4.441   -1.267  1.00 25.54 ? 23  ALA A CB  1 
ATOM   184  N  N   . ASP A 1 23  ? -10.117 1.604   -0.539  1.00 21.16 ? 24  ASP A N   1 
ATOM   185  C  CA  . ASP A 1 23  ? -11.189 1.093   0.272   1.00 20.42 ? 24  ASP A CA  1 
ATOM   186  C  C   . ASP A 1 23  ? -11.660 -0.213  -0.361  1.00 19.50 ? 24  ASP A C   1 
ATOM   187  O  O   . ASP A 1 23  ? -12.713 -0.249  -0.996  1.00 19.28 ? 24  ASP A O   1 
ATOM   188  C  CB  . ASP A 1 23  ? -12.321 2.127   0.355   1.00 21.57 ? 24  ASP A CB  1 
ATOM   189  C  CG  . ASP A 1 23  ? -13.510 1.620   1.130   1.00 23.41 ? 24  ASP A CG  1 
ATOM   190  O  OD1 . ASP A 1 23  ? -13.320 0.789   2.041   1.00 23.72 ? 24  ASP A OD1 1 
ATOM   191  O  OD2 . ASP A 1 23  ? -14.639 2.061   0.817   1.00 27.61 ? 24  ASP A OD2 1 
ATOM   192  N  N   . TYR A 1 24  ? -10.878 -1.251  -0.178  1.00 20.57 ? 25  TYR A N   1 
ATOM   193  C  CA  . TYR A 1 24  ? -11.094 -2.559  -0.773  1.00 19.21 ? 25  TYR A CA  1 
ATOM   194  C  C   . TYR A 1 24  ? -10.827 -3.639  0.261   1.00 18.52 ? 25  TYR A C   1 
ATOM   195  O  O   . TYR A 1 24  ? -9.824  -3.594  0.990   1.00 17.94 ? 25  TYR A O   1 
ATOM   196  C  CB  . TYR A 1 24  ? -10.177 -2.746  -1.985  1.00 19.57 ? 25  TYR A CB  1 
ATOM   197  C  CG  . TYR A 1 24  ? -10.408 -4.011  -2.812  1.00 19.64 ? 25  TYR A CG  1 
ATOM   198  C  CD1 . TYR A 1 24  ? -9.867  -5.248  -2.417  1.00 19.97 ? 25  TYR A CD1 1 
ATOM   199  C  CD2 . TYR A 1 24  ? -11.139 -3.963  -4.007  1.00 18.97 ? 25  TYR A CD2 1 
ATOM   200  C  CE1 . TYR A 1 24  ? -10.072 -6.403  -3.181  1.00 19.14 ? 25  TYR A CE1 1 
ATOM   201  C  CE2 . TYR A 1 24  ? -11.346 -5.119  -4.782  1.00 17.84 ? 25  TYR A CE2 1 
ATOM   202  C  CZ  . TYR A 1 24  ? -10.812 -6.323  -4.360  1.00 19.41 ? 25  TYR A CZ  1 
ATOM   203  O  OH  . TYR A 1 24  ? -10.997 -7.456  -5.118  1.00 20.76 ? 25  TYR A OH  1 
ATOM   204  N  N   . GLY A 1 25  ? -11.741 -4.602  0.334   1.00 17.37 ? 26  GLY A N   1 
ATOM   205  C  CA  . GLY A 1 25  ? -11.615 -5.733  1.247   1.00 16.74 ? 26  GLY A CA  1 
ATOM   206  C  C   . GLY A 1 25  ? -11.485 -5.325  2.699   1.00 17.00 ? 26  GLY A C   1 
ATOM   207  O  O   . GLY A 1 25  ? -11.947 -4.243  3.102   1.00 16.25 ? 26  GLY A O   1 
ATOM   208  N  N   . CYS A 1 26  ? -10.847 -6.189  3.482   1.00 17.18 ? 27  CYS A N   1 
ATOM   209  C  CA  . CYS A 1 26  ? -10.645 -5.931  4.901   1.00 17.98 ? 27  CYS A CA  1 
ATOM   210  C  C   . CYS A 1 26  ? -9.365  -5.155  5.202   1.00 18.37 ? 27  CYS A C   1 
ATOM   211  O  O   . CYS A 1 26  ? -9.255  -4.577  6.278   1.00 18.37 ? 27  CYS A O   1 
ATOM   212  C  CB  . CYS A 1 26  ? -10.679 -7.234  5.703   1.00 18.13 ? 27  CYS A CB  1 
ATOM   213  S  SG  . CYS A 1 26  ? -12.300 -8.035  5.724   1.00 19.67 ? 27  CYS A SG  1 
ATOM   214  N  N   . TYR A 1 27  ? -8.416  -5.140  4.260   1.00 18.68 ? 28  TYR A N   1 
ATOM   215  C  CA  . TYR A 1 27  ? -7.077  -4.583  4.519   1.00 19.59 ? 28  TYR A CA  1 
ATOM   216  C  C   . TYR A 1 27  ? -6.671  -3.347  3.695   1.00 19.95 ? 28  TYR A C   1 
ATOM   217  O  O   . TYR A 1 27  ? -5.842  -2.554  4.155   1.00 20.36 ? 28  TYR A O   1 
ATOM   218  C  CB  . TYR A 1 27  ? -6.012  -5.689  4.448   1.00 20.06 ? 28  TYR A CB  1 
ATOM   219  C  CG  . TYR A 1 27  ? -6.117  -6.632  5.614   1.00 20.08 ? 28  TYR A CG  1 
ATOM   220  C  CD1 . TYR A 1 27  ? -6.928  -7.757  5.540   1.00 20.54 ? 28  TYR A CD1 1 
ATOM   221  C  CD2 . TYR A 1 27  ? -5.440  -6.378  6.806   1.00 19.21 ? 28  TYR A CD2 1 
ATOM   222  C  CE1 . TYR A 1 27  ? -7.066  -8.615  6.625   1.00 21.69 ? 28  TYR A CE1 1 
ATOM   223  C  CE2 . TYR A 1 27  ? -5.564  -7.249  7.906   1.00 21.34 ? 28  TYR A CE2 1 
ATOM   224  C  CZ  . TYR A 1 27  ? -6.383  -8.358  7.798   1.00 21.26 ? 28  TYR A CZ  1 
ATOM   225  O  OH  . TYR A 1 27  ? -6.528  -9.226  8.855   1.00 22.35 ? 28  TYR A OH  1 
ATOM   226  N  N   . CYS A 1 28  ? -7.238  -3.167  2.508   1.00 20.50 ? 29  CYS A N   1 
ATOM   227  C  CA  . CYS A 1 28  ? -6.856  -2.029  1.651   1.00 22.51 ? 29  CYS A CA  1 
ATOM   228  C  C   . CYS A 1 28  ? -7.478  -0.708  2.083   1.00 24.41 ? 29  CYS A C   1 
ATOM   229  O  O   . CYS A 1 28  ? -8.690  -0.522  1.966   1.00 24.41 ? 29  CYS A O   1 
ATOM   230  C  CB  . CYS A 1 28  ? -7.193  -2.298  0.189   1.00 21.56 ? 29  CYS A CB  1 
ATOM   231  S  SG  . CYS A 1 28  ? -6.540  -3.795  -0.452  1.00 17.85 ? 29  CYS A SG  1 
ATOM   232  N  N   . GLY A 1 29  ? -6.641  0.204   2.572   1.00 27.00 ? 30  GLY A N   1 
ATOM   233  C  CA  . GLY A 1 29  ? -7.098  1.493   3.087   1.00 30.54 ? 30  GLY A CA  1 
ATOM   234  C  C   . GLY A 1 29  ? -7.222  1.497   4.593   1.00 32.91 ? 30  GLY A C   1 
ATOM   235  O  O   . GLY A 1 29  ? -6.320  1.038   5.291   1.00 33.90 ? 30  GLY A O   1 
ATOM   236  N  N   . LYS A 1 30  ? -8.345  1.989   5.112   1.00 35.28 ? 31  LYS A N   1 
ATOM   237  C  CA  . LYS A 1 30  ? -8.556  2.022   6.568   1.00 37.49 ? 31  LYS A CA  1 
ATOM   238  C  C   . LYS A 1 30  ? -8.199  0.702   7.284   1.00 38.33 ? 31  LYS A C   1 
ATOM   239  O  O   . LYS A 1 30  ? -7.140  0.595   7.924   1.00 39.39 ? 31  LYS A O   1 
ATOM   240  C  CB  . LYS A 1 30  ? -9.990  2.460   6.935   1.00 37.53 ? 31  LYS A CB  1 
ATOM   241  C  CG  . LYS A 1 30  ? -10.188 2.681   8.454   1.00 38.50 ? 31  LYS A CG  1 
ATOM   242  C  CD  . LYS A 1 30  ? -11.564 3.264   8.808   1.00 38.41 ? 31  LYS A CD  1 
ATOM   243  C  CE  . LYS A 1 30  ? -11.610 3.766   10.262  1.00 38.80 ? 31  LYS A CE  1 
ATOM   244  N  NZ  . LYS A 1 30  ? -12.766 4.694   10.513  1.00 37.78 ? 31  LYS A NZ  1 
ATOM   245  N  N   . GLY A 1 31  ? -9.076  -0.292  7.156   1.00 38.88 ? 32  GLY A N   1 
ATOM   246  C  CA  . GLY A 1 31  ? -9.059  -1.481  8.016   1.00 39.05 ? 32  GLY A CA  1 
ATOM   247  C  C   . GLY A 1 31  ? -7.790  -2.315  8.085   1.00 38.84 ? 32  GLY A C   1 
ATOM   248  O  O   . GLY A 1 31  ? -6.950  -2.282  7.178   1.00 39.63 ? 32  GLY A O   1 
ATOM   249  N  N   . GLY A 1 32  ? -7.658  -3.057  9.179   1.00 37.92 ? 33  GLY A N   1 
ATOM   250  C  CA  . GLY A 1 32  ? -6.639  -4.076  9.314   1.00 36.55 ? 33  GLY A CA  1 
ATOM   251  C  C   . GLY A 1 32  ? -7.114  -5.163  10.260  1.00 35.82 ? 33  GLY A C   1 
ATOM   252  O  O   . GLY A 1 32  ? -6.623  -5.252  11.381  1.00 35.87 ? 33  GLY A O   1 
ATOM   253  N  N   . SER A 1 33  ? -8.067  -5.988  9.808   1.00 34.87 ? 34  SER A N   1 
ATOM   254  C  CA  . SER A 1 33  ? -8.629  -7.073  10.627  1.00 33.76 ? 34  SER A CA  1 
ATOM   255  C  C   . SER A 1 33  ? -9.330  -8.166  9.811   1.00 32.99 ? 34  SER A C   1 
ATOM   256  O  O   . SER A 1 33  ? -9.660  -7.973  8.643   1.00 33.03 ? 34  SER A O   1 
ATOM   257  C  CB  . SER A 1 33  ? -9.609  -6.508  11.663  1.00 33.97 ? 34  SER A CB  1 
ATOM   258  O  OG  . SER A 1 33  ? -10.788 -6.039  11.030  1.00 34.00 ? 34  SER A OG  1 
ATOM   259  N  N   . GLY A 1 34  ? -9.550  -9.314  10.439  1.00 31.80 ? 35  GLY A N   1 
ATOM   260  C  CA  . GLY A 1 34  ? -10.346 -10.381 9.849   1.00 30.77 ? 35  GLY A CA  1 
ATOM   261  C  C   . GLY A 1 34  ? -9.634  -11.163 8.767   1.00 30.00 ? 35  GLY A C   1 
ATOM   262  O  O   . GLY A 1 34  ? -8.413  -11.118 8.649   1.00 29.52 ? 35  GLY A O   1 
ATOM   263  N  N   . THR A 1 35  ? -10.426 -11.877 7.974   1.00 29.48 ? 36  THR A N   1 
ATOM   264  C  CA  . THR A 1 35  ? -9.937  -12.731 6.906   1.00 29.01 ? 36  THR A CA  1 
ATOM   265  C  C   . THR A 1 35  ? -9.826  -11.919 5.617   1.00 28.22 ? 36  THR A C   1 
ATOM   266  O  O   . THR A 1 35  ? -10.810 -11.312 5.183   1.00 28.17 ? 36  THR A O   1 
ATOM   267  C  CB  . THR A 1 35  ? -10.878 -13.955 6.710   1.00 29.13 ? 36  THR A CB  1 
ATOM   268  O  OG1 . THR A 1 35  ? -10.929 -14.715 7.924   1.00 30.44 ? 36  THR A OG1 1 
ATOM   269  C  CG2 . THR A 1 35  ? -10.401 -14.867 5.581   1.00 29.53 ? 36  THR A CG2 1 
ATOM   270  N  N   . PRO A 1 36  ? -8.627  -11.902 4.998   1.00 27.42 ? 37  PRO A N   1 
ATOM   271  C  CA  . PRO A 1 36  ? -8.459  -11.185 3.730   1.00 26.77 ? 37  PRO A CA  1 
ATOM   272  C  C   . PRO A 1 36  ? -9.361  -11.834 2.695   1.00 26.10 ? 37  PRO A C   1 
ATOM   273  O  O   . PRO A 1 36  ? -9.362  -13.053 2.568   1.00 26.76 ? 37  PRO A O   1 
ATOM   274  C  CB  . PRO A 1 36  ? -6.982  -11.408 3.379   1.00 26.89 ? 37  PRO A CB  1 
ATOM   275  C  CG  . PRO A 1 36  ? -6.324  -11.854 4.661   1.00 27.22 ? 37  PRO A CG  1 
ATOM   276  C  CD  . PRO A 1 36  ? -7.389  -12.576 5.425   1.00 27.62 ? 37  PRO A CD  1 
ATOM   277  N  N   . VAL A 1 37  ? -10.146 -11.042 1.982   1.00 25.42 ? 38  VAL A N   1 
ATOM   278  C  CA  . VAL A 1 37  ? -11.205 -11.597 1.138   1.00 24.80 ? 38  VAL A CA  1 
ATOM   279  C  C   . VAL A 1 37  ? -10.738 -12.172 -0.201  1.00 24.68 ? 38  VAL A C   1 
ATOM   280  O  O   . VAL A 1 37  ? -11.459 -12.950 -0.814  1.00 24.62 ? 38  VAL A O   1 
ATOM   281  C  CB  . VAL A 1 37  ? -12.355 -10.582 0.898   1.00 24.87 ? 38  VAL A CB  1 
ATOM   282  C  CG1 . VAL A 1 37  ? -12.959 -10.142 2.213   1.00 24.31 ? 38  VAL A CG1 1 
ATOM   283  C  CG2 . VAL A 1 37  ? -11.867 -9.377  0.093   1.00 24.49 ? 38  VAL A CG2 1 
ATOM   284  N  N   . ASP A 1 38  ? -9.547  -11.778 -0.662  1.00 24.14 ? 39  ASP A N   1 
ATOM   285  C  CA  . ASP A 1 38  ? -9.007  -12.254 -1.938  1.00 23.35 ? 39  ASP A CA  1 
ATOM   286  C  C   . ASP A 1 38  ? -7.505  -11.933 -2.069  1.00 23.39 ? 39  ASP A C   1 
ATOM   287  O  O   . ASP A 1 38  ? -6.872  -11.513 -1.084  1.00 22.22 ? 39  ASP A O   1 
ATOM   288  C  CB  . ASP A 1 38  ? -9.850  -11.726 -3.127  1.00 23.43 ? 39  ASP A CB  1 
ATOM   289  C  CG  . ASP A 1 38  ? -9.670  -10.241 -3.378  1.00 23.32 ? 39  ASP A CG  1 
ATOM   290  O  OD1 . ASP A 1 38  ? -8.885  -9.578  -2.652  1.00 21.94 ? 39  ASP A OD1 1 
ATOM   291  O  OD2 . ASP A 1 38  ? -10.317 -9.727  -4.324  1.00 21.88 ? 39  ASP A OD2 1 
ATOM   292  N  N   . ASP A 1 39  ? -6.933  -12.152 -3.255  1.00 23.10 ? 40  ASP A N   1 
ATOM   293  C  CA  . ASP A 1 39  ? -5.498  -11.961 -3.454  1.00 23.52 ? 40  ASP A CA  1 
ATOM   294  C  C   . ASP A 1 39  ? -5.073  -10.501 -3.271  1.00 22.61 ? 40  ASP A C   1 
ATOM   295  O  O   . ASP A 1 39  ? -4.040  -10.230 -2.659  1.00 22.06 ? 40  ASP A O   1 
ATOM   296  C  CB  . ASP A 1 39  ? -5.047  -12.463 -4.824  1.00 24.25 ? 40  ASP A CB  1 
ATOM   297  C  CG  . ASP A 1 39  ? -4.969  -13.965 -4.887  1.00 28.33 ? 40  ASP A CG  1 
ATOM   298  O  OD1 . ASP A 1 39  ? -4.062  -14.552 -4.250  1.00 31.84 ? 40  ASP A OD1 1 
ATOM   299  O  OD2 . ASP A 1 39  ? -5.830  -14.566 -5.570  1.00 34.58 ? 40  ASP A OD2 1 
ATOM   300  N  N   . LEU A 1 40  ? -5.878  -9.584  -3.802  1.00 21.29 ? 41  LEU A N   1 
ATOM   301  C  CA  . LEU A 1 40  ? -5.611  -8.162  -3.673  1.00 20.78 ? 41  LEU A CA  1 
ATOM   302  C  C   . LEU A 1 40  ? -5.638  -7.727  -2.206  1.00 20.16 ? 41  LEU A C   1 
ATOM   303  O  O   . LEU A 1 40  ? -4.744  -7.017  -1.768  1.00 20.29 ? 41  LEU A O   1 
ATOM   304  C  CB  . LEU A 1 40  ? -6.588  -7.338  -4.516  1.00 21.07 ? 41  LEU A CB  1 
ATOM   305  C  CG  . LEU A 1 40  ? -6.455  -5.811  -4.470  1.00 20.54 ? 41  LEU A CG  1 
ATOM   306  C  CD1 . LEU A 1 40  ? -5.018  -5.327  -4.786  1.00 20.73 ? 41  LEU A CD1 1 
ATOM   307  C  CD2 . LEU A 1 40  ? -7.458  -5.208  -5.431  1.00 20.61 ? 41  LEU A CD2 1 
ATOM   308  N  N   . ASP A 1 41  ? -6.643  -8.177  -1.458  1.00 19.03 ? 42  ASP A N   1 
ATOM   309  C  CA  . ASP A 1 41  ? -6.723  -7.952  -0.013  1.00 18.36 ? 42  ASP A CA  1 
ATOM   310  C  C   . ASP A 1 41  ? -5.496  -8.485  0.721   1.00 17.90 ? 42  ASP A C   1 
ATOM   311  O  O   . ASP A 1 41  ? -5.025  -7.875  1.682   1.00 16.88 ? 42  ASP A O   1 
ATOM   312  C  CB  . ASP A 1 41  ? -7.995  -8.587  0.562   1.00 17.87 ? 42  ASP A CB  1 
ATOM   313  C  CG  . ASP A 1 41  ? -8.576  -7.800  1.726   1.00 18.47 ? 42  ASP A CG  1 
ATOM   314  O  OD1 . ASP A 1 41  ? -8.116  -6.650  1.979   1.00 17.32 ? 42  ASP A OD1 1 
ATOM   315  O  OD2 . ASP A 1 41  ? -9.517  -8.331  2.378   1.00 16.63 ? 42  ASP A OD2 1 
ATOM   316  N  N   . ARG A 1 42  ? -4.983  -9.630  0.274   1.00 17.80 ? 43  ARG A N   1 
ATOM   317  C  CA  . ARG A 1 42  ? -3.762  -10.195 0.858   1.00 18.33 ? 43  ARG A CA  1 
ATOM   318  C  C   . ARG A 1 42  ? -2.531  -9.308  0.620   1.00 17.76 ? 43  ARG A C   1 
ATOM   319  O  O   . ARG A 1 42  ? -1.696  -9.153  1.522   1.00 17.60 ? 43  ARG A O   1 
ATOM   320  C  CB  . ARG A 1 42  ? -3.522  -11.620 0.371   1.00 18.75 ? 43  ARG A CB  1 
ATOM   321  C  CG  . ARG A 1 42  ? -4.518  -12.588 0.940   1.00 21.02 ? 43  ARG A CG  1 
ATOM   322  C  CD  . ARG A 1 42  ? -4.216  -14.036 0.593   1.00 25.33 ? 43  ARG A CD  1 
ATOM   323  N  NE  . ARG A 1 42  ? -5.155  -14.923 1.280   1.00 29.29 ? 43  ARG A NE  1 
ATOM   324  C  CZ  . ARG A 1 42  ? -5.079  -15.278 2.568   1.00 30.74 ? 43  ARG A CZ  1 
ATOM   325  N  NH1 . ARG A 1 42  ? -4.091  -14.845 3.350   1.00 30.43 ? 43  ARG A NH1 1 
ATOM   326  N  NH2 . ARG A 1 42  ? -6.003  -16.079 3.077   1.00 32.89 ? 43  ARG A NH2 1 
ATOM   327  N  N   . CYS A 1 43  ? -2.433  -8.712  -0.569  1.00 17.76 ? 44  CYS A N   1 
ATOM   328  C  CA  . CYS A 1 43  ? -1.401  -7.695  -0.846  1.00 17.51 ? 44  CYS A CA  1 
ATOM   329  C  C   . CYS A 1 43  ? -1.445  -6.615  0.217   1.00 16.95 ? 44  CYS A C   1 
ATOM   330  O  O   . CYS A 1 43  ? -0.423  -6.227  0.782   1.00 16.04 ? 44  CYS A O   1 
ATOM   331  C  CB  . CYS A 1 43  ? -1.643  -7.012  -2.190  1.00 17.73 ? 44  CYS A CB  1 
ATOM   332  S  SG  . CYS A 1 43  ? -1.447  -8.013  -3.645  1.00 19.67 ? 44  CYS A SG  1 
ATOM   333  N  N   . CYS A 1 44  ? -2.649  -6.135  0.489   1.00 16.67 ? 45  CYS A N   1 
ATOM   334  C  CA  . CYS A 1 44  ? -2.840  -5.069  1.457   1.00 16.89 ? 45  CYS A CA  1 
ATOM   335  C  C   . CYS A 1 44  ? -2.551  -5.499  2.880   1.00 16.62 ? 45  CYS A C   1 
ATOM   336  O  O   . CYS A 1 44  ? -2.035  -4.710  3.669   1.00 17.07 ? 45  CYS A O   1 
ATOM   337  C  CB  . CYS A 1 44  ? -4.247  -4.501  1.344   1.00 17.02 ? 45  CYS A CB  1 
ATOM   338  S  SG  . CYS A 1 44  ? -4.507  -3.682  -0.227  1.00 18.07 ? 45  CYS A SG  1 
ATOM   339  N  N   . GLN A 1 45  ? -2.871  -6.748  3.207   1.00 16.29 ? 46  GLN A N   1 
ATOM   340  C  CA  . GLN A 1 45  ? -2.608  -7.262  4.540   1.00 16.18 ? 46  GLN A CA  1 
ATOM   341  C  C   . GLN A 1 45  ? -1.089  -7.307  4.805   1.00 15.45 ? 46  GLN A C   1 
ATOM   342  O  O   . GLN A 1 45  ? -0.626  -6.848  5.853   1.00 15.28 ? 46  GLN A O   1 
ATOM   343  C  CB  . GLN A 1 45  ? -3.260  -8.638  4.735   1.00 16.30 ? 46  GLN A CB  1 
ATOM   344  C  CG  . GLN A 1 45  ? -2.989  -9.222  6.103   1.00 18.06 ? 46  GLN A CG  1 
ATOM   345  C  CD  . GLN A 1 45  ? -3.310  -10.697 6.200   1.00 21.60 ? 46  GLN A CD  1 
ATOM   346  O  OE1 . GLN A 1 45  ? -2.990  -11.487 5.304   1.00 22.54 ? 46  GLN A OE1 1 
ATOM   347  N  NE2 . GLN A 1 45  ? -3.944  -11.080 7.298   1.00 22.69 ? 46  GLN A NE2 1 
ATOM   348  N  N   . THR A 1 46  ? -0.336  -7.809  3.825   1.00 14.81 ? 47  THR A N   1 
ATOM   349  C  CA  . THR A 1 46  ? 1.128   -7.866  3.901   1.00 15.37 ? 47  THR A CA  1 
ATOM   350  C  C   . THR A 1 46  ? 1.682   -6.439  4.046   1.00 14.30 ? 47  THR A C   1 
ATOM   351  O  O   . THR A 1 46  ? 2.543   -6.188  4.875   1.00 13.88 ? 47  THR A O   1 
ATOM   352  C  CB  . THR A 1 46  ? 1.741   -8.617  2.690   1.00 15.63 ? 47  THR A CB  1 
ATOM   353  O  OG1 . THR A 1 46  ? 1.441   -10.031 2.792   1.00 19.14 ? 47  THR A OG1 1 
ATOM   354  C  CG2 . THR A 1 46  ? 3.291   -8.452  2.625   1.00 16.18 ? 47  THR A CG2 1 
ATOM   355  N  N   . HIS A 1 47  ? 1.140   -5.515  3.258   1.00 13.69 ? 48  HIS A N   1 
ATOM   356  C  CA  . HIS A 1 47  ? 1.501   -4.092  3.311   1.00 13.91 ? 48  HIS A CA  1 
ATOM   357  C  C   . HIS A 1 47  ? 1.236   -3.452  4.681   1.00 13.58 ? 48  HIS A C   1 
ATOM   358  O  O   . HIS A 1 47  ? 2.107   -2.773  5.224   1.00 14.30 ? 48  HIS A O   1 
ATOM   359  C  CB  . HIS A 1 47  ? 0.763   -3.332  2.193   1.00 13.74 ? 48  HIS A CB  1 
ATOM   360  C  CG  . HIS A 1 47  ? 1.194   -1.906  2.045   1.00 15.11 ? 48  HIS A CG  1 
ATOM   361  N  ND1 . HIS A 1 47  ? 0.357   -0.841  2.321   1.00 16.75 ? 48  HIS A ND1 1 
ATOM   362  C  CD2 . HIS A 1 47  ? 2.374   -1.364  1.659   1.00 15.93 ? 48  HIS A CD2 1 
ATOM   363  C  CE1 . HIS A 1 47  ? 1.005   0.292   2.111   1.00 15.63 ? 48  HIS A CE1 1 
ATOM   364  N  NE2 . HIS A 1 47  ? 2.230   0.004   1.712   1.00 14.78 ? 48  HIS A NE2 1 
ATOM   365  N  N   . ASP A 1 48  ? 0.035   -3.658  5.226   1.00 13.56 ? 49  ASP A N   1 
ATOM   366  C  CA  . ASP A 1 48  ? -0.309  -3.214  6.584   1.00 14.45 ? 49  ASP A CA  1 
ATOM   367  C  C   . ASP A 1 48  ? 0.637   -3.756  7.683   1.00 14.15 ? 49  ASP A C   1 
ATOM   368  O  O   . ASP A 1 48  ? 1.075   -3.003  8.542   1.00 13.46 ? 49  ASP A O   1 
ATOM   369  C  CB  . ASP A 1 48  ? -1.756  -3.603  6.935   1.00 15.16 ? 49  ASP A CB  1 
ATOM   370  C  CG  . ASP A 1 48  ? -2.798  -2.988  5.980   1.00 18.04 ? 49  ASP A CG  1 
ATOM   371  O  OD1 . ASP A 1 48  ? -2.490  -2.013  5.250   1.00 18.26 ? 49  ASP A OD1 1 
ATOM   372  O  OD2 . ASP A 1 48  ? -3.952  -3.478  5.978   1.00 21.88 ? 49  ASP A OD2 1 
ATOM   373  N  N   . ASN A 1 49  ? 0.898   -5.063  7.658   1.00 13.91 ? 50  ASN A N   1 
ATOM   374  C  CA  . ASN A 1 49  ? 1.849   -5.706  8.552   1.00 14.36 ? 50  ASN A CA  1 
ATOM   375  C  C   . ASN A 1 49  ? 3.246   -5.115  8.405   1.00 14.03 ? 50  ASN A C   1 
ATOM   376  O  O   . ASN A 1 49  ? 3.918   -4.888  9.400   1.00 14.00 ? 50  ASN A O   1 
ATOM   377  C  CB  . ASN A 1 49  ? 1.928   -7.216  8.277   1.00 14.71 ? 50  ASN A CB  1 
ATOM   378  C  CG  . ASN A 1 49  ? 0.689   -7.984  8.738   1.00 15.92 ? 50  ASN A CG  1 
ATOM   379  O  OD1 . ASN A 1 49  ? -0.270  -7.421  9.285   1.00 17.71 ? 50  ASN A OD1 1 
ATOM   380  N  ND2 . ASN A 1 49  ? 0.720   -9.284  8.529   1.00 15.95 ? 50  ASN A ND2 1 
ATOM   381  N  N   . CYS A 1 50  ? 3.664   -4.878  7.159   1.00 13.64 ? 51  CYS A N   1 
ATOM   382  C  CA  . CYS A 1 50  ? 4.960   -4.276  6.841   1.00 13.73 ? 51  CYS A CA  1 
ATOM   383  C  C   . CYS A 1 50  ? 5.139   -2.894  7.492   1.00 13.55 ? 51  CYS A C   1 
ATOM   384  O  O   . CYS A 1 50  ? 6.189   -2.604  8.059   1.00 13.47 ? 51  CYS A O   1 
ATOM   385  C  CB  . CYS A 1 50  ? 5.164   -4.201  5.314   1.00 13.20 ? 51  CYS A CB  1 
ATOM   386  S  SG  . CYS A 1 50  ? 6.871   -3.873  4.773   1.00 15.01 ? 51  CYS A SG  1 
ATOM   387  N  N   . TYR A 1 51  ? 4.098   -2.068  7.415   1.00 13.43 ? 52  TYR A N   1 
ATOM   388  C  CA  . TYR A 1 51  ? 4.064   -0.781  8.085   1.00 14.12 ? 52  TYR A CA  1 
ATOM   389  C  C   . TYR A 1 51  ? 4.166   -0.914  9.604   1.00 14.52 ? 52  TYR A C   1 
ATOM   390  O  O   . TYR A 1 51  ? 4.874   -0.144  10.222  1.00 13.98 ? 52  TYR A O   1 
ATOM   391  C  CB  . TYR A 1 51  ? 2.795   -0.016  7.719   1.00 13.85 ? 52  TYR A CB  1 
ATOM   392  C  CG  . TYR A 1 51  ? 2.868   0.858   6.470   1.00 14.56 ? 52  TYR A CG  1 
ATOM   393  C  CD1 . TYR A 1 51  ? 3.819   0.636   5.458   1.00 14.32 ? 52  TYR A CD1 1 
ATOM   394  C  CD2 . TYR A 1 51  ? 1.948   1.877   6.283   1.00 15.84 ? 52  TYR A CD2 1 
ATOM   395  C  CE1 . TYR A 1 51  ? 3.860   1.445   4.310   1.00 14.58 ? 52  TYR A CE1 1 
ATOM   396  C  CE2 . TYR A 1 51  ? 1.977   2.689   5.123   1.00 15.75 ? 52  TYR A CE2 1 
ATOM   397  C  CZ  . TYR A 1 51  ? 2.924   2.468   4.154   1.00 14.84 ? 52  TYR A CZ  1 
ATOM   398  O  OH  . TYR A 1 51  ? 2.916   3.282   3.033   1.00 15.44 ? 52  TYR A OH  1 
ATOM   399  N  N   . ASN A 1 52  ? 3.455   -1.884  10.194  1.00 15.58 ? 53  ASN A N   1 
ATOM   400  C  CA  . ASN A 1 52  ? 3.525   -2.097  11.637  1.00 16.71 ? 53  ASN A CA  1 
ATOM   401  C  C   . ASN A 1 52  ? 4.934   -2.436  12.082  1.00 17.01 ? 53  ASN A C   1 
ATOM   402  O  O   . ASN A 1 52  ? 5.392   -1.955  13.109  1.00 16.90 ? 53  ASN A O   1 
ATOM   403  C  CB  . ASN A 1 52  ? 2.540   -3.180  12.090  1.00 16.78 ? 53  ASN A CB  1 
ATOM   404  C  CG  . ASN A 1 52  ? 1.111   -2.712  12.036  1.00 18.60 ? 53  ASN A CG  1 
ATOM   405  O  OD1 . ASN A 1 52  ? 0.834   -1.514  12.061  1.00 21.09 ? 53  ASN A OD1 1 
ATOM   406  N  ND2 . ASN A 1 52  ? 0.192   -3.648  11.936  1.00 19.91 ? 53  ASN A ND2 1 
ATOM   407  N  N   . GLU A 1 53  ? 5.616   -3.265  11.295  1.00 18.01 ? 54  GLU A N   1 
ATOM   408  C  CA  . GLU A 1 53  ? 7.026   -3.580  11.528  1.00 19.12 ? 54  GLU A CA  1 
ATOM   409  C  C   . GLU A 1 53  ? 7.912   -2.343  11.460  1.00 19.57 ? 54  GLU A C   1 
ATOM   410  O  O   . GLU A 1 53  ? 8.713   -2.105  12.364  1.00 19.57 ? 54  GLU A O   1 
ATOM   411  C  CB  . GLU A 1 53  ? 7.527   -4.611  10.519  1.00 19.39 ? 54  GLU A CB  1 
ATOM   412  C  CG  . GLU A 1 53  ? 7.104   -6.016  10.828  1.00 21.94 ? 54  GLU A CG  1 
ATOM   413  C  CD  . GLU A 1 53  ? 7.616   -6.496  12.185  1.00 24.02 ? 54  GLU A CD  1 
ATOM   414  O  OE1 . GLU A 1 53  ? 8.795   -6.259  12.517  1.00 23.04 ? 54  GLU A OE1 1 
ATOM   415  O  OE2 . GLU A 1 53  ? 6.818   -7.109  12.913  1.00 27.16 ? 54  GLU A OE2 1 
ATOM   416  N  N   . ALA A 1 54  ? 7.769   -1.562  10.387  1.00 19.18 ? 55  ALA A N   1 
ATOM   417  C  CA  . ALA A 1 54  ? 8.566   -0.341  10.207  1.00 19.52 ? 55  ALA A CA  1 
ATOM   418  C  C   . ALA A 1 54  ? 8.358   0.667   11.337  1.00 20.09 ? 55  ALA A C   1 
ATOM   419  O  O   . ALA A 1 54  ? 9.277   1.410   11.677  1.00 19.44 ? 55  ALA A O   1 
ATOM   420  C  CB  . ALA A 1 54  ? 8.292   0.304   8.851   1.00 17.94 ? 55  ALA A CB  1 
ATOM   421  N  N   . GLU A 1 55  ? 7.152   0.673   11.910  1.00 21.01 ? 56  GLU A N   1 
ATOM   422  C  CA  . GLU A 1 55  ? 6.822   1.536   13.043  1.00 22.72 ? 56  GLU A CA  1 
ATOM   423  C  C   . GLU A 1 55  ? 7.644   1.244   14.300  1.00 22.81 ? 56  GLU A C   1 
ATOM   424  O  O   . GLU A 1 55  ? 7.698   2.072   15.215  1.00 23.05 ? 56  GLU A O   1 
ATOM   425  C  CB  . GLU A 1 55  ? 5.331   1.434   13.370  1.00 23.46 ? 56  GLU A CB  1 
ATOM   426  C  CG  . GLU A 1 55  ? 4.458   2.337   12.528  1.00 26.37 ? 56  GLU A CG  1 
ATOM   427  C  CD  . GLU A 1 55  ? 3.080   1.763   12.296  1.00 30.89 ? 56  GLU A CD  1 
ATOM   428  O  OE1 . GLU A 1 55  ? 2.456   1.278   13.270  1.00 32.70 ? 56  GLU A OE1 1 
ATOM   429  O  OE2 . GLU A 1 55  ? 2.613   1.798   11.129  1.00 33.26 ? 56  GLU A OE2 1 
ATOM   430  N  N   . ASN A 1 56  ? 8.290   0.083   14.331  1.00 23.08 ? 57  ASN A N   1 
ATOM   431  C  CA  . ASN A 1 56  ? 9.166   -0.302  15.436  1.00 23.48 ? 57  ASN A CA  1 
ATOM   432  C  C   . ASN A 1 56  ? 10.477  0.484   15.458  1.00 22.90 ? 57  ASN A C   1 
ATOM   433  O  O   . ASN A 1 56  ? 11.127  0.563   16.497  1.00 22.60 ? 57  ASN A O   1 
ATOM   434  C  CB  . ASN A 1 56  ? 9.479   -1.799  15.386  1.00 23.87 ? 57  ASN A CB  1 
ATOM   435  C  CG  . ASN A 1 56  ? 8.309   -2.659  15.826  1.00 27.16 ? 57  ASN A CG  1 
ATOM   436  O  OD1 . ASN A 1 56  ? 7.221   -2.160  16.094  1.00 32.18 ? 57  ASN A OD1 1 
ATOM   437  N  ND2 . ASN A 1 56  ? 8.533   -3.966  15.904  1.00 31.69 ? 57  ASN A ND2 1 
ATOM   438  N  N   . ILE A 1 57  ? 10.856  1.043   14.305  1.00 22.23 ? 58  ILE A N   1 
ATOM   439  C  CA  . ILE A 1 57  ? 12.064  1.870   14.176  1.00 21.68 ? 58  ILE A CA  1 
ATOM   440  C  C   . ILE A 1 57  ? 11.787  3.233   14.798  1.00 21.12 ? 58  ILE A C   1 
ATOM   441  O  O   . ILE A 1 57  ? 10.764  3.857   14.523  1.00 19.95 ? 58  ILE A O   1 
ATOM   442  C  CB  . ILE A 1 57  ? 12.516  2.008   12.694  1.00 21.39 ? 58  ILE A CB  1 
ATOM   443  C  CG1 . ILE A 1 57  ? 12.839  0.628   12.098  1.00 22.15 ? 58  ILE A CG1 1 
ATOM   444  C  CG2 . ILE A 1 57  ? 13.747  2.917   12.563  1.00 22.58 ? 58  ILE A CG2 1 
ATOM   445  C  CD1 . ILE A 1 57  ? 12.923  0.636   10.577  1.00 21.32 ? 58  ILE A CD1 1 
ATOM   446  N  N   . SER A 1 58  ? 12.700  3.674   15.663  1.00 21.09 ? 59  SER A N   1 
ATOM   447  C  CA  . SER A 1 58  ? 12.559  4.944   16.372  1.00 20.78 ? 59  SER A CA  1 
ATOM   448  C  C   . SER A 1 58  ? 12.275  6.111   15.435  1.00 19.64 ? 59  SER A C   1 
ATOM   449  O  O   . SER A 1 58  ? 13.041  6.370   14.518  1.00 19.50 ? 59  SER A O   1 
ATOM   450  C  CB  . SER A 1 58  ? 13.830  5.243   17.180  1.00 21.74 ? 59  SER A CB  1 
ATOM   451  O  OG  . SER A 1 58  ? 13.725  6.516   17.806  1.00 24.83 ? 59  SER A OG  1 
ATOM   452  N  N   . GLY A 1 59  ? 11.169  6.809   15.673  1.00 18.93 ? 60  GLY A N   1 
ATOM   453  C  CA  . GLY A 1 59  ? 10.803  7.985   14.884  1.00 18.02 ? 60  GLY A CA  1 
ATOM   454  C  C   . GLY A 1 59  ? 10.378  7.697   13.456  1.00 17.66 ? 60  GLY A C   1 
ATOM   455  O  O   . GLY A 1 59  ? 10.347  8.606   12.625  1.00 18.08 ? 60  GLY A O   1 
ATOM   456  N  N   . CYS A 1 60  ? 10.047  6.437   13.175  1.00 16.58 ? 61  CYS A N   1 
ATOM   457  C  CA  . CYS A 1 60  ? 9.642   5.998   11.833  1.00 16.08 ? 61  CYS A CA  1 
ATOM   458  C  C   . CYS A 1 60  ? 8.110   5.934   11.668  1.00 15.33 ? 61  CYS A C   1 
ATOM   459  O  O   . CYS A 1 60  ? 7.439   5.095   12.282  1.00 14.67 ? 61  CYS A O   1 
ATOM   460  C  CB  . CYS A 1 60  ? 10.267  4.640   11.505  1.00 15.28 ? 61  CYS A CB  1 
ATOM   461  S  SG  . CYS A 1 60  ? 10.158  4.205   9.762   1.00 16.18 ? 61  CYS A SG  1 
ATOM   462  N  N   . ARG A 1 61  ? 7.585   6.809   10.812  1.00 15.13 ? 62  ARG A N   1 
ATOM   463  C  CA  . ARG A 1 61  ? 6.145   6.968   10.610  1.00 15.63 ? 62  ARG A CA  1 
ATOM   464  C  C   . ARG A 1 61  ? 5.798   6.773   9.134   1.00 15.46 ? 62  ARG A C   1 
ATOM   465  O  O   . ARG A 1 61  ? 5.889   7.704   8.348   1.00 15.66 ? 62  ARG A O   1 
ATOM   466  C  CB  . ARG A 1 61  ? 5.688   8.339   11.120  1.00 15.99 ? 62  ARG A CB  1 
ATOM   467  C  CG  . ARG A 1 61  ? 6.142   8.610   12.551  1.00 17.67 ? 62  ARG A CG  1 
ATOM   468  C  CD  . ARG A 1 61  ? 5.887   10.024  12.994  1.00 20.93 ? 62  ARG A CD  1 
ATOM   469  N  NE  . ARG A 1 61  ? 6.797   10.993  12.388  1.00 23.69 ? 62  ARG A NE  1 
ATOM   470  C  CZ  . ARG A 1 61  ? 7.889   11.476  12.971  1.00 23.49 ? 62  ARG A CZ  1 
ATOM   471  N  NH1 . ARG A 1 61  ? 8.252   11.079  14.191  1.00 22.73 ? 62  ARG A NH1 1 
ATOM   472  N  NH2 . ARG A 1 61  ? 8.621   12.366  12.321  1.00 25.80 ? 62  ARG A NH2 1 
ATOM   473  N  N   . PRO A 1 62  ? 5.425   5.538   8.752   1.00 15.74 ? 63  PRO A N   1 
ATOM   474  C  CA  . PRO A 1 62  ? 5.283   5.117   7.348   1.00 15.80 ? 63  PRO A CA  1 
ATOM   475  C  C   . PRO A 1 62  ? 4.379   5.971   6.459   1.00 16.15 ? 63  PRO A C   1 
ATOM   476  O  O   . PRO A 1 62  ? 4.676   6.134   5.280   1.00 15.74 ? 63  PRO A O   1 
ATOM   477  C  CB  . PRO A 1 62  ? 4.725   3.694   7.469   1.00 15.83 ? 63  PRO A CB  1 
ATOM   478  C  CG  . PRO A 1 62  ? 5.242   3.210   8.767   1.00 15.51 ? 63  PRO A CG  1 
ATOM   479  C  CD  . PRO A 1 62  ? 5.134   4.418   9.672   1.00 15.56 ? 63  PRO A CD  1 
ATOM   480  N  N   . LYS A 1 63  ? 3.295   6.524   7.007   1.00 16.61 ? 64  LYS A N   1 
ATOM   481  C  CA  . LYS A 1 63  ? 2.389   7.343   6.199   1.00 17.64 ? 64  LYS A CA  1 
ATOM   482  C  C   . LYS A 1 63  ? 2.969   8.724   5.920   1.00 17.36 ? 64  LYS A C   1 
ATOM   483  O  O   . LYS A 1 63  ? 2.566   9.385   4.975   1.00 18.21 ? 64  LYS A O   1 
ATOM   484  C  CB  . LYS A 1 63  ? 0.989   7.423   6.836   1.00 18.02 ? 64  LYS A CB  1 
ATOM   485  C  CG  . LYS A 1 63  ? 0.207   6.136   6.540   1.00 21.32 ? 64  LYS A CG  1 
ATOM   486  C  CD  . LYS A 1 63  ? -0.844  5.782   7.558   1.00 26.48 ? 64  LYS A CD  1 
ATOM   487  C  CE  . LYS A 1 63  ? -1.314  4.346   7.289   1.00 27.40 ? 64  LYS A CE  1 
ATOM   488  N  NZ  . LYS A 1 63  ? -2.797  4.272   7.068   1.00 29.14 ? 64  LYS A NZ  1 
ATOM   489  N  N   . PHE A 1 64  ? 3.937   9.133   6.728   1.00 16.59 ? 65  PHE A N   1 
ATOM   490  C  CA  . PHE A 1 64  ? 4.490   10.477  6.623   1.00 17.21 ? 65  PHE A CA  1 
ATOM   491  C  C   . PHE A 1 64  ? 5.939   10.518  6.159   1.00 17.05 ? 65  PHE A C   1 
ATOM   492  O  O   . PHE A 1 64  ? 6.377   11.546  5.664   1.00 16.94 ? 65  PHE A O   1 
ATOM   493  C  CB  . PHE A 1 64  ? 4.310   11.227  7.947   1.00 16.86 ? 65  PHE A CB  1 
ATOM   494  C  CG  . PHE A 1 64  ? 2.879   11.355  8.358   1.00 17.93 ? 65  PHE A CG  1 
ATOM   495  C  CD1 . PHE A 1 64  ? 2.049   12.277  7.733   1.00 19.04 ? 65  PHE A CD1 1 
ATOM   496  C  CD2 . PHE A 1 64  ? 2.344   10.528  9.340   1.00 18.44 ? 65  PHE A CD2 1 
ATOM   497  C  CE1 . PHE A 1 64  ? 0.700   12.381  8.077   1.00 19.97 ? 65  PHE A CE1 1 
ATOM   498  C  CE2 . PHE A 1 64  ? 0.993   10.635  9.708   1.00 20.58 ? 65  PHE A CE2 1 
ATOM   499  C  CZ  . PHE A 1 64  ? 0.173   11.560  9.069   1.00 19.14 ? 65  PHE A CZ  1 
ATOM   500  N  N   . LYS A 1 65  ? 6.664   9.400   6.288   1.00 16.85 ? 66  LYS A N   1 
ATOM   501  C  CA  . LYS A 1 65  ? 8.091   9.356   5.913   1.00 17.05 ? 66  LYS A CA  1 
ATOM   502  C  C   . LYS A 1 65  ? 8.267   9.506   4.402   1.00 17.12 ? 66  LYS A C   1 
ATOM   503  O  O   . LYS A 1 65  ? 7.689   8.743   3.619   1.00 17.20 ? 66  LYS A O   1 
ATOM   504  C  CB  . LYS A 1 65  ? 8.770   8.054   6.381   1.00 17.12 ? 66  LYS A CB  1 
ATOM   505  C  CG  . LYS A 1 65  ? 10.273  7.954   6.006   1.00 17.05 ? 66  LYS A CG  1 
ATOM   506  C  CD  . LYS A 1 65  ? 11.084  9.024   6.741   1.00 15.89 ? 66  LYS A CD  1 
ATOM   507  C  CE  . LYS A 1 65  ? 12.563  9.026   6.354   1.00 18.01 ? 66  LYS A CE  1 
ATOM   508  N  NZ  . LYS A 1 65  ? 13.279  10.141  7.055   1.00 18.22 ? 66  LYS A NZ  1 
ATOM   509  N  N   . THR A 1 66  ? 9.065   10.501  4.018   1.00 17.39 ? 67  THR A N   1 
ATOM   510  C  CA  . THR A 1 66  ? 9.425   10.756  2.636   1.00 18.11 ? 67  THR A CA  1 
ATOM   511  C  C   . THR A 1 66  ? 10.682  9.945   2.315   1.00 17.97 ? 67  THR A C   1 
ATOM   512  O  O   . THR A 1 66  ? 11.722  10.112  2.948   1.00 17.68 ? 67  THR A O   1 
ATOM   513  C  CB  . THR A 1 66  ? 9.652   12.269  2.398   1.00 18.18 ? 67  THR A CB  1 
ATOM   514  O  OG1 . THR A 1 66  ? 8.426   12.964  2.649   1.00 19.58 ? 67  THR A OG1 1 
ATOM   515  C  CG2 . THR A 1 66  ? 10.089  12.545  0.961   1.00 19.57 ? 67  THR A CG2 1 
ATOM   516  N  N   . TYR A 1 67  ? 10.563  9.040   1.353   1.00 17.35 ? 68  TYR A N   1 
ATOM   517  C  CA  . TYR A 1 67  ? 11.696  8.238   0.932   1.00 16.89 ? 68  TYR A CA  1 
ATOM   518  C  C   . TYR A 1 67  ? 12.155  8.637   -0.476  1.00 17.15 ? 68  TYR A C   1 
ATOM   519  O  O   . TYR A 1 67  ? 11.539  9.491   -1.129  1.00 17.46 ? 68  TYR A O   1 
ATOM   520  C  CB  . TYR A 1 67  ? 11.377  6.737   1.041   1.00 16.55 ? 68  TYR A CB  1 
ATOM   521  C  CG  . TYR A 1 67  ? 10.050  6.323   0.428   1.00 15.88 ? 68  TYR A CG  1 
ATOM   522  C  CD1 . TYR A 1 67  ? 9.883   6.285   -0.957  1.00 17.79 ? 68  TYR A CD1 1 
ATOM   523  C  CD2 . TYR A 1 67  ? 8.968   5.950   1.239   1.00 15.05 ? 68  TYR A CD2 1 
ATOM   524  C  CE1 . TYR A 1 67  ? 8.667   5.902   -1.537  1.00 16.48 ? 68  TYR A CE1 1 
ATOM   525  C  CE2 . TYR A 1 67  ? 7.750   5.550   0.679   1.00 14.26 ? 68  TYR A CE2 1 
ATOM   526  C  CZ  . TYR A 1 67  ? 7.607   5.536   -0.718  1.00 16.03 ? 68  TYR A CZ  1 
ATOM   527  O  OH  . TYR A 1 67  ? 6.425   5.168   -1.313  1.00 13.39 ? 68  TYR A OH  1 
ATOM   528  N  N   . SER A 1 68  ? 13.233  8.016   -0.934  1.00 16.90 ? 69  SER A N   1 
ATOM   529  C  CA  . SER A 1 68  ? 13.800  8.298   -2.243  1.00 17.63 ? 69  SER A CA  1 
ATOM   530  C  C   . SER A 1 68  ? 13.573  7.072   -3.135  1.00 17.28 ? 69  SER A C   1 
ATOM   531  O  O   . SER A 1 68  ? 14.009  5.975   -2.799  1.00 17.12 ? 69  SER A O   1 
ATOM   532  C  CB  . SER A 1 68  ? 15.295  8.616   -2.098  1.00 17.70 ? 69  SER A CB  1 
ATOM   533  O  OG  . SER A 1 68  ? 15.952  8.551   -3.349  1.00 21.76 ? 69  SER A OG  1 
ATOM   534  N  N   . TYR A 1 69  ? 12.872  7.265   -4.252  1.00 17.81 ? 70  TYR A N   1 
ATOM   535  C  CA  . TYR A 1 69  ? 12.531  6.173   -5.168  1.00 18.85 ? 70  TYR A CA  1 
ATOM   536  C  C   . TYR A 1 69  ? 12.418  6.682   -6.596  1.00 19.61 ? 70  TYR A C   1 
ATOM   537  O  O   . TYR A 1 69  ? 12.346  7.885   -6.832  1.00 19.26 ? 70  TYR A O   1 
ATOM   538  C  CB  . TYR A 1 69  ? 11.212  5.500   -4.735  1.00 18.98 ? 70  TYR A CB  1 
ATOM   539  C  CG  . TYR A 1 69  ? 9.974   6.287   -5.101  1.00 19.46 ? 70  TYR A CG  1 
ATOM   540  C  CD1 . TYR A 1 69  ? 9.669   7.494   -4.462  1.00 17.81 ? 70  TYR A CD1 1 
ATOM   541  C  CD2 . TYR A 1 69  ? 9.113   5.836   -6.116  1.00 18.27 ? 70  TYR A CD2 1 
ATOM   542  C  CE1 . TYR A 1 69  ? 8.543   8.215   -4.802  1.00 19.61 ? 70  TYR A CE1 1 
ATOM   543  C  CE2 . TYR A 1 69  ? 7.988   6.551   -6.461  1.00 19.83 ? 70  TYR A CE2 1 
ATOM   544  C  CZ  . TYR A 1 69  ? 7.701   7.737   -5.804  1.00 20.18 ? 70  TYR A CZ  1 
ATOM   545  O  OH  . TYR A 1 69  ? 6.580   8.466   -6.165  1.00 22.26 ? 70  TYR A OH  1 
ATOM   546  N  N   . GLU A 1 70  ? 12.395  5.761   -7.545  1.00 20.79 ? 71  GLU A N   1 
ATOM   547  C  CA  . GLU A 1 70  ? 12.189  6.115   -8.934  1.00 22.71 ? 71  GLU A CA  1 
ATOM   548  C  C   . GLU A 1 70  ? 11.202  5.175   -9.591  1.00 23.35 ? 71  GLU A C   1 
ATOM   549  O  O   . GLU A 1 70  ? 11.119  3.989   -9.267  1.00 23.39 ? 71  GLU A O   1 
ATOM   550  C  CB  . GLU A 1 70  ? 13.512  6.104   -9.711  1.00 22.53 ? 71  GLU A CB  1 
ATOM   551  C  CG  . GLU A 1 70  ? 13.366  6.580   -11.137 1.00 26.10 ? 71  GLU A CG  1 
ATOM   552  C  CD  . GLU A 1 70  ? 14.656  6.544   -11.919 1.00 31.41 ? 71  GLU A CD  1 
ATOM   553  O  OE1 . GLU A 1 70  ? 15.741  6.449   -11.292 1.00 32.63 ? 71  GLU A OE1 1 
ATOM   554  O  OE2 . GLU A 1 70  ? 14.577  6.603   -13.165 1.00 33.55 ? 71  GLU A OE2 1 
ATOM   555  N  N   . CYS A 1 71  ? 10.461  5.726   -10.534 1.00 24.93 ? 72  CYS A N   1 
ATOM   556  C  CA  . CYS A 1 71  ? 9.608   4.932   -11.373 1.00 26.80 ? 72  CYS A CA  1 
ATOM   557  C  C   . CYS A 1 71  ? 9.740   5.401   -12.814 1.00 26.43 ? 72  CYS A C   1 
ATOM   558  O  O   . CYS A 1 71  ? 9.308   6.505   -13.141 1.00 26.15 ? 72  CYS A O   1 
ATOM   559  C  CB  . CYS A 1 71  ? 8.177   5.074   -10.906 1.00 27.58 ? 72  CYS A CB  1 
ATOM   560  S  SG  . CYS A 1 71  ? 7.433   3.495   -10.845 1.00 35.89 ? 72  CYS A SG  1 
ATOM   561  N  N   . THR A 1 72  ? 10.375  4.574   -13.651 1.00 26.17 ? 73  THR A N   1 
ATOM   562  C  CA  . THR A 1 72  ? 10.504  4.836   -15.092 1.00 26.32 ? 73  THR A CA  1 
ATOM   563  C  C   . THR A 1 72  ? 10.589  3.549   -15.886 1.00 24.79 ? 73  THR A C   1 
ATOM   564  O  O   . THR A 1 72  ? 11.155  2.550   -15.418 1.00 23.84 ? 73  THR A O   1 
ATOM   565  C  CB  . THR A 1 72  ? 11.771  5.658   -15.480 1.00 26.40 ? 73  THR A CB  1 
ATOM   566  O  OG1 . THR A 1 72  ? 12.881  5.259   -14.669 1.00 28.80 ? 73  THR A OG1 1 
ATOM   567  C  CG2 . THR A 1 72  ? 11.541  7.139   -15.336 1.00 29.19 ? 73  THR A CG2 1 
ATOM   568  N  N   . GLN A 1 73  ? 10.037  3.598   -17.097 1.00 24.10 ? 74  GLN A N   1 
ATOM   569  C  CA  . GLN A 1 73  ? 10.119  2.505   -18.074 1.00 23.72 ? 74  GLN A CA  1 
ATOM   570  C  C   . GLN A 1 73  ? 9.738   1.151   -17.472 1.00 23.25 ? 74  GLN A C   1 
ATOM   571  O  O   . GLN A 1 73  ? 10.384  0.125   -17.715 1.00 22.84 ? 74  GLN A O   1 
ATOM   572  C  CB  . GLN A 1 73  ? 11.503  2.475   -18.743 1.00 23.56 ? 74  GLN A CB  1 
ATOM   573  C  CG  . GLN A 1 73  ? 11.855  3.782   -19.480 1.00 24.07 ? 74  GLN A CG  1 
ATOM   574  C  CD  . GLN A 1 73  ? 13.191  3.765   -20.213 1.00 25.14 ? 74  GLN A CD  1 
ATOM   575  O  OE1 . GLN A 1 73  ? 13.416  4.574   -21.113 1.00 28.30 ? 74  GLN A OE1 1 
ATOM   576  N  NE2 . GLN A 1 73  ? 14.088  2.879   -19.818 1.00 26.44 ? 74  GLN A NE2 1 
ATOM   577  N  N   . GLY A 1 74  ? 8.674   1.172   -16.677 1.00 23.00 ? 75  GLY A N   1 
ATOM   578  C  CA  . GLY A 1 74  ? 8.087   -0.041  -16.126 1.00 22.92 ? 75  GLY A CA  1 
ATOM   579  C  C   . GLY A 1 74  ? 8.791   -0.618  -14.910 1.00 22.83 ? 75  GLY A C   1 
ATOM   580  O  O   . GLY A 1 74  ? 8.444   -1.721  -14.462 1.00 23.18 ? 75  GLY A O   1 
ATOM   581  N  N   . THR A 1 75  ? 9.771   0.118   -14.385 1.00 22.70 ? 76  THR A N   1 
ATOM   582  C  CA  . THR A 1 75  ? 10.606  -0.326  -13.260 1.00 23.21 ? 76  THR A CA  1 
ATOM   583  C  C   . THR A 1 75  ? 10.480  0.629   -12.064 1.00 23.24 ? 76  THR A C   1 
ATOM   584  O  O   . THR A 1 75  ? 10.573  1.844   -12.213 1.00 23.52 ? 76  THR A O   1 
ATOM   585  C  CB  . THR A 1 75  ? 12.100  -0.474  -13.695 1.00 23.49 ? 76  THR A CB  1 
ATOM   586  O  OG1 . THR A 1 75  ? 12.244  -1.631  -14.520 1.00 24.55 ? 76  THR A OG1 1 
ATOM   587  C  CG2 . THR A 1 75  ? 13.052  -0.618  -12.496 1.00 24.15 ? 76  THR A CG2 1 
ATOM   588  N  N   . LEU A 1 76  ? 10.264  0.053   -10.885 1.00 23.00 ? 77  LEU A N   1 
ATOM   589  C  CA  . LEU A 1 76  ? 10.151  0.774   -9.625  1.00 22.92 ? 77  LEU A CA  1 
ATOM   590  C  C   . LEU A 1 76  ? 11.367  0.413   -8.774  1.00 22.97 ? 77  LEU A C   1 
ATOM   591  O  O   . LEU A 1 76  ? 11.627  -0.772  -8.536  1.00 22.77 ? 77  LEU A O   1 
ATOM   592  C  CB  . LEU A 1 76  ? 8.849   0.338   -8.926  1.00 23.55 ? 77  LEU A CB  1 
ATOM   593  C  CG  . LEU A 1 76  ? 8.164   1.072   -7.776  1.00 23.49 ? 77  LEU A CG  1 
ATOM   594  C  CD1 . LEU A 1 76  ? 8.001   2.550   -8.056  1.00 23.46 ? 77  LEU A CD1 1 
ATOM   595  C  CD2 . LEU A 1 76  ? 6.791   0.420   -7.468  1.00 22.72 ? 77  LEU A CD2 1 
ATOM   596  N  N   . THR A 1 77  ? 12.122  1.428   -8.349  1.00 22.31 ? 78  THR A N   1 
ATOM   597  C  CA  . THR A 1 77  ? 13.342  1.233   -7.565  1.00 23.26 ? 78  THR A CA  1 
ATOM   598  C  C   . THR A 1 77  ? 13.326  2.124   -6.335  1.00 22.59 ? 78  THR A C   1 
ATOM   599  O  O   . THR A 1 77  ? 13.028  3.307   -6.444  1.00 22.76 ? 78  THR A O   1 
ATOM   600  C  CB  . THR A 1 77  ? 14.625  1.615   -8.375  1.00 22.99 ? 78  THR A CB  1 
ATOM   601  O  OG1 . THR A 1 77  ? 14.569  1.037   -9.683  1.00 25.66 ? 78  THR A OG1 1 
ATOM   602  C  CG2 . THR A 1 77  ? 15.894  1.123   -7.661  1.00 25.42 ? 78  THR A CG2 1 
ATOM   603  N  N   . CYS A 1 78  ? 13.674  1.566   -5.181  1.00 22.12 ? 79  CYS A N   1 
ATOM   604  C  CA  . CYS A 1 78  ? 14.008  2.378   -4.011  1.00 21.91 ? 79  CYS A CA  1 
ATOM   605  C  C   . CYS A 1 78  ? 15.511  2.659   -4.036  1.00 23.30 ? 79  CYS A C   1 
ATOM   606  O  O   . CYS A 1 78  ? 16.317  1.735   -4.172  1.00 23.33 ? 79  CYS A O   1 
ATOM   607  C  CB  . CYS A 1 78  ? 13.651  1.644   -2.719  1.00 21.17 ? 79  CYS A CB  1 
ATOM   608  S  SG  . CYS A 1 78  ? 11.909  1.280   -2.514  1.00 16.56 ? 79  CYS A SG  1 
ATOM   609  N  N   . LYS A 1 79  ? 15.883  3.926   -3.881  1.00 24.92 ? 80  LYS A N   1 
ATOM   610  C  CA  . LYS A 1 79  ? 17.284  4.344   -4.060  1.00 26.60 ? 80  LYS A CA  1 
ATOM   611  C  C   . LYS A 1 79  ? 18.190  4.139   -2.843  1.00 27.52 ? 80  LYS A C   1 
ATOM   612  O  O   . LYS A 1 79  ? 17.724  3.880   -1.720  1.00 27.89 ? 80  LYS A O   1 
ATOM   613  C  CB  . LYS A 1 79  ? 17.349  5.799   -4.508  1.00 26.88 ? 80  LYS A CB  1 
ATOM   614  C  CG  . LYS A 1 79  ? 16.817  6.050   -5.908  1.00 28.48 ? 80  LYS A CG  1 
ATOM   615  C  CD  . LYS A 1 79  ? 16.843  7.540   -6.183  1.00 30.25 ? 80  LYS A CD  1 
ATOM   616  C  CE  . LYS A 1 79  ? 16.409  7.872   -7.581  1.00 32.80 ? 80  LYS A CE  1 
ATOM   617  N  NZ  . LYS A 1 79  ? 16.469  9.353   -7.796  1.00 34.92 ? 80  LYS A NZ  1 
ATOM   618  N  N   . GLY A 1 80  ? 19.492  4.263   -3.086  1.00 28.34 ? 81  GLY A N   1 
ATOM   619  C  CA  . GLY A 1 80  ? 20.508  4.024   -2.064  1.00 28.90 ? 81  GLY A CA  1 
ATOM   620  C  C   . GLY A 1 80  ? 20.595  5.082   -0.983  1.00 29.16 ? 81  GLY A C   1 
ATOM   621  O  O   . GLY A 1 80  ? 21.133  4.814   0.087   1.00 30.12 ? 81  GLY A O   1 
ATOM   622  N  N   . ASP A 1 81  ? 20.068  6.278   -1.240  1.00 29.16 ? 82  ASP A N   1 
ATOM   623  C  CA  . ASP A 1 81  ? 20.163  7.366   -0.261  1.00 29.15 ? 82  ASP A CA  1 
ATOM   624  C  C   . ASP A 1 81  ? 19.054  7.346   0.808   1.00 28.06 ? 82  ASP A C   1 
ATOM   625  O  O   . ASP A 1 81  ? 18.748  8.381   1.412   1.00 29.14 ? 82  ASP A O   1 
ATOM   626  C  CB  . ASP A 1 81  ? 20.224  8.728   -0.968  1.00 29.80 ? 82  ASP A CB  1 
ATOM   627  C  CG  . ASP A 1 81  ? 19.038  8.967   -1.880  1.00 32.25 ? 82  ASP A CG  1 
ATOM   628  O  OD1 . ASP A 1 81  ? 18.565  7.995   -2.520  1.00 34.74 ? 82  ASP A OD1 1 
ATOM   629  O  OD2 . ASP A 1 81  ? 18.583  10.128  -1.965  1.00 34.55 ? 82  ASP A OD2 1 
ATOM   630  N  N   . ASN A 1 82  ? 18.451  6.180   1.041   1.00 26.03 ? 83  ASN A N   1 
ATOM   631  C  CA  . ASN A 1 82  ? 17.431  6.022   2.084   1.00 23.28 ? 83  ASN A CA  1 
ATOM   632  C  C   . ASN A 1 82  ? 18.051  5.520   3.390   1.00 22.34 ? 83  ASN A C   1 
ATOM   633  O  O   . ASN A 1 82  ? 18.841  4.574   3.375   1.00 21.79 ? 83  ASN A O   1 
ATOM   634  C  CB  . ASN A 1 82  ? 16.347  5.023   1.640   1.00 22.55 ? 83  ASN A CB  1 
ATOM   635  C  CG  . ASN A 1 82  ? 15.455  5.563   0.549   1.00 20.64 ? 83  ASN A CG  1 
ATOM   636  O  OD1 . ASN A 1 82  ? 14.882  6.644   0.678   1.00 17.05 ? 83  ASN A OD1 1 
ATOM   637  N  ND2 . ASN A 1 82  ? 15.317  4.798   -0.543  1.00 18.61 ? 83  ASN A ND2 1 
ATOM   638  N  N   . ASN A 1 83  ? 17.677  6.137   4.514   1.00 20.85 ? 84  ASN A N   1 
ATOM   639  C  CA  . ASN A 1 83  ? 18.035  5.612   5.839   1.00 19.70 ? 84  ASN A CA  1 
ATOM   640  C  C   . ASN A 1 83  ? 17.191  4.382   6.176   1.00 18.85 ? 84  ASN A C   1 
ATOM   641  O  O   . ASN A 1 83  ? 16.310  4.029   5.398   1.00 18.08 ? 84  ASN A O   1 
ATOM   642  C  CB  . ASN A 1 83  ? 17.976  6.707   6.931   1.00 19.52 ? 84  ASN A CB  1 
ATOM   643  C  CG  . ASN A 1 83  ? 16.553  7.178   7.279   1.00 20.70 ? 84  ASN A CG  1 
ATOM   644  O  OD1 . ASN A 1 83  ? 15.539  6.523   6.986   1.00 19.80 ? 84  ASN A OD1 1 
ATOM   645  N  ND2 . ASN A 1 83  ? 16.488  8.333   7.950   1.00 20.90 ? 84  ASN A ND2 1 
ATOM   646  N  N   . ALA A 1 84  ? 17.451  3.735   7.313   1.00 17.88 ? 85  ALA A N   1 
ATOM   647  C  CA  . ALA A 1 84  ? 16.774  2.472   7.638   1.00 17.47 ? 85  ALA A CA  1 
ATOM   648  C  C   . ALA A 1 84  ? 15.241  2.570   7.646   1.00 17.61 ? 85  ALA A C   1 
ATOM   649  O  O   . ALA A 1 84  ? 14.565  1.674   7.132   1.00 17.75 ? 85  ALA A O   1 
ATOM   650  C  CB  . ALA A 1 84  ? 17.278  1.907   8.954   1.00 17.61 ? 85  ALA A CB  1 
ATOM   651  N  N   . CYS A 1 85  ? 14.701  3.649   8.225   1.00 17.03 ? 86  CYS A N   1 
ATOM   652  C  CA  . CYS A 1 85  ? 13.259  3.933   8.166   1.00 16.44 ? 86  CYS A CA  1 
ATOM   653  C  C   . CYS A 1 85  ? 12.747  4.086   6.731   1.00 15.94 ? 86  CYS A C   1 
ATOM   654  O  O   . CYS A 1 85  ? 11.788  3.409   6.343   1.00 15.62 ? 86  CYS A O   1 
ATOM   655  C  CB  . CYS A 1 85  ? 12.907  5.200   8.966   1.00 16.53 ? 86  CYS A CB  1 
ATOM   656  S  SG  . CYS A 1 85  ? 11.160  5.706   8.839   1.00 16.66 ? 86  CYS A SG  1 
ATOM   657  N  N   . ALA A 1 86  ? 13.378  4.980   5.961   1.00 15.52 ? 87  ALA A N   1 
ATOM   658  C  CA  . ALA A 1 86  ? 12.973  5.257   4.576   1.00 15.57 ? 87  ALA A CA  1 
ATOM   659  C  C   . ALA A 1 86  ? 13.075  4.009   3.679   1.00 15.06 ? 87  ALA A C   1 
ATOM   660  O  O   . ALA A 1 86  ? 12.203  3.764   2.842   1.00 15.16 ? 87  ALA A O   1 
ATOM   661  C  CB  . ALA A 1 86  ? 13.793  6.425   3.983   1.00 14.97 ? 87  ALA A CB  1 
ATOM   662  N  N   . ALA A 1 87  ? 14.134  3.231   3.884   1.00 14.90 ? 88  ALA A N   1 
ATOM   663  C  CA  . ALA A 1 87  ? 14.418  2.024   3.107   1.00 14.57 ? 88  ALA A CA  1 
ATOM   664  C  C   . ALA A 1 87  ? 13.353  0.939   3.348   1.00 14.25 ? 88  ALA A C   1 
ATOM   665  O  O   . ALA A 1 87  ? 12.856  0.326   2.399   1.00 13.93 ? 88  ALA A O   1 
ATOM   666  C  CB  . ALA A 1 87  ? 15.818  1.498   3.451   1.00 14.61 ? 88  ALA A CB  1 
ATOM   667  N  N   . SER A 1 88  ? 13.015  0.716   4.615   1.00 13.96 ? 89  SER A N   1 
ATOM   668  C  CA  . SER A 1 88  ? 11.944  -0.212  4.989   1.00 14.66 ? 89  SER A CA  1 
ATOM   669  C  C   . SER A 1 88  ? 10.596  0.228   4.438   1.00 14.20 ? 89  SER A C   1 
ATOM   670  O  O   . SER A 1 88  ? 9.891   -0.576  3.852   1.00 14.17 ? 89  SER A O   1 
ATOM   671  C  CB  . SER A 1 88  ? 11.855  -0.386  6.513   1.00 14.80 ? 89  SER A CB  1 
ATOM   672  O  OG  . SER A 1 88  ? 13.068  -0.930  7.035   1.00 19.20 ? 89  SER A OG  1 
ATOM   673  N  N   . VAL A 1 89  ? 10.238  1.498   4.635   1.00 14.35 ? 90  VAL A N   1 
ATOM   674  C  CA  . VAL A 1 89  ? 8.951   1.992   4.147   1.00 14.64 ? 90  VAL A CA  1 
ATOM   675  C  C   . VAL A 1 89  ? 8.863   1.946   2.614   1.00 14.57 ? 90  VAL A C   1 
ATOM   676  O  O   . VAL A 1 89  ? 7.867   1.461   2.061   1.00 13.51 ? 90  VAL A O   1 
ATOM   677  C  CB  . VAL A 1 89  ? 8.588   3.380   4.695   1.00 14.69 ? 90  VAL A CB  1 
ATOM   678  C  CG1 . VAL A 1 89  ? 7.253   3.823   4.138   1.00 15.80 ? 90  VAL A CG1 1 
ATOM   679  C  CG2 . VAL A 1 89  ? 8.500   3.334   6.223   1.00 16.47 ? 90  VAL A CG2 1 
ATOM   680  N  N   . CYS A 1 90  ? 9.906   2.430   1.938   1.00 14.34 ? 91  CYS A N   1 
ATOM   681  C  CA  . CYS A 1 90  ? 9.964   2.325   0.488   1.00 14.51 ? 91  CYS A CA  1 
ATOM   682  C  C   . CYS A 1 90  ? 9.771   0.867   0.034   1.00 14.84 ? 91  CYS A C   1 
ATOM   683  O  O   . CYS A 1 90  ? 9.034   0.608   -0.916  1.00 14.16 ? 91  CYS A O   1 
ATOM   684  C  CB  . CYS A 1 90  ? 11.279  2.870   -0.068  1.00 14.23 ? 91  CYS A CB  1 
ATOM   685  S  SG  . CYS A 1 90  ? 11.195  3.055   -1.869  1.00 15.31 ? 91  CYS A SG  1 
ATOM   686  N  N   . ASP A 1 91  ? 10.420  -0.077  0.714   1.00 14.96 ? 92  ASP A N   1 
ATOM   687  C  CA  . ASP A 1 91  ? 10.292  -1.489  0.319   1.00 15.51 ? 92  ASP A CA  1 
ATOM   688  C  C   . ASP A 1 91  ? 8.877   -2.024  0.529   1.00 14.62 ? 92  ASP A C   1 
ATOM   689  O  O   . ASP A 1 91  ? 8.377   -2.735  -0.323  1.00 14.83 ? 92  ASP A O   1 
ATOM   690  C  CB  . ASP A 1 91  ? 11.302  -2.379  1.033   1.00 16.13 ? 92  ASP A CB  1 
ATOM   691  C  CG  . ASP A 1 91  ? 11.634  -3.620  0.235   1.00 21.04 ? 92  ASP A CG  1 
ATOM   692  O  OD1 . ASP A 1 91  ? 12.085  -3.483  -0.932  1.00 25.43 ? 92  ASP A OD1 1 
ATOM   693  O  OD2 . ASP A 1 91  ? 11.427  -4.733  0.758   1.00 26.85 ? 92  ASP A OD2 1 
ATOM   694  N  N   . CYS A 1 92  ? 8.236   -1.655  1.642   1.00 13.58 ? 93  CYS A N   1 
ATOM   695  C  CA  . CYS A 1 92  ? 6.836   -2.025  1.893   1.00 13.28 ? 93  CYS A CA  1 
ATOM   696  C  C   . CYS A 1 92  ? 5.973   -1.543  0.731   1.00 12.66 ? 93  CYS A C   1 
ATOM   697  O  O   . CYS A 1 92  ? 5.179   -2.300  0.183   1.00 11.14 ? 93  CYS A O   1 
ATOM   698  C  CB  . CYS A 1 92  ? 6.296   -1.380  3.184   1.00 12.57 ? 93  CYS A CB  1 
ATOM   699  S  SG  . CYS A 1 92  ? 7.031   -1.849  4.750   1.00 14.23 ? 93  CYS A SG  1 
ATOM   700  N  N   . ASP A 1 93  ? 6.126   -0.264  0.388   1.00 12.69 ? 94  ASP A N   1 
ATOM   701  C  CA  . ASP A 1 93  ? 5.348   0.366   -0.690  1.00 13.34 ? 94  ASP A CA  1 
ATOM   702  C  C   . ASP A 1 93  ? 5.561   -0.301  -2.053  1.00 13.90 ? 94  ASP A C   1 
ATOM   703  O  O   . ASP A 1 93  ? 4.602   -0.673  -2.746  1.00 13.40 ? 94  ASP A O   1 
ATOM   704  C  CB  . ASP A 1 93  ? 5.638   1.875   -0.753  1.00 12.56 ? 94  ASP A CB  1 
ATOM   705  C  CG  . ASP A 1 93  ? 4.910   2.643   0.336   1.00 13.74 ? 94  ASP A CG  1 
ATOM   706  O  OD1 . ASP A 1 93  ? 4.221   1.993   1.160   1.00 14.52 ? 94  ASP A OD1 1 
ATOM   707  O  OD2 . ASP A 1 93  ? 4.997   3.882   0.383   1.00 13.13 ? 94  ASP A OD2 1 
ATOM   708  N  N   . ARG A 1 94  ? 6.829   -0.459  -2.410  1.00 14.46 ? 95  ARG A N   1 
ATOM   709  C  CA  . ARG A 1 94  ? 7.223   -1.093  -3.659  1.00 15.47 ? 95  ARG A CA  1 
ATOM   710  C  C   . ARG A 1 94  ? 6.678   -2.515  -3.815  1.00 15.71 ? 95  ARG A C   1 
ATOM   711  O  O   . ARG A 1 94  ? 6.120   -2.856  -4.867  1.00 15.98 ? 95  ARG A O   1 
ATOM   712  C  CB  . ARG A 1 94  ? 8.744   -1.081  -3.768  1.00 15.42 ? 95  ARG A CB  1 
ATOM   713  C  CG  . ARG A 1 94  ? 9.253   -1.517  -5.107  1.00 18.73 ? 95  ARG A CG  1 
ATOM   714  C  CD  . ARG A 1 94  ? 10.748  -1.634  -5.100  1.00 22.36 ? 95  ARG A CD  1 
ATOM   715  N  NE  . ARG A 1 94  ? 11.089  -2.936  -5.640  1.00 29.92 ? 95  ARG A NE  1 
ATOM   716  C  CZ  . ARG A 1 94  ? 11.472  -3.984  -4.920  1.00 29.68 ? 95  ARG A CZ  1 
ATOM   717  N  NH1 . ARG A 1 94  ? 11.626  -3.894  -3.604  1.00 30.75 ? 95  ARG A NH1 1 
ATOM   718  N  NH2 . ARG A 1 94  ? 11.718  -5.124  -5.536  1.00 31.07 ? 95  ARG A NH2 1 
ATOM   719  N  N   . LEU A 1 95  ? 6.836   -3.347  -2.787  1.00 16.09 ? 96  LEU A N   1 
ATOM   720  C  CA  . LEU A 1 95  ? 6.333   -4.714  -2.877  1.00 16.86 ? 96  LEU A CA  1 
ATOM   721  C  C   . LEU A 1 95  ? 4.815   -4.761  -3.009  1.00 17.08 ? 96  LEU A C   1 
ATOM   722  O  O   . LEU A 1 95  ? 4.298   -5.613  -3.722  1.00 17.54 ? 96  LEU A O   1 
ATOM   723  C  CB  . LEU A 1 95  ? 6.832   -5.601  -1.733  1.00 16.83 ? 96  LEU A CB  1 
ATOM   724  C  CG  . LEU A 1 95  ? 8.337   -5.937  -1.661  1.00 18.88 ? 96  LEU A CG  1 
ATOM   725  C  CD1 . LEU A 1 95  ? 8.659   -6.707  -0.373  1.00 19.93 ? 96  LEU A CD1 1 
ATOM   726  C  CD2 . LEU A 1 95  ? 8.828   -6.746  -2.874  1.00 20.85 ? 96  LEU A CD2 1 
ATOM   727  N  N   . ALA A 1 96  ? 4.106   -3.840  -2.352  1.00 16.73 ? 97  ALA A N   1 
ATOM   728  C  CA  . ALA A 1 96  ? 2.637   -3.753  -2.477  1.00 17.17 ? 97  ALA A CA  1 
ATOM   729  C  C   . ALA A 1 96  ? 2.183   -3.293  -3.873  1.00 17.58 ? 97  ALA A C   1 
ATOM   730  O  O   . ALA A 1 96  ? 1.221   -3.825  -4.430  1.00 17.17 ? 97  ALA A O   1 
ATOM   731  C  CB  . ALA A 1 96  ? 2.064   -2.835  -1.418  1.00 16.96 ? 97  ALA A CB  1 
ATOM   732  N  N   . ALA A 1 97  ? 2.862   -2.289  -4.423  1.00 17.69 ? 98  ALA A N   1 
ATOM   733  C  CA  . ALA A 1 97  ? 2.518   -1.763  -5.750  1.00 17.97 ? 98  ALA A CA  1 
ATOM   734  C  C   . ALA A 1 97  ? 2.714   -2.832  -6.823  1.00 18.29 ? 98  ALA A C   1 
ATOM   735  O  O   . ALA A 1 97  ? 1.910   -2.946  -7.758  1.00 18.49 ? 98  ALA A O   1 
ATOM   736  C  CB  . ALA A 1 97  ? 3.338   -0.511  -6.055  1.00 17.78 ? 98  ALA A CB  1 
ATOM   737  N  N   . ILE A 1 98  ? 3.765   -3.633  -6.655  1.00 18.69 ? 99  ILE A N   1 
ATOM   738  C  CA  . ILE A 1 98  ? 4.031   -4.804  -7.492  1.00 19.69 ? 99  ILE A CA  1 
ATOM   739  C  C   . ILE A 1 98  ? 2.942   -5.871  -7.305  1.00 19.82 ? 99  ILE A C   1 
ATOM   740  O  O   . ILE A 1 98  ? 2.473   -6.451  -8.282  1.00 20.12 ? 99  ILE A O   1 
ATOM   741  C  CB  . ILE A 1 98  ? 5.429   -5.386  -7.186  1.00 19.25 ? 99  ILE A CB  1 
ATOM   742  C  CG1 . ILE A 1 98  ? 6.513   -4.496  -7.808  1.00 19.83 ? 99  ILE A CG1 1 
ATOM   743  C  CG2 . ILE A 1 98  ? 5.560   -6.820  -7.678  1.00 20.61 ? 99  ILE A CG2 1 
ATOM   744  C  CD1 . ILE A 1 98  ? 7.903   -4.719  -7.217  1.00 18.90 ? 99  ILE A CD1 1 
ATOM   745  N  N   . CYS A 1 99  ? 2.547   -6.103  -6.052  1.00 19.51 ? 100 CYS A N   1 
ATOM   746  C  CA  . CYS A 1 99  ? 1.497   -7.065  -5.708  1.00 19.71 ? 100 CYS A CA  1 
ATOM   747  C  C   . CYS A 1 99  ? 0.157   -6.687  -6.352  1.00 19.64 ? 100 CYS A C   1 
ATOM   748  O  O   . CYS A 1 99  ? -0.529  -7.545  -6.914  1.00 19.27 ? 100 CYS A O   1 
ATOM   749  C  CB  . CYS A 1 99  ? 1.364   -7.179  -4.184  1.00 18.95 ? 100 CYS A CB  1 
ATOM   750  S  SG  . CYS A 1 99  ? 0.473   -8.620  -3.572  1.00 20.07 ? 100 CYS A SG  1 
ATOM   751  N  N   . PHE A 1 100 ? -0.192  -5.400  -6.272  1.00 19.96 ? 101 PHE A N   1 
ATOM   752  C  CA  . PHE A 1 100 ? -1.427  -4.853  -6.825  1.00 20.64 ? 101 PHE A CA  1 
ATOM   753  C  C   . PHE A 1 100 ? -1.510  -5.104  -8.338  1.00 21.69 ? 101 PHE A C   1 
ATOM   754  O  O   . PHE A 1 100 ? -2.579  -5.422  -8.863  1.00 21.67 ? 101 PHE A O   1 
ATOM   755  C  CB  . PHE A 1 100 ? -1.512  -3.339  -6.572  1.00 20.16 ? 101 PHE A CB  1 
ATOM   756  C  CG  . PHE A 1 100 ? -1.768  -2.944  -5.131  1.00 19.98 ? 101 PHE A CG  1 
ATOM   757  C  CD1 . PHE A 1 100 ? -1.686  -3.865  -4.090  1.00 19.42 ? 101 PHE A CD1 1 
ATOM   758  C  CD2 . PHE A 1 100 ? -2.046  -1.617  -4.822  1.00 20.41 ? 101 PHE A CD2 1 
ATOM   759  C  CE1 . PHE A 1 100 ? -1.896  -3.475  -2.774  1.00 20.41 ? 101 PHE A CE1 1 
ATOM   760  C  CE2 . PHE A 1 100 ? -2.270  -1.215  -3.515  1.00 21.15 ? 101 PHE A CE2 1 
ATOM   761  C  CZ  . PHE A 1 100 ? -2.190  -2.148  -2.482  1.00 21.00 ? 101 PHE A CZ  1 
ATOM   762  N  N   . ALA A 1 101 ? -0.374  -4.954  -9.025  1.00 22.57 ? 102 ALA A N   1 
ATOM   763  C  CA  . ALA A 1 101 ? -0.328  -5.062  -10.485 1.00 23.49 ? 102 ALA A CA  1 
ATOM   764  C  C   . ALA A 1 101 ? -0.656  -6.471  -10.964 1.00 24.11 ? 102 ALA A C   1 
ATOM   765  O  O   . ALA A 1 101 ? -1.252  -6.632  -12.024 1.00 24.77 ? 102 ALA A O   1 
ATOM   766  C  CB  . ALA A 1 101 ? 1.016   -4.610  -11.019 1.00 23.03 ? 102 ALA A CB  1 
ATOM   767  N  N   . GLY A 1 102 ? -0.295  -7.476  -10.170 1.00 24.68 ? 103 GLY A N   1 
ATOM   768  C  CA  . GLY A 1 102 ? -0.524  -8.867  -10.540 1.00 25.69 ? 103 GLY A CA  1 
ATOM   769  C  C   . GLY A 1 102 ? -1.789  -9.498  -9.984  1.00 26.31 ? 103 GLY A C   1 
ATOM   770  O  O   . GLY A 1 102 ? -2.089  -10.655 -10.294 1.00 26.40 ? 103 GLY A O   1 
ATOM   771  N  N   . ALA A 1 103 ? -2.524  -8.750  -9.164  1.00 26.77 ? 104 ALA A N   1 
ATOM   772  C  CA  . ALA A 1 103 ? -3.709  -9.267  -8.483  1.00 27.26 ? 104 ALA A CA  1 
ATOM   773  C  C   . ALA A 1 103 ? -5.018  -8.907  -9.199  1.00 27.57 ? 104 ALA A C   1 
ATOM   774  O  O   . ALA A 1 103 ? -5.188  -7.770  -9.651  1.00 27.34 ? 104 ALA A O   1 
ATOM   775  C  CB  . ALA A 1 103 ? -3.747  -8.780  -7.043  1.00 27.27 ? 104 ALA A CB  1 
ATOM   776  N  N   . PRO A 1 104 ? -5.948  -9.880  -9.304  1.00 27.87 ? 105 PRO A N   1 
ATOM   777  C  CA  . PRO A 1 104 ? -7.265  -9.602  -9.884  1.00 28.30 ? 105 PRO A CA  1 
ATOM   778  C  C   . PRO A 1 104 ? -8.047  -8.574  -9.055  1.00 28.44 ? 105 PRO A C   1 
ATOM   779  O  O   . PRO A 1 104 ? -7.973  -8.588  -7.825  1.00 28.01 ? 105 PRO A O   1 
ATOM   780  C  CB  . PRO A 1 104 ? -7.972  -10.968 -9.834  1.00 28.52 ? 105 PRO A CB  1 
ATOM   781  C  CG  . PRO A 1 104 ? -6.898  -11.970 -9.667  1.00 28.19 ? 105 PRO A CG  1 
ATOM   782  C  CD  . PRO A 1 104 ? -5.807  -11.293 -8.907  1.00 28.25 ? 105 PRO A CD  1 
ATOM   783  N  N   . TYR A 1 105 ? -8.779  -7.690  -9.730  1.00 28.38 ? 106 TYR A N   1 
ATOM   784  C  CA  . TYR A 1 105 ? -9.626  -6.717  -9.048  1.00 28.51 ? 106 TYR A CA  1 
ATOM   785  C  C   . TYR A 1 105 ? -11.098 -7.101  -9.181  1.00 29.25 ? 106 TYR A C   1 
ATOM   786  O  O   . TYR A 1 105 ? -11.629 -7.171  -10.296 1.00 29.86 ? 106 TYR A O   1 
ATOM   787  C  CB  . TYR A 1 105 ? -9.394  -5.306  -9.595  1.00 27.77 ? 106 TYR A CB  1 
ATOM   788  C  CG  . TYR A 1 105 ? -10.007 -4.227  -8.733  1.00 26.66 ? 106 TYR A CG  1 
ATOM   789  C  CD1 . TYR A 1 105 ? -11.376 -3.927  -8.814  1.00 25.02 ? 106 TYR A CD1 1 
ATOM   790  C  CD2 . TYR A 1 105 ? -9.224  -3.510  -7.827  1.00 26.00 ? 106 TYR A CD2 1 
ATOM   791  C  CE1 . TYR A 1 105 ? -11.942 -2.941  -8.020  1.00 24.53 ? 106 TYR A CE1 1 
ATOM   792  C  CE2 . TYR A 1 105 ? -9.777  -2.522  -7.024  1.00 24.45 ? 106 TYR A CE2 1 
ATOM   793  C  CZ  . TYR A 1 105 ? -11.137 -2.244  -7.123  1.00 25.51 ? 106 TYR A CZ  1 
ATOM   794  O  OH  . TYR A 1 105 ? -11.686 -1.271  -6.324  1.00 26.14 ? 106 TYR A OH  1 
ATOM   795  N  N   . ASN A 1 106 ? -11.746 -7.342  -8.042  1.00 29.29 ? 107 ASN A N   1 
ATOM   796  C  CA  . ASN A 1 106 ? -13.144 -7.752  -7.989  1.00 29.87 ? 107 ASN A CA  1 
ATOM   797  C  C   . ASN A 1 106 ? -14.010 -6.620  -7.448  1.00 30.07 ? 107 ASN A C   1 
ATOM   798  O  O   . ASN A 1 106 ? -13.955 -6.312  -6.254  1.00 29.88 ? 107 ASN A O   1 
ATOM   799  C  CB  . ASN A 1 106 ? -13.287 -9.018  -7.125  1.00 29.89 ? 107 ASN A CB  1 
ATOM   800  C  CG  . ASN A 1 106 ? -14.739 -9.504  -6.991  1.00 31.62 ? 107 ASN A CG  1 
ATOM   801  O  OD1 . ASN A 1 106 ? -15.683 -8.912  -7.532  1.00 32.47 ? 107 ASN A OD1 1 
ATOM   802  N  ND2 . ASN A 1 106 ? -14.916 -10.599 -6.262  1.00 34.16 ? 107 ASN A ND2 1 
ATOM   803  N  N   . ASP A 1 107 ? -14.811 -6.012  -8.329  1.00 30.65 ? 108 ASP A N   1 
ATOM   804  C  CA  . ASP A 1 107 ? -15.674 -4.874  -7.966  1.00 30.93 ? 108 ASP A CA  1 
ATOM   805  C  C   . ASP A 1 107 ? -16.557 -5.172  -6.764  1.00 30.03 ? 108 ASP A C   1 
ATOM   806  O  O   . ASP A 1 107 ? -16.919 -4.264  -6.022  1.00 30.25 ? 108 ASP A O   1 
ATOM   807  C  CB  . ASP A 1 107 ? -16.552 -4.427  -9.142  1.00 31.76 ? 108 ASP A CB  1 
ATOM   808  C  CG  . ASP A 1 107 ? -15.751 -4.101  -10.384 1.00 34.67 ? 108 ASP A CG  1 
ATOM   809  O  OD1 . ASP A 1 107 ? -14.887 -3.190  -10.341 1.00 37.71 ? 108 ASP A OD1 1 
ATOM   810  O  OD2 . ASP A 1 107 ? -15.996 -4.754  -11.418 1.00 37.59 ? 108 ASP A OD2 1 
ATOM   811  N  N   . ALA A 1 108 ? -16.897 -6.443  -6.569  1.00 29.44 ? 109 ALA A N   1 
ATOM   812  C  CA  . ALA A 1 108 ? -17.757 -6.839  -5.462  1.00 29.01 ? 109 ALA A CA  1 
ATOM   813  C  C   . ALA A 1 108 ? -17.087 -6.587  -4.103  1.00 28.67 ? 109 ALA A C   1 
ATOM   814  O  O   . ALA A 1 108 ? -17.762 -6.307  -3.118  1.00 28.42 ? 109 ALA A O   1 
ATOM   815  C  CB  . ALA A 1 108 ? -18.183 -8.299  -5.602  1.00 29.29 ? 109 ALA A CB  1 
ATOM   816  N  N   . ASN A 1 109 ? -15.757 -6.642  -4.080  1.00 28.09 ? 110 ASN A N   1 
ATOM   817  C  CA  . ASN A 1 109 ? -14.990 -6.474  -2.851  1.00 27.23 ? 110 ASN A CA  1 
ATOM   818  C  C   . ASN A 1 109 ? -14.630 -5.028  -2.505  1.00 26.68 ? 110 ASN A C   1 
ATOM   819  O  O   . ASN A 1 109 ? -14.007 -4.760  -1.473  1.00 25.83 ? 110 ASN A O   1 
ATOM   820  C  CB  . ASN A 1 109 ? -13.751 -7.362  -2.894  1.00 27.58 ? 110 ASN A CB  1 
ATOM   821  C  CG  . ASN A 1 109 ? -14.092 -8.839  -2.810  1.00 27.95 ? 110 ASN A CG  1 
ATOM   822  O  OD1 . ASN A 1 109 ? -13.384 -9.687  -3.346  1.00 28.92 ? 110 ASN A OD1 1 
ATOM   823  N  ND2 . ASN A 1 109 ? -15.186 -9.150  -2.135  1.00 29.64 ? 110 ASN A ND2 1 
ATOM   824  N  N   . TYR A 1 110 ? -15.040 -4.100  -3.364  1.00 26.17 ? 111 TYR A N   1 
ATOM   825  C  CA  . TYR A 1 110 ? -14.842 -2.679  -3.116  1.00 25.67 ? 111 TYR A CA  1 
ATOM   826  C  C   . TYR A 1 110 ? -15.856 -2.165  -2.086  1.00 25.20 ? 111 TYR A C   1 
ATOM   827  O  O   . TYR A 1 110 ? -17.043 -2.515  -2.153  1.00 25.33 ? 111 TYR A O   1 
ATOM   828  C  CB  . TYR A 1 110 ? -14.943 -1.889  -4.431  1.00 26.06 ? 111 TYR A CB  1 
ATOM   829  C  CG  . TYR A 1 110 ? -14.774 -0.398  -4.250  1.00 26.39 ? 111 TYR A CG  1 
ATOM   830  C  CD1 . TYR A 1 110 ? -13.510 0.159   -4.051  1.00 28.55 ? 111 TYR A CD1 1 
ATOM   831  C  CD2 . TYR A 1 110 ? -15.871 0.455   -4.266  1.00 27.59 ? 111 TYR A CD2 1 
ATOM   832  C  CE1 . TYR A 1 110 ? -13.348 1.524   -3.867  1.00 28.33 ? 111 TYR A CE1 1 
ATOM   833  C  CE2 . TYR A 1 110 ? -15.718 1.823   -4.090  1.00 28.10 ? 111 TYR A CE2 1 
ATOM   834  C  CZ  . TYR A 1 110 ? -14.450 2.347   -3.889  1.00 28.28 ? 111 TYR A CZ  1 
ATOM   835  O  OH  . TYR A 1 110 ? -14.274 3.699   -3.708  1.00 29.03 ? 111 TYR A OH  1 
ATOM   836  N  N   . ASN A 1 111 ? -15.382 -1.354  -1.136  1.00 23.77 ? 112 ASN A N   1 
ATOM   837  C  CA  . ASN A 1 111 ? -16.239 -0.692  -0.133  1.00 23.69 ? 112 ASN A CA  1 
ATOM   838  C  C   . ASN A 1 111 ? -17.204 -1.638  0.613   1.00 22.98 ? 112 ASN A C   1 
ATOM   839  O  O   . ASN A 1 111 ? -18.393 -1.353  0.742   1.00 22.60 ? 112 ASN A O   1 
ATOM   840  C  CB  . ASN A 1 111 ? -16.988 0.516   -0.762  1.00 23.62 ? 112 ASN A CB  1 
ATOM   841  C  CG  . ASN A 1 111 ? -17.869 1.284   0.243   1.00 24.62 ? 112 ASN A CG  1 
ATOM   842  O  OD1 . ASN A 1 111 ? -18.995 1.659   -0.076  1.00 25.51 ? 112 ASN A OD1 1 
ATOM   843  N  ND2 . ASN A 1 111 ? -17.353 1.531   1.445   1.00 25.11 ? 112 ASN A ND2 1 
ATOM   844  N  N   . ILE A 1 112 ? -16.675 -2.755  1.110   1.00 22.22 ? 113 ILE A N   1 
ATOM   845  C  CA  . ILE A 1 112 ? -17.480 -3.736  1.845   1.00 21.64 ? 113 ILE A CA  1 
ATOM   846  C  C   . ILE A 1 112 ? -17.687 -3.290  3.293   1.00 21.18 ? 113 ILE A C   1 
ATOM   847  O  O   . ILE A 1 112 ? -16.966 -2.423  3.790   1.00 19.75 ? 113 ILE A O   1 
ATOM   848  C  CB  . ILE A 1 112 ? -16.874 -5.188  1.798   1.00 21.31 ? 113 ILE A CB  1 
ATOM   849  C  CG1 . ILE A 1 112 ? -15.486 -5.244  2.445   1.00 21.31 ? 113 ILE A CG1 1 
ATOM   850  C  CG2 . ILE A 1 112 ? -16.822 -5.699  0.381   1.00 21.74 ? 113 ILE A CG2 1 
ATOM   851  C  CD1 . ILE A 1 112 ? -15.004 -6.678  2.758   1.00 21.55 ? 113 ILE A CD1 1 
ATOM   852  N  N   . ASP A 1 113 ? -18.671 -3.896  3.955   1.00 21.17 ? 114 ASP A N   1 
ATOM   853  C  CA  . ASP A 1 113 ? -19.034 -3.537  5.329   1.00 21.98 ? 114 ASP A CA  1 
ATOM   854  C  C   . ASP A 1 113 ? -18.045 -4.147  6.330   1.00 22.10 ? 114 ASP A C   1 
ATOM   855  O  O   . ASP A 1 113 ? -18.170 -5.311  6.727   1.00 22.23 ? 114 ASP A O   1 
ATOM   856  C  CB  . ASP A 1 113 ? -20.478 -3.987  5.601   1.00 22.12 ? 114 ASP A CB  1 
ATOM   857  C  CG  . ASP A 1 113 ? -21.050 -3.440  6.908   1.00 23.32 ? 114 ASP A CG  1 
ATOM   858  O  OD1 . ASP A 1 113 ? -20.295 -3.009  7.811   1.00 24.56 ? 114 ASP A OD1 1 
ATOM   859  O  OD2 . ASP A 1 113 ? -22.288 -3.462  7.029   1.00 25.11 ? 114 ASP A OD2 1 
ATOM   860  N  N   . LEU A 1 114 ? -17.070 -3.345  6.746   1.00 22.47 ? 115 LEU A N   1 
ATOM   861  C  CA  . LEU A 1 114 ? -15.964 -3.825  7.577   1.00 23.09 ? 115 LEU A CA  1 
ATOM   862  C  C   . LEU A 1 114 ? -16.411 -4.348  8.941   1.00 23.05 ? 115 LEU A C   1 
ATOM   863  O  O   . LEU A 1 114 ? -15.862 -5.334  9.443   1.00 22.49 ? 115 LEU A O   1 
ATOM   864  C  CB  . LEU A 1 114 ? -14.906 -2.727  7.781   1.00 23.44 ? 115 LEU A CB  1 
ATOM   865  C  CG  . LEU A 1 114 ? -14.364 -1.904  6.602   1.00 24.98 ? 115 LEU A CG  1 
ATOM   866  C  CD1 . LEU A 1 114 ? -13.421 -0.837  7.131   1.00 25.71 ? 115 LEU A CD1 1 
ATOM   867  C  CD2 . LEU A 1 114 ? -13.654 -2.789  5.578   1.00 24.23 ? 115 LEU A CD2 1 
ATOM   868  N  N   . LYS A 1 115 ? -17.402 -3.684  9.535   1.00 23.26 ? 116 LYS A N   1 
ATOM   869  C  CA  . LYS A 1 115 ? -17.897 -4.059  10.865  1.00 23.95 ? 116 LYS A CA  1 
ATOM   870  C  C   . LYS A 1 115 ? -18.553 -5.438  10.867  1.00 23.07 ? 116 LYS A C   1 
ATOM   871  O  O   . LYS A 1 115 ? -18.400 -6.199  11.828  1.00 23.56 ? 116 LYS A O   1 
ATOM   872  C  CB  . LYS A 1 115 ? -18.857 -3.002  11.419  1.00 23.93 ? 116 LYS A CB  1 
ATOM   873  C  CG  . LYS A 1 115 ? -18.195 -1.643  11.588  1.00 25.51 ? 116 LYS A CG  1 
ATOM   874  C  CD  . LYS A 1 115 ? -19.163 -0.559  12.036  1.00 25.69 ? 116 LYS A CD  1 
ATOM   875  C  CE  . LYS A 1 115 ? -18.484 0.803   11.936  1.00 28.86 ? 116 LYS A CE  1 
ATOM   876  N  NZ  . LYS A 1 115 ? -19.256 1.900   12.607  1.00 31.60 ? 116 LYS A NZ  1 
ATOM   877  N  N   . ALA A 1 116 ? -19.278 -5.746  9.794   1.00 22.47 ? 117 ALA A N   1 
ATOM   878  C  CA  . ALA A 1 116 ? -19.969 -7.037  9.634   1.00 22.12 ? 117 ALA A CA  1 
ATOM   879  C  C   . ALA A 1 116 ? -19.081 -8.149  9.073   1.00 21.93 ? 117 ALA A C   1 
ATOM   880  O  O   . ALA A 1 116 ? -19.281 -9.319  9.377   1.00 21.39 ? 117 ALA A O   1 
ATOM   881  C  CB  . ALA A 1 116 ? -21.161 -6.871  8.731   1.00 21.99 ? 117 ALA A CB  1 
ATOM   882  N  N   . ARG A 1 117 ? -18.125 -7.788  8.226   1.00 22.38 ? 118 ARG A N   1 
ATOM   883  C  CA  . ARG A 1 117 ? -17.428 -8.806  7.427   1.00 23.37 ? 118 ARG A CA  1 
ATOM   884  C  C   . ARG A 1 117 ? -15.950 -9.021  7.770   1.00 23.57 ? 118 ARG A C   1 
ATOM   885  O  O   . ARG A 1 117 ? -15.351 -10.012 7.337   1.00 23.55 ? 118 ARG A O   1 
ATOM   886  C  CB  . ARG A 1 117 ? -17.612 -8.513  5.931   1.00 23.08 ? 118 ARG A CB  1 
ATOM   887  C  CG  . ARG A 1 117 ? -19.063 -8.650  5.484   1.00 25.30 ? 118 ARG A CG  1 
ATOM   888  C  CD  . ARG A 1 117 ? -19.287 -8.190  4.067   1.00 27.85 ? 118 ARG A CD  1 
ATOM   889  N  NE  . ARG A 1 117 ? -18.816 -9.182  3.104   1.00 29.59 ? 118 ARG A NE  1 
ATOM   890  C  CZ  . ARG A 1 117 ? -18.878 -9.024  1.786   1.00 30.78 ? 118 ARG A CZ  1 
ATOM   891  N  NH1 . ARG A 1 117 ? -19.384 -7.909  1.281   1.00 30.14 ? 118 ARG A NH1 1 
ATOM   892  N  NH2 . ARG A 1 117 ? -18.421 -9.975  0.975   1.00 30.71 ? 118 ARG A NH2 1 
ATOM   893  N  N   . CYS A 1 118 ? -15.375 -8.119  8.558   1.00 24.09 ? 119 CYS A N   1 
ATOM   894  C  CA  . CYS A 1 118 ? -13.942 -8.178  8.853   1.00 25.22 ? 119 CYS A CA  1 
ATOM   895  C  C   . CYS A 1 118 ? -13.641 -8.462  10.327  1.00 27.02 ? 119 CYS A C   1 
ATOM   896  O  O   . CYS A 1 118 ? -12.690 -7.932  10.898  1.00 27.66 ? 119 CYS A O   1 
ATOM   897  C  CB  . CYS A 1 118 ? -13.243 -6.917  8.345   1.00 24.53 ? 119 CYS A CB  1 
ATOM   898  S  SG  . CYS A 1 118 ? -13.504 -6.659  6.562   1.00 21.04 ? 119 CYS A SG  1 
ATOM   899  N  N   . ASN A 1 119 ? -14.462 -9.318  10.928  1.00 29.21 ? 120 ASN A N   1 
ATOM   900  C  CA  . ASN A 1 119 ? -14.273 -9.757  12.309  1.00 31.11 ? 120 ASN A CA  1 
ATOM   901  C  C   . ASN A 1 119 ? -13.482 -11.052 12.382  1.00 31.71 ? 120 ASN A C   1 
ATOM   902  O  O   . ASN A 1 119 ? -12.425 -11.093 13.011  1.00 32.89 ? 120 ASN A O   1 
ATOM   903  C  CB  . ASN A 1 119 ? -15.620 -9.943  13.005  1.00 31.94 ? 120 ASN A CB  1 
ATOM   904  C  CG  . ASN A 1 119 ? -16.391 -8.652  13.136  1.00 33.70 ? 120 ASN A CG  1 
ATOM   905  O  OD1 . ASN A 1 119 ? -15.810 -7.579  13.300  1.00 36.93 ? 120 ASN A OD1 1 
ATOM   906  N  ND2 . ASN A 1 119 ? -17.718 -8.748  13.073  1.00 36.18 ? 120 ASN A ND2 1 
ATOM   907  N  N   . VAL B 2 1   ? 0.764   15.249  1.151   1.00 33.40 ? 1   VAL P N   1 
ATOM   908  C  CA  . VAL B 2 1   ? -0.097  14.208  0.510   1.00 33.45 ? 1   VAL P CA  1 
ATOM   909  C  C   . VAL B 2 1   ? -1.404  14.814  -0.027  1.00 33.59 ? 1   VAL P C   1 
ATOM   910  O  O   . VAL B 2 1   ? -1.488  15.151  -1.214  1.00 33.57 ? 1   VAL P O   1 
ATOM   911  C  CB  . VAL B 2 1   ? -0.372  13.007  1.467   1.00 33.42 ? 1   VAL P CB  1 
ATOM   912  C  CG1 . VAL B 2 1   ? -1.219  11.938  0.774   1.00 33.35 ? 1   VAL P CG1 1 
ATOM   913  C  CG2 . VAL B 2 1   ? 0.942   12.406  1.978   1.00 33.14 ? 1   VAL P CG2 1 
ATOM   914  N  N   . GLY B 2 2   ? -2.405  14.953  0.844   1.00 33.71 ? 2   GLY P N   1 
ATOM   915  C  CA  . GLY B 2 2   ? -3.708  15.513  0.468   1.00 33.87 ? 2   GLY P CA  1 
ATOM   916  C  C   . GLY B 2 2   ? -4.763  14.473  0.123   1.00 33.99 ? 2   GLY P C   1 
ATOM   917  O  O   . GLY B 2 2   ? -5.298  14.469  -0.989  1.00 33.95 ? 2   GLY P O   1 
ATOM   918  N  N   . GLY B 2 3   ? -5.062  13.595  1.081   1.00 34.14 ? 3   GLY P N   1 
ATOM   919  C  CA  . GLY B 2 3   ? -6.085  12.556  0.910   1.00 34.33 ? 3   GLY P CA  1 
ATOM   920  C  C   . GLY B 2 3   ? -6.540  11.951  2.232   1.00 34.48 ? 3   GLY P C   1 
ATOM   921  O  O   . GLY B 2 3   ? -6.332  12.543  3.300   1.00 34.53 ? 3   GLY P O   1 
ATOM   922  N  N   . VAL B 2 4   ? -7.175  10.746  2.148   1.00 34.57 ? 4   VAL P N   1 
ATOM   923  C  CA  . VAL B 2 4   ? -7.604  10.032  3.391   1.00 34.55 ? 4   VAL P CA  1 
ATOM   924  C  C   . VAL B 2 4   ? -6.619  8.897   3.702   1.00 34.58 ? 4   VAL P C   1 
ATOM   925  O  O   . VAL B 2 4   ? -5.664  9.130   4.448   1.00 34.58 ? 4   VAL P O   1 
ATOM   926  C  CB  . VAL B 2 4   ? -9.088  9.617   3.292   1.00 34.60 ? 4   VAL P CB  1 
ATOM   927  C  CG1 . VAL B 2 4   ? -9.390  8.530   4.311   1.00 34.61 ? 4   VAL P CG1 1 
ATOM   928  C  CG2 . VAL B 2 4   ? -10.005 10.807  3.508   1.00 34.54 ? 4   VAL P CG2 1 
ATOM   929  N  N   . VAL B 2 5   ? -6.834  7.692   3.157   1.00 34.54 ? 5   VAL P N   1 
ATOM   930  C  CA  . VAL B 2 5   ? -5.902  6.550   3.339   1.00 34.41 ? 5   VAL P CA  1 
ATOM   931  C  C   . VAL B 2 5   ? -5.998  5.467   2.248   1.00 34.30 ? 5   VAL P C   1 
ATOM   932  O  O   . VAL B 2 5   ? -7.088  4.967   1.947   1.00 34.25 ? 5   VAL P O   1 
ATOM   933  C  CB  . VAL B 2 5   ? -6.020  5.853   4.744   1.00 34.43 ? 5   VAL P CB  1 
ATOM   934  C  CG1 . VAL B 2 5   ? -5.085  6.508   5.771   1.00 34.34 ? 5   VAL P CG1 1 
ATOM   935  C  CG2 . VAL B 2 5   ? -7.471  5.798   5.246   1.00 34.44 ? 5   VAL P CG2 1 
ATOM   936  N  N   . ILE B 2 6   ? -4.845  5.109   1.677   1.00 34.19 ? 6   ILE P N   1 
ATOM   937  C  CA  . ILE B 2 6   ? -4.732  4.019   0.691   1.00 34.06 ? 6   ILE P CA  1 
ATOM   938  C  C   . ILE B 2 6   ? -4.074  2.788   1.322   1.00 34.02 ? 6   ILE P C   1 
ATOM   939  O  O   . ILE B 2 6   ? -4.345  1.648   0.919   1.00 33.98 ? 6   ILE P O   1 
ATOM   940  C  CB  . ILE B 2 6   ? -3.875  4.413   -0.550  1.00 34.03 ? 6   ILE P CB  1 
ATOM   941  C  CG1 . ILE B 2 6   ? -3.674  5.932   -0.635  1.00 34.11 ? 6   ILE P CG1 1 
ATOM   942  C  CG2 . ILE B 2 6   ? -4.474  3.819   -1.830  1.00 33.79 ? 6   ILE P CG2 1 
ATOM   943  C  CD1 . ILE B 2 6   ? -2.481  6.356   -1.471  1.00 34.13 ? 6   ILE P CD1 1 
ATOM   944  N  N   . ALA B 2 7   ? -3.202  3.034   2.301   1.00 33.88 ? 7   ALA P N   1 
ATOM   945  C  CA  . ALA B 2 7   ? -2.442  1.983   2.976   1.00 33.74 ? 7   ALA P CA  1 
ATOM   946  C  C   . ALA B 2 7   ? -3.211  1.381   4.152   1.00 33.68 ? 7   ALA P C   1 
ATOM   947  O  O   . ALA B 2 7   ? -3.826  0.320   4.018   1.00 33.58 ? 7   ALA P O   1 
ATOM   948  C  CB  . ALA B 2 7   ? -1.096  2.523   3.436   1.00 33.71 ? 7   ALA P CB  1 
ATOM   949  O  OXT . ALA B 2 7   ? -3.238  1.929   5.260   1.00 33.64 ? 7   ALA P OXT 1 
HETATM 950  CA CA  . CA  C 3 .   ? -5.160  -0.829  6.486   0.50 38.62 ? 121 CA  A CA  1 
HETATM 951  O  O   . HOH D 4 .   ? 8.891   11.499  8.576   1.00 24.88 ? 16  HOH A O   1 
HETATM 952  O  O   . HOH D 4 .   ? -13.756 -2.413  1.574   1.00 17.41 ? 122 HOH A O   1 
HETATM 953  O  O   . HOH D 4 .   ? 4.845   5.663   2.480   1.00 13.97 ? 123 HOH A O   1 
HETATM 954  O  O   . HOH D 4 .   ? -10.529 -1.857  3.765   1.00 21.49 ? 124 HOH A O   1 
HETATM 955  O  O   . HOH D 4 .   ? -15.734 -0.033  3.514   1.00 21.25 ? 125 HOH A O   1 
HETATM 956  O  O   . HOH D 4 .   ? 15.611  11.125  6.255   1.00 50.01 ? 126 HOH A O   1 
HETATM 957  O  O   . HOH D 4 .   ? 9.233   -2.810  -10.862 1.00 26.96 ? 127 HOH A O   1 
HETATM 958  O  O   . HOH D 4 .   ? 2.339   6.426   10.110  1.00 27.76 ? 128 HOH A O   1 
HETATM 959  O  O   . HOH D 4 .   ? 16.449  8.823   4.325   1.00 27.35 ? 129 HOH A O   1 
HETATM 960  O  O   . HOH D 4 .   ? 9.348   9.068   10.038  1.00 20.34 ? 130 HOH A O   1 
HETATM 961  O  O   . HOH D 4 .   ? 9.764   12.548  5.972   1.00 32.58 ? 131 HOH A O   1 
HETATM 962  O  O   . HOH D 4 .   ? -13.820 -12.567 -3.015  1.00 43.32 ? 132 HOH A O   1 
HETATM 963  O  O   . HOH D 4 .   ? 11.929  10.019  -4.960  1.00 26.13 ? 133 HOH A O   1 
HETATM 964  O  O   . HOH D 4 .   ? -8.030  -10.173 -5.977  1.00 32.31 ? 134 HOH A O   1 
HETATM 965  O  O   . HOH D 4 .   ? -0.934  -0.532  9.348   1.00 41.65 ? 135 HOH A O   1 
HETATM 966  O  O   . HOH D 4 .   ? 6.218   -8.273  16.475  1.00 78.86 ? 136 HOH A O   1 
HETATM 967  O  O   . HOH D 4 .   ? 7.324   5.105   14.918  1.00 34.58 ? 137 HOH A O   1 
HETATM 968  O  O   . HOH D 4 .   ? -8.725  -1.698  5.096   1.00 73.21 ? 138 HOH A O   1 
HETATM 969  O  O   . HOH D 4 .   ? 6.225   -6.509  2.317   1.00 26.49 ? 139 HOH A O   1 
HETATM 970  O  O   . HOH D 4 .   ? 14.486  -0.121  0.072   1.00 22.18 ? 140 HOH A O   1 
HETATM 971  O  O   . HOH D 4 .   ? -10.677 -4.170  8.863   1.00 28.06 ? 141 HOH A O   1 
HETATM 972  O  O   . HOH D 4 .   ? 12.414  12.403  5.371   1.00 41.53 ? 142 HOH A O   1 
HETATM 973  O  O   . HOH D 4 .   ? 14.267  -1.271  -4.993  1.00 25.51 ? 143 HOH A O   1 
HETATM 974  O  O   . HOH D 4 .   ? -4.915  7.033   -10.098 1.00 52.61 ? 144 HOH A O   1 
HETATM 975  O  O   . HOH D 4 .   ? 4.769   13.598  4.560   1.00 37.06 ? 145 HOH A O   1 
HETATM 976  O  O   . HOH D 4 .   ? 14.774  10.232  -5.885  1.00 49.95 ? 146 HOH A O   1 
HETATM 977  O  O   . HOH D 4 .   ? -5.283  -5.284  -9.239  1.00 26.41 ? 147 HOH A O   1 
HETATM 978  O  O   . HOH D 4 .   ? -15.051 4.299   -0.680  1.00 62.43 ? 148 HOH A O   1 
HETATM 979  O  O   . HOH D 4 .   ? -7.495  -2.469  12.703  1.00 45.79 ? 149 HOH A O   1 
HETATM 980  O  O   . HOH D 4 .   ? 4.243   -4.643  1.349   1.00 19.71 ? 150 HOH A O   1 
HETATM 981  O  O   . HOH D 4 .   ? 2.318   -6.301  -0.312  1.00 16.95 ? 151 HOH A O   1 
HETATM 982  O  O   . HOH D 4 .   ? 12.810  -6.652  2.256   1.00 57.35 ? 152 HOH A O   1 
HETATM 983  O  O   . HOH D 4 .   ? -3.750  5.793   -12.643 1.00 44.45 ? 153 HOH A O   1 
HETATM 984  O  O   . HOH D 4 .   ? -13.762 -14.394 8.414   1.00 73.67 ? 154 HOH A O   1 
HETATM 985  O  O   . HOH D 4 .   ? 7.148   3.785   -15.802 1.00 39.47 ? 155 HOH A O   1 
HETATM 986  O  O   . HOH D 4 .   ? 15.424  9.695   1.649   1.00 39.70 ? 156 HOH A O   1 
HETATM 987  O  O   . HOH D 4 .   ? 19.396  1.893   4.503   1.00 47.08 ? 157 HOH A O   1 
HETATM 988  O  O   . HOH D 4 .   ? 19.274  9.645   3.901   1.00 44.61 ? 158 HOH A O   1 
HETATM 989  O  O   . HOH D 4 .   ? 5.288   -7.998  -4.146  1.00 34.81 ? 159 HOH A O   1 
HETATM 990  O  O   . HOH D 4 .   ? 15.077  8.525   15.744  1.00 30.05 ? 160 HOH A O   1 
HETATM 991  O  O   . HOH D 4 .   ? 14.220  2.282   -14.874 1.00 59.88 ? 161 HOH A O   1 
HETATM 992  O  O   . HOH D 4 .   ? 13.494  2.675   -11.662 1.00 39.65 ? 162 HOH A O   1 
HETATM 993  O  O   . HOH D 4 .   ? -1.380  -4.890  10.214  1.00 24.21 ? 163 HOH A O   1 
HETATM 994  O  O   . HOH D 4 .   ? 9.177   -3.092  7.622   1.00 21.64 ? 164 HOH A O   1 
HETATM 995  O  O   . HOH D 4 .   ? 9.703   -5.436  3.219   1.00 40.72 ? 165 HOH A O   1 
HETATM 996  O  O   . HOH D 4 .   ? -16.893 -10.448 10.381  1.00 40.68 ? 166 HOH A O   1 
HETATM 997  O  O   . HOH D 4 .   ? 3.260   -2.980  -13.628 1.00 45.20 ? 167 HOH A O   1 
HETATM 998  O  O   . HOH D 4 .   ? 15.215  2.270   16.177  1.00 36.64 ? 168 HOH A O   1 
HETATM 999  O  O   . HOH D 4 .   ? 8.988   -7.501  15.362  1.00 37.04 ? 169 HOH A O   1 
HETATM 1000 O  O   . HOH D 4 .   ? 9.579   3.586   17.461  1.00 46.66 ? 170 HOH A O   1 
HETATM 1001 O  O   . HOH D 4 .   ? -18.486 -0.699  8.508   1.00 49.00 ? 171 HOH A O   1 
HETATM 1002 O  O   . HOH D 4 .   ? 7.206   8.778   15.747  1.00 39.86 ? 172 HOH A O   1 
HETATM 1003 O  O   . HOH D 4 .   ? 9.418   11.321  -4.157  1.00 61.78 ? 173 HOH A O   1 
HETATM 1004 O  O   . HOH D 4 .   ? 13.610  -2.082  -2.079  1.00 39.72 ? 174 HOH A O   1 
HETATM 1005 O  O   . HOH D 4 .   ? -13.461 -11.722 5.354   1.00 29.47 ? 175 HOH A O   1 
HETATM 1006 O  O   . HOH D 4 .   ? 16.477  1.915   -0.147  1.00 30.56 ? 176 HOH A O   1 
HETATM 1007 O  O   . HOH D 4 .   ? -12.111 -8.011  14.327  1.00 52.03 ? 177 HOH A O   1 
HETATM 1008 O  O   . HOH D 4 .   ? -14.398 4.173   3.071   1.00 67.59 ? 178 HOH A O   1 
HETATM 1009 O  O   . HOH D 4 .   ? -0.569  -2.951  -14.508 1.00 42.34 ? 179 HOH A O   1 
HETATM 1010 O  O   . HOH D 4 .   ? 12.318  12.102  -1.965  1.00 40.41 ? 180 HOH A O   1 
HETATM 1011 O  O   . HOH D 4 .   ? -3.942  -3.228  9.480   1.00 41.81 ? 181 HOH A O   1 
HETATM 1012 O  O   . HOH D 4 .   ? -18.189 -8.808  -1.442  1.00 36.97 ? 182 HOH A O   1 
HETATM 1013 O  O   . HOH D 4 .   ? -9.067  8.748   -7.515  1.00 59.91 ? 183 HOH A O   1 
HETATM 1014 O  O   . HOH D 4 .   ? 10.270  -3.308  4.705   1.00 19.56 ? 184 HOH A O   1 
HETATM 1015 O  O   . HOH D 4 .   ? 8.144   7.525   -15.251 1.00 34.68 ? 185 HOH A O   1 
HETATM 1016 O  O   . HOH D 4 .   ? 4.200   -1.584  15.493  1.00 29.10 ? 186 HOH A O   1 
HETATM 1017 O  O   . HOH D 4 .   ? 0.284   1.210   11.041  1.00 42.90 ? 187 HOH A O   1 
HETATM 1018 O  O   . HOH D 4 .   ? 5.762   13.946  -0.681  1.00 49.53 ? 188 HOH A O   1 
HETATM 1019 O  O   . HOH D 4 .   ? 16.325  12.371  -2.120  1.00 47.14 ? 189 HOH A O   1 
HETATM 1020 O  O   . HOH D 4 .   ? -13.987 -0.842  -10.722 1.00 58.04 ? 190 HOH A O   1 
HETATM 1021 O  O   . HOH D 4 .   ? -5.906  -4.212  -11.914 1.00 54.37 ? 191 HOH A O   1 
HETATM 1022 O  O   . HOH D 4 .   ? 18.150  11.547  -4.495  1.00 41.47 ? 192 HOH A O   1 
HETATM 1023 O  O   . HOH D 4 .   ? 4.023   3.783   -15.702 1.00 51.31 ? 193 HOH A O   1 
HETATM 1024 O  O   . HOH D 4 .   ? -11.347 4.917   3.011   1.00 64.83 ? 194 HOH A O   1 
HETATM 1025 O  O   . HOH D 4 .   ? -5.573  -13.902 7.873   1.00 42.21 ? 195 HOH A O   1 
HETATM 1026 O  O   . HOH D 4 .   ? -2.406  -1.602  2.344   1.00 36.46 ? 196 HOH A O   1 
HETATM 1027 O  O   . HOH D 4 .   ? -12.421 -5.430  -12.332 1.00 53.87 ? 197 HOH A O   1 
HETATM 1028 O  O   . HOH D 4 .   ? -6.685  -7.083  -12.909 1.00 53.56 ? 198 HOH A O   1 
HETATM 1029 O  O   . HOH D 4 .   ? -2.378  -1.439  -15.834 1.00 55.04 ? 199 HOH A O   1 
HETATM 1030 O  O   . HOH D 4 .   ? -18.909 -3.626  -3.667  1.00 50.84 ? 200 HOH A O   1 
HETATM 1031 O  O   . HOH D 4 .   ? 11.489  -3.111  12.266  1.00 39.81 ? 201 HOH A O   1 
HETATM 1032 O  O   . HOH D 4 .   ? 10.229  0.093   18.885  1.00 44.37 ? 202 HOH A O   1 
HETATM 1033 O  O   . HOH D 4 .   ? 9.073   6.591   17.611  1.00 34.45 ? 203 HOH A O   1 
HETATM 1034 O  O   . HOH D 4 .   ? 20.031  12.612  -2.927  1.00 54.22 ? 204 HOH A O   1 
HETATM 1035 O  O   . HOH D 4 .   ? -8.409  -13.677 -5.411  1.00 42.41 ? 205 HOH A O   1 
HETATM 1036 O  O   . HOH D 4 .   ? -14.698 -7.172  -11.035 1.00 67.26 ? 206 HOH A O   1 
HETATM 1037 O  O   . HOH D 4 .   ? 3.736   1.301   16.110  1.00 53.97 ? 207 HOH A O   1 
HETATM 1038 O  O   . HOH D 4 .   ? -7.625  -12.236 11.267  1.00 84.13 ? 208 HOH A O   1 
HETATM 1039 O  O   . HOH D 4 .   ? 0.774   3.990   10.182  1.00 35.69 ? 209 HOH A O   1 
HETATM 1040 O  O   . HOH D 4 .   ? 12.593  -6.654  -0.499  1.00 51.76 ? 210 HOH A O   1 
HETATM 1041 O  O   . HOH E 4 .   ? -0.101  16.877  -3.191  1.00 38.84 ? 36  HOH P O   1 
HETATM 1042 O  O   . HOH E 4 .   ? -1.697  0.557   6.997   1.00 50.57 ? 94  HOH P O   1 
HETATM 1043 O  O   . HOH E 4 .   ? 3.505   14.930  0.517   1.00 56.65 ? 107 HOH P O   1 
# 
